data_5CBO
#
_entry.id   5CBO
#
_cell.length_a   85.497
_cell.length_b   220.393
_cell.length_c   85.524
_cell.angle_alpha   90.00
_cell.angle_beta   59.97
_cell.angle_gamma   90.00
#
_symmetry.space_group_name_H-M   'P 1 21 1'
#
loop_
_entity.id
_entity.type
_entity.pdbx_description
1 polymer 'mbp3-16,Immunoglobulin G-binding protein A'
2 water water
#
_entity_poly.entity_id   1
_entity_poly.type   'polypeptide(L)'
_entity_poly.pdbx_seq_one_letter_code
;SDLGKKLLEAAHAGQDDEVRILMANGADVNAMDNFGVTPLHLAAYWGHFEIVEVLLKYGADVNASDATGDTPLHLAAKWG
YLGIVEVLLKYGADVNAQDKFGKTAFDISIDNGNEDLAEILCKNKAQQAAFYCILHMPNLNEAQRNGFIQSLKDDPSQST
NVLGEAKKLNESQAPK
;
_entity_poly.pdbx_strand_id   A,B,C,D,E,F,G,H,I,J,K,L
#
# COMPACT_ATOMS: atom_id res chain seq x y z
N SER A 1 38.95 22.08 22.59
CA SER A 1 38.05 23.13 23.08
C SER A 1 38.56 24.50 22.63
N ASP A 2 38.70 24.66 21.33
CA ASP A 2 39.20 25.89 20.69
C ASP A 2 39.19 25.64 19.19
N LEU A 3 39.70 24.47 18.84
CA LEU A 3 39.58 23.92 17.51
C LEU A 3 38.16 23.38 17.37
N GLY A 4 37.61 22.99 18.53
CA GLY A 4 36.27 22.45 18.64
C GLY A 4 35.22 23.47 18.28
N LYS A 5 35.39 24.71 18.75
CA LYS A 5 34.44 25.78 18.46
C LYS A 5 34.37 26.09 16.96
N LYS A 6 35.54 26.04 16.33
CA LYS A 6 35.67 26.23 14.88
C LYS A 6 35.11 25.05 14.14
N LEU A 7 35.14 23.87 14.76
CA LEU A 7 34.51 22.69 14.18
C LEU A 7 32.98 22.82 14.19
N LEU A 8 32.42 23.14 15.35
CA LEU A 8 30.99 23.38 15.44
C LEU A 8 30.56 24.40 14.38
N GLU A 9 31.32 25.49 14.29
CA GLU A 9 30.94 26.58 13.41
C GLU A 9 31.07 26.19 11.95
N ALA A 10 32.07 25.37 11.63
CA ALA A 10 32.26 24.94 10.26
C ALA A 10 31.24 23.89 9.84
N ALA A 11 30.71 23.14 10.81
CA ALA A 11 29.68 22.15 10.55
C ALA A 11 28.35 22.80 10.31
N HIS A 12 28.03 23.79 11.18
CA HIS A 12 26.86 24.64 11.04
C HIS A 12 26.86 25.36 9.69
N ALA A 13 27.96 26.02 9.36
CA ALA A 13 28.08 26.78 8.11
C ALA A 13 27.88 25.92 6.85
N GLY A 14 28.61 24.82 6.76
CA GLY A 14 28.49 23.91 5.64
C GLY A 14 29.73 23.90 4.81
N GLN A 15 30.86 24.23 5.42
CA GLN A 15 32.13 24.33 4.72
C GLN A 15 32.91 23.01 4.78
N ASP A 16 32.80 22.22 3.72
CA ASP A 16 33.37 20.88 3.63
C ASP A 16 34.87 20.83 3.95
N ASP A 17 35.67 21.27 2.98
CA ASP A 17 37.10 21.08 3.04
C ASP A 17 37.67 21.71 4.30
N GLU A 18 37.07 22.81 4.75
CA GLU A 18 37.44 23.41 6.03
C GLU A 18 37.31 22.38 7.16
N VAL A 19 36.27 21.57 7.12
CA VAL A 19 36.10 20.52 8.10
C VAL A 19 37.14 19.40 7.90
N ARG A 20 37.39 19.02 6.65
CA ARG A 20 38.34 17.95 6.43
C ARG A 20 39.71 18.37 6.94
N ILE A 21 40.02 19.65 6.77
CA ILE A 21 41.22 20.29 7.30
C ILE A 21 41.25 20.23 8.82
N LEU A 22 40.20 20.77 9.45
CA LEU A 22 40.08 20.77 10.90
C LEU A 22 40.26 19.37 11.47
N MET A 23 39.81 18.37 10.74
CA MET A 23 39.84 16.98 11.18
C MET A 23 41.23 16.45 11.06
N ALA A 24 41.82 16.58 9.87
CA ALA A 24 43.19 16.16 9.63
C ALA A 24 44.16 16.75 10.66
N ASN A 25 43.97 18.01 11.02
CA ASN A 25 44.75 18.61 12.10
C ASN A 25 44.38 18.13 13.51
N GLY A 26 43.44 17.19 13.61
CA GLY A 26 43.13 16.56 14.89
C GLY A 26 42.17 17.27 15.83
N ALA A 27 41.06 17.76 15.31
CA ALA A 27 40.03 18.40 16.12
C ALA A 27 39.08 17.37 16.70
N ASP A 28 38.59 17.63 17.91
CA ASP A 28 37.71 16.70 18.62
C ASP A 28 36.38 16.57 17.88
N VAL A 29 36.14 15.39 17.30
CA VAL A 29 34.92 15.20 16.50
C VAL A 29 33.66 15.21 17.38
N ASN A 30 33.85 15.06 18.68
CA ASN A 30 32.75 14.96 19.63
C ASN A 30 32.73 16.11 20.60
N ALA A 31 32.92 17.32 20.09
CA ALA A 31 32.84 18.54 20.91
C ALA A 31 31.40 19.05 21.02
N MET A 32 31.10 19.82 22.08
CA MET A 32 29.74 20.29 22.32
C MET A 32 29.65 21.65 23.04
N ASP A 33 28.62 22.43 22.70
CA ASP A 33 28.38 23.71 23.39
C ASP A 33 27.65 23.46 24.70
N ASN A 34 27.10 24.51 25.31
CA ASN A 34 26.48 24.33 26.61
C ASN A 34 25.12 23.63 26.49
N PHE A 35 24.76 23.25 25.28
CA PHE A 35 23.51 22.53 25.04
C PHE A 35 23.76 21.12 24.54
N GLY A 36 24.98 20.62 24.72
CA GLY A 36 25.31 19.26 24.36
C GLY A 36 25.11 18.95 22.88
N VAL A 37 25.22 19.98 22.06
CA VAL A 37 25.14 19.84 20.63
C VAL A 37 26.50 19.57 20.00
N THR A 38 26.64 18.44 19.32
CA THR A 38 27.90 18.06 18.68
C THR A 38 27.86 18.47 17.22
N PRO A 39 29.02 18.47 16.53
CA PRO A 39 29.05 18.78 15.09
C PRO A 39 28.12 17.89 14.24
N LEU A 40 27.92 16.64 14.65
CA LEU A 40 27.04 15.72 13.95
C LEU A 40 25.60 16.21 14.01
N HIS A 41 25.23 16.78 15.16
CA HIS A 41 23.93 17.42 15.31
C HIS A 41 23.73 18.56 14.33
N LEU A 42 24.66 19.51 14.30
CA LEU A 42 24.58 20.65 13.37
C LEU A 42 24.53 20.26 11.90
N ALA A 43 25.33 19.27 11.53
CA ALA A 43 25.39 18.85 10.15
C ALA A 43 24.17 18.04 9.77
N ALA A 44 23.52 17.42 10.75
CA ALA A 44 22.25 16.72 10.50
C ALA A 44 21.07 17.70 10.38
N TYR A 45 20.89 18.53 11.39
CA TYR A 45 19.95 19.61 11.36
C TYR A 45 20.00 20.45 10.09
N TRP A 46 21.19 20.87 9.67
CA TRP A 46 21.29 21.84 8.58
C TRP A 46 21.45 21.26 7.18
N GLY A 47 21.42 19.94 7.05
CA GLY A 47 21.28 19.32 5.74
C GLY A 47 22.53 19.13 4.95
N HIS A 48 23.66 18.99 5.63
CA HIS A 48 24.95 18.80 4.96
C HIS A 48 25.41 17.35 5.02
N PHE A 49 25.15 16.58 3.95
CA PHE A 49 25.35 15.12 3.95
C PHE A 49 26.80 14.70 3.87
N GLU A 50 27.57 15.45 3.09
CA GLU A 50 29.00 15.20 2.93
C GLU A 50 29.68 15.27 4.29
N ILE A 51 29.42 16.36 4.99
CA ILE A 51 30.01 16.62 6.31
C ILE A 51 29.60 15.57 7.32
N VAL A 52 28.40 15.05 7.16
CA VAL A 52 27.92 13.97 8.01
C VAL A 52 28.79 12.73 7.76
N GLU A 53 28.99 12.39 6.49
CA GLU A 53 29.82 11.26 6.15
C GLU A 53 31.23 11.40 6.73
N VAL A 54 31.83 12.57 6.59
CA VAL A 54 33.15 12.80 7.16
C VAL A 54 33.17 12.59 8.66
N LEU A 55 32.26 13.26 9.36
CA LEU A 55 32.23 13.16 10.80
C LEU A 55 32.00 11.73 11.26
N LEU A 56 31.09 11.05 10.62
CA LEU A 56 30.79 9.66 10.91
C LEU A 56 32.04 8.80 10.72
N LYS A 57 32.74 9.00 9.60
CA LYS A 57 33.95 8.24 9.25
C LYS A 57 35.04 8.47 10.26
N TYR A 58 35.09 9.67 10.81
CA TYR A 58 36.07 9.96 11.83
C TYR A 58 35.65 9.46 13.19
N GLY A 59 34.49 8.81 13.27
CA GLY A 59 34.02 8.17 14.51
C GLY A 59 33.15 8.97 15.47
N ALA A 60 32.29 9.83 14.94
CA ALA A 60 31.39 10.62 15.78
C ALA A 60 30.31 9.73 16.42
N ASP A 61 30.02 10.00 17.69
CA ASP A 61 29.01 9.24 18.41
C ASP A 61 27.68 9.49 17.74
N VAL A 62 27.15 8.43 17.14
CA VAL A 62 25.92 8.53 16.34
C VAL A 62 24.64 8.64 17.18
N ASN A 63 24.69 8.17 18.43
CA ASN A 63 23.56 8.33 19.32
C ASN A 63 23.86 9.32 20.43
N ALA A 64 24.28 10.53 20.04
CA ALA A 64 24.48 11.63 20.98
C ALA A 64 23.19 12.44 21.22
N SER A 65 22.87 12.61 22.49
CA SER A 65 21.67 13.31 22.92
C SER A 65 22.00 14.70 23.43
N ASP A 66 21.31 15.72 22.94
CA ASP A 66 21.58 17.07 23.41
C ASP A 66 20.66 17.37 24.57
N ALA A 67 20.53 18.65 24.89
CA ALA A 67 19.82 19.07 26.10
C ALA A 67 18.32 18.74 26.10
N THR A 68 17.80 18.41 24.91
CA THR A 68 16.40 18.03 24.76
C THR A 68 16.22 16.54 24.51
N GLY A 69 17.25 15.75 24.77
CA GLY A 69 17.18 14.31 24.54
C GLY A 69 17.20 13.90 23.07
N ASP A 70 17.56 14.85 22.20
CA ASP A 70 17.49 14.65 20.76
C ASP A 70 18.77 14.17 20.15
N THR A 71 18.61 13.31 19.13
CA THR A 71 19.68 12.59 18.45
C THR A 71 19.76 13.11 17.01
N PRO A 72 20.96 13.05 16.39
CA PRO A 72 21.14 13.37 14.97
C PRO A 72 20.01 12.86 14.08
N LEU A 73 19.49 11.68 14.40
CA LEU A 73 18.42 11.06 13.62
C LEU A 73 17.11 11.84 13.79
N HIS A 74 16.82 12.27 15.01
CA HIS A 74 15.65 13.09 15.27
C HIS A 74 15.70 14.33 14.40
N LEU A 75 16.84 15.01 14.44
CA LEU A 75 17.06 16.29 13.78
C LEU A 75 17.10 16.15 12.26
N ALA A 76 17.48 14.97 11.80
CA ALA A 76 17.47 14.69 10.37
C ALA A 76 16.05 14.42 9.91
N ALA A 77 15.26 13.80 10.78
CA ALA A 77 13.86 13.46 10.47
C ALA A 77 12.97 14.68 10.48
N LYS A 78 13.32 15.67 11.30
CA LYS A 78 12.58 16.93 11.39
C LYS A 78 12.49 17.70 10.08
N TRP A 79 13.38 17.45 9.13
CA TRP A 79 13.36 18.17 7.87
C TRP A 79 13.25 17.29 6.66
N GLY A 80 13.34 15.97 6.87
CA GLY A 80 13.09 15.02 5.81
C GLY A 80 14.29 14.68 4.95
N TYR A 81 15.48 14.70 5.53
CA TYR A 81 16.70 14.39 4.80
C TYR A 81 16.88 12.90 4.68
N LEU A 82 16.30 12.30 3.65
CA LEU A 82 16.29 10.86 3.45
C LEU A 82 17.72 10.33 3.36
N GLY A 83 18.54 11.01 2.57
CA GLY A 83 19.91 10.64 2.31
C GLY A 83 20.73 10.50 3.58
N ILE A 84 20.66 11.51 4.43
CA ILE A 84 21.34 11.50 5.72
C ILE A 84 20.83 10.39 6.64
N VAL A 85 19.52 10.32 6.75
CA VAL A 85 18.87 9.30 7.58
C VAL A 85 19.46 7.91 7.28
N GLU A 86 19.54 7.57 5.99
CA GLU A 86 19.94 6.22 5.63
C GLU A 86 21.34 5.84 6.17
N VAL A 87 22.29 6.76 6.09
CA VAL A 87 23.66 6.46 6.48
C VAL A 87 23.78 6.51 8.01
N LEU A 88 23.00 7.39 8.61
CA LEU A 88 22.86 7.45 10.04
C LEU A 88 22.38 6.10 10.57
N LEU A 89 21.47 5.47 9.83
CA LEU A 89 20.96 4.15 10.16
C LEU A 89 21.97 3.04 9.91
N LYS A 90 22.81 3.22 8.88
CA LYS A 90 23.92 2.30 8.62
C LYS A 90 24.98 2.30 9.72
N TYR A 91 25.22 3.44 10.34
CA TYR A 91 26.18 3.48 11.44
C TYR A 91 25.54 3.16 12.77
N GLY A 92 24.30 2.67 12.74
CA GLY A 92 23.72 2.05 13.90
C GLY A 92 22.95 2.94 14.86
N ALA A 93 22.23 3.93 14.33
CA ALA A 93 21.37 4.80 15.13
C ALA A 93 20.15 4.04 15.62
N ASP A 94 19.73 4.33 16.85
CA ASP A 94 18.59 3.65 17.47
C ASP A 94 17.30 4.32 17.05
N VAL A 95 16.57 3.66 16.16
CA VAL A 95 15.36 4.23 15.57
C VAL A 95 14.23 4.51 16.59
N ASN A 96 14.26 3.83 17.75
CA ASN A 96 13.20 3.91 18.75
C ASN A 96 13.51 4.80 19.95
N ALA A 97 14.58 5.57 19.88
CA ALA A 97 15.00 6.42 20.98
C ALA A 97 14.06 7.61 21.17
N GLN A 98 13.68 7.89 22.41
CA GLN A 98 12.74 8.97 22.72
C GLN A 98 13.43 10.18 23.29
N ASP A 99 12.78 11.35 23.16
CA ASP A 99 13.32 12.59 23.69
C ASP A 99 12.32 13.24 24.66
N LYS A 100 12.62 14.46 25.10
CA LYS A 100 11.88 15.10 26.19
C LYS A 100 10.43 15.38 25.80
N PHE A 101 10.15 15.36 24.50
CA PHE A 101 8.78 15.48 24.00
C PHE A 101 8.15 14.12 23.73
N GLY A 102 8.84 13.05 24.11
CA GLY A 102 8.35 11.71 23.88
C GLY A 102 8.21 11.43 22.41
N LYS A 103 9.14 11.93 21.61
CA LYS A 103 9.09 11.79 20.15
C LYS A 103 10.05 10.74 19.62
N THR A 104 9.61 9.95 18.66
CA THR A 104 10.46 9.03 17.95
C THR A 104 10.58 9.58 16.54
N ALA A 105 11.73 9.36 15.89
CA ALA A 105 11.92 9.70 14.50
C ALA A 105 10.73 9.30 13.64
N PHE A 106 10.13 8.17 13.96
CA PHE A 106 8.91 7.72 13.33
C PHE A 106 7.76 8.69 13.58
N ASP A 107 7.51 8.99 14.87
CA ASP A 107 6.42 9.89 15.25
C ASP A 107 6.54 11.21 14.52
N ILE A 108 7.76 11.75 14.51
CA ILE A 108 8.08 12.91 13.70
C ILE A 108 7.72 12.75 12.23
N SER A 109 8.10 11.63 11.63
CA SER A 109 7.75 11.39 10.23
C SER A 109 6.24 11.45 10.05
N ILE A 110 5.50 10.96 11.03
CA ILE A 110 4.04 11.03 11.00
C ILE A 110 3.52 12.47 11.13
N ASP A 111 4.20 13.27 11.95
CA ASP A 111 3.92 14.69 12.04
C ASP A 111 4.00 15.40 10.69
N ASN A 112 5.06 15.11 9.92
CA ASN A 112 5.32 15.83 8.68
C ASN A 112 4.62 15.21 7.48
N GLY A 113 3.87 14.13 7.71
CA GLY A 113 3.21 13.42 6.62
C GLY A 113 4.17 12.88 5.56
N ASN A 114 5.34 12.42 6.00
CA ASN A 114 6.37 11.91 5.08
C ASN A 114 6.34 10.40 4.97
N GLU A 115 5.87 9.87 3.84
CA GLU A 115 5.61 8.44 3.76
C GLU A 115 6.84 7.62 3.37
N ASP A 116 7.72 8.25 2.60
CA ASP A 116 8.96 7.61 2.16
C ASP A 116 9.91 7.41 3.34
N LEU A 117 10.13 8.50 4.08
CA LEU A 117 10.88 8.46 5.32
C LEU A 117 10.29 7.43 6.28
N ALA A 118 8.98 7.47 6.41
CA ALA A 118 8.25 6.57 7.29
C ALA A 118 8.49 5.11 6.92
N GLU A 119 8.55 4.80 5.64
CA GLU A 119 8.77 3.42 5.25
C GLU A 119 10.23 3.00 5.41
N ILE A 120 11.16 3.94 5.25
CA ILE A 120 12.56 3.65 5.59
C ILE A 120 12.71 3.27 7.06
N LEU A 121 12.25 4.18 7.91
CA LEU A 121 12.23 3.98 9.35
C LEU A 121 11.57 2.66 9.74
N CYS A 122 10.38 2.45 9.20
CA CYS A 122 9.60 1.29 9.54
C CYS A 122 10.32 0.02 9.17
N LYS A 123 10.85 -0.03 7.96
CA LYS A 123 11.52 -1.25 7.54
C LYS A 123 12.76 -1.47 8.37
N ASN A 124 13.28 -0.41 8.98
CA ASN A 124 14.45 -0.59 9.86
C ASN A 124 14.09 -1.24 11.17
N LYS A 125 12.84 -1.07 11.57
CA LYS A 125 12.43 -1.53 12.89
C LYS A 125 12.25 -3.03 12.97
N ALA A 126 11.78 -3.62 11.88
CA ALA A 126 11.52 -5.05 11.80
C ALA A 126 12.77 -5.88 12.09
N GLN A 127 13.92 -5.32 11.76
CA GLN A 127 15.21 -5.99 11.88
C GLN A 127 15.72 -6.07 13.32
N GLN A 128 15.57 -4.97 14.04
CA GLN A 128 15.87 -4.96 15.44
C GLN A 128 14.89 -5.86 16.15
N ALA A 129 13.64 -5.82 15.68
CA ALA A 129 12.62 -6.73 16.19
C ALA A 129 13.04 -8.21 16.02
N ALA A 130 13.59 -8.55 14.86
CA ALA A 130 14.05 -9.90 14.60
C ALA A 130 15.14 -10.29 15.57
N PHE A 131 16.10 -9.39 15.75
CA PHE A 131 17.15 -9.56 16.76
C PHE A 131 16.53 -9.95 18.11
N TYR A 132 15.80 -9.02 18.70
CA TYR A 132 15.18 -9.20 20.02
C TYR A 132 14.32 -10.47 20.09
N CYS A 133 13.71 -10.83 18.96
CA CYS A 133 12.89 -12.04 18.84
C CYS A 133 13.71 -13.32 18.88
N ILE A 134 14.87 -13.27 18.25
CA ILE A 134 15.81 -14.38 18.27
C ILE A 134 16.33 -14.55 19.68
N LEU A 135 16.54 -13.43 20.36
CA LEU A 135 17.11 -13.47 21.70
C LEU A 135 16.21 -14.19 22.69
N HIS A 136 14.93 -14.27 22.37
CA HIS A 136 14.01 -14.90 23.31
C HIS A 136 13.59 -16.31 22.88
N MET A 137 14.51 -17.02 22.21
CA MET A 137 14.39 -18.46 22.00
C MET A 137 14.92 -19.20 23.20
N PRO A 138 14.05 -19.88 23.94
CA PRO A 138 14.50 -20.51 25.17
C PRO A 138 15.27 -21.82 24.92
N ASN A 139 15.13 -22.38 23.73
CA ASN A 139 15.75 -23.68 23.42
C ASN A 139 16.88 -23.55 22.40
N LEU A 140 17.79 -22.64 22.68
CA LEU A 140 19.02 -22.50 21.93
C LEU A 140 20.17 -22.33 22.90
N ASN A 141 21.41 -22.51 22.43
CA ASN A 141 22.58 -22.23 23.26
C ASN A 141 23.28 -21.00 22.74
N GLU A 142 24.27 -20.53 23.49
CA GLU A 142 24.94 -19.28 23.13
C GLU A 142 25.61 -19.31 21.77
N ALA A 143 26.04 -20.50 21.34
CA ALA A 143 26.70 -20.64 20.07
C ALA A 143 25.72 -20.41 18.95
N GLN A 144 24.54 -21.02 19.08
CA GLN A 144 23.50 -20.90 18.06
C GLN A 144 23.02 -19.46 17.99
N ARG A 145 22.68 -18.91 19.14
CA ARG A 145 22.27 -17.52 19.25
C ARG A 145 23.27 -16.58 18.60
N ASN A 146 24.52 -16.63 19.02
CA ASN A 146 25.55 -15.75 18.45
C ASN A 146 25.71 -15.95 16.94
N GLY A 147 25.62 -17.19 16.49
CA GLY A 147 25.74 -17.49 15.08
C GLY A 147 24.66 -16.78 14.29
N PHE A 148 23.42 -16.91 14.76
CA PHE A 148 22.28 -16.23 14.17
C PHE A 148 22.40 -14.69 14.20
N ILE A 149 22.88 -14.15 15.32
CA ILE A 149 23.14 -12.72 15.46
C ILE A 149 24.16 -12.21 14.44
N GLN A 150 25.35 -12.82 14.41
CA GLN A 150 26.41 -12.44 13.46
C GLN A 150 25.94 -12.56 12.02
N SER A 151 25.21 -13.63 11.72
CA SER A 151 24.59 -13.77 10.40
C SER A 151 23.63 -12.64 10.08
N LEU A 152 22.91 -12.17 11.09
CA LEU A 152 21.97 -11.07 10.93
C LEU A 152 22.69 -9.76 10.60
N LYS A 153 23.71 -9.45 11.40
CA LYS A 153 24.49 -8.23 11.22
C LYS A 153 25.31 -8.24 9.95
N ASP A 154 25.59 -9.42 9.40
CA ASP A 154 26.28 -9.49 8.12
C ASP A 154 25.35 -9.13 6.96
N ASP A 155 24.05 -9.29 7.16
CA ASP A 155 23.04 -9.07 6.11
C ASP A 155 21.66 -8.91 6.71
N PRO A 156 21.33 -7.68 7.10
CA PRO A 156 20.09 -7.33 7.82
C PRO A 156 18.82 -7.67 7.06
N SER A 157 18.89 -7.56 5.73
CA SER A 157 17.76 -7.80 4.84
C SER A 157 17.32 -9.27 4.79
N GLN A 158 17.98 -10.13 5.56
CA GLN A 158 17.65 -11.55 5.62
C GLN A 158 16.95 -11.86 6.94
N SER A 159 16.90 -10.87 7.83
CA SER A 159 16.34 -10.98 9.17
C SER A 159 15.24 -12.02 9.34
N THR A 160 14.15 -11.83 8.61
CA THR A 160 12.98 -12.70 8.67
C THR A 160 13.28 -14.19 8.48
N ASN A 161 13.97 -14.54 7.39
CA ASN A 161 14.39 -15.92 7.12
C ASN A 161 15.19 -16.46 8.31
N VAL A 162 16.12 -15.65 8.77
CA VAL A 162 16.96 -16.06 9.87
C VAL A 162 16.06 -16.44 11.02
N LEU A 163 15.08 -15.57 11.31
CA LEU A 163 14.16 -15.81 12.43
C LEU A 163 13.43 -17.11 12.22
N GLY A 164 12.96 -17.33 11.00
CA GLY A 164 12.29 -18.56 10.63
C GLY A 164 13.16 -19.73 11.06
N GLU A 165 14.40 -19.71 10.61
CA GLU A 165 15.29 -20.84 10.88
C GLU A 165 15.33 -21.10 12.36
N ALA A 166 15.52 -20.02 13.13
CA ALA A 166 15.62 -20.10 14.58
C ALA A 166 14.44 -20.88 15.14
N LYS A 167 13.22 -20.48 14.76
CA LYS A 167 12.00 -21.12 15.29
C LYS A 167 11.97 -22.59 14.95
N LYS A 168 12.30 -22.91 13.70
CA LYS A 168 12.37 -24.30 13.27
C LYS A 168 13.24 -25.09 14.22
N LEU A 169 14.43 -24.55 14.50
CA LEU A 169 15.40 -25.24 15.32
C LEU A 169 14.93 -25.27 16.76
N ASN A 170 14.25 -24.21 17.16
CA ASN A 170 13.83 -24.04 18.54
C ASN A 170 12.86 -25.15 18.92
N GLU A 171 11.85 -25.33 18.09
CA GLU A 171 10.86 -26.35 18.31
C GLU A 171 11.43 -27.71 17.97
N SER A 172 12.62 -27.73 17.39
CA SER A 172 13.30 -28.99 17.13
C SER A 172 14.05 -29.46 18.38
N GLN A 173 14.50 -28.50 19.18
CA GLN A 173 15.32 -28.78 20.34
C GLN A 173 14.53 -28.66 21.64
N ALA A 174 13.22 -28.83 21.54
CA ALA A 174 12.33 -28.71 22.70
C ALA A 174 12.71 -29.77 23.73
N PRO A 175 12.70 -29.41 25.03
CA PRO A 175 13.37 -30.18 26.07
C PRO A 175 12.78 -31.57 26.29
N LYS A 176 13.38 -32.32 27.23
CA LYS A 176 12.96 -33.68 27.54
C LYS A 176 12.76 -34.49 26.26
N SER B 1 22.24 -40.87 -18.87
CA SER B 1 20.97 -41.24 -19.49
C SER B 1 20.57 -42.64 -19.04
N ASP B 2 20.44 -42.80 -17.73
CA ASP B 2 20.11 -44.07 -17.08
C ASP B 2 20.09 -43.80 -15.59
N LEU B 3 21.14 -43.10 -15.15
CA LEU B 3 21.21 -42.53 -13.83
C LEU B 3 20.34 -41.28 -13.84
N GLY B 4 20.21 -40.69 -15.03
CA GLY B 4 19.41 -39.50 -15.27
C GLY B 4 17.92 -39.72 -15.08
N LYS B 5 17.43 -40.86 -15.53
CA LYS B 5 16.02 -41.23 -15.38
C LYS B 5 15.63 -41.37 -13.91
N LYS B 6 16.56 -41.97 -13.16
CA LYS B 6 16.39 -42.15 -11.72
C LYS B 6 16.50 -40.81 -11.01
N LEU B 7 17.27 -39.89 -11.59
CA LEU B 7 17.36 -38.54 -11.05
C LEU B 7 16.05 -37.77 -11.22
N LEU B 8 15.51 -37.78 -12.43
CA LEU B 8 14.22 -37.18 -12.69
C LEU B 8 13.18 -37.75 -11.73
N GLU B 9 13.18 -39.08 -11.59
CA GLU B 9 12.16 -39.73 -10.77
C GLU B 9 12.32 -39.40 -9.29
N ALA B 10 13.56 -39.28 -8.85
CA ALA B 10 13.84 -38.98 -7.46
C ALA B 10 13.51 -37.54 -7.12
N ALA B 11 13.63 -36.66 -8.11
CA ALA B 11 13.30 -35.25 -7.93
C ALA B 11 11.79 -35.03 -7.88
N HIS B 12 11.09 -35.67 -8.82
CA HIS B 12 9.63 -35.74 -8.81
C HIS B 12 9.09 -36.28 -7.49
N ALA B 13 9.58 -37.44 -7.05
CA ALA B 13 9.11 -38.09 -5.81
C ALA B 13 9.32 -37.25 -4.56
N GLY B 14 10.50 -36.72 -4.38
CA GLY B 14 10.78 -35.87 -3.22
C GLY B 14 11.75 -36.51 -2.24
N GLN B 15 12.56 -37.44 -2.74
CA GLN B 15 13.48 -38.22 -1.91
C GLN B 15 14.85 -37.57 -1.86
N ASP B 16 15.10 -36.80 -0.80
CA ASP B 16 16.31 -36.03 -0.62
C ASP B 16 17.60 -36.83 -0.76
N ASP B 17 17.89 -37.64 0.26
CA ASP B 17 19.19 -38.28 0.37
C ASP B 17 19.44 -39.16 -0.82
N GLU B 18 18.40 -39.77 -1.36
CA GLU B 18 18.50 -40.49 -2.63
C GLU B 18 19.08 -39.61 -3.75
N VAL B 19 18.69 -38.33 -3.77
CA VAL B 19 19.24 -37.41 -4.74
C VAL B 19 20.67 -37.06 -4.39
N ARG B 20 20.96 -36.84 -3.12
CA ARG B 20 22.33 -36.49 -2.75
C ARG B 20 23.28 -37.62 -3.13
N ILE B 21 22.78 -38.84 -3.00
CA ILE B 21 23.46 -40.06 -3.41
C ILE B 21 23.69 -40.07 -4.90
N LEU B 22 22.60 -39.95 -5.67
CA LEU B 22 22.65 -39.95 -7.12
C LEU B 22 23.65 -38.91 -7.64
N MET B 23 23.75 -37.81 -6.92
CA MET B 23 24.62 -36.71 -7.31
C MET B 23 26.05 -37.04 -7.03
N ALA B 24 26.33 -37.42 -5.78
CA ALA B 24 27.66 -37.82 -5.38
C ALA B 24 28.24 -38.88 -6.32
N ASN B 25 27.40 -39.83 -6.75
CA ASN B 25 27.81 -40.81 -7.75
C ASN B 25 27.93 -40.24 -9.18
N GLY B 26 27.73 -38.94 -9.35
CA GLY B 26 27.96 -38.31 -10.63
C GLY B 26 26.87 -38.43 -11.68
N ALA B 27 25.62 -38.18 -11.30
CA ALA B 27 24.52 -38.17 -12.25
C ALA B 27 24.39 -36.79 -12.90
N ASP B 28 24.02 -36.78 -14.17
CA ASP B 28 23.84 -35.54 -14.94
C ASP B 28 22.74 -34.64 -14.33
N VAL B 29 23.12 -33.50 -13.78
CA VAL B 29 22.16 -32.63 -13.10
C VAL B 29 21.22 -31.98 -14.12
N ASN B 30 21.60 -32.02 -15.38
CA ASN B 30 20.83 -31.37 -16.43
C ASN B 30 20.23 -32.35 -17.43
N ALA B 31 19.61 -33.41 -16.94
CA ALA B 31 19.02 -34.40 -17.82
C ALA B 31 17.56 -34.03 -18.11
N MET B 32 16.99 -34.57 -19.19
CA MET B 32 15.63 -34.21 -19.58
C MET B 32 14.89 -35.29 -20.34
N ASP B 33 13.57 -35.36 -20.17
CA ASP B 33 12.73 -36.31 -20.88
C ASP B 33 12.42 -35.78 -22.27
N ASN B 34 11.44 -36.36 -22.95
CA ASN B 34 11.14 -35.92 -24.32
C ASN B 34 10.39 -34.58 -24.32
N PHE B 35 10.18 -34.01 -23.14
CA PHE B 35 9.54 -32.70 -23.02
C PHE B 35 10.49 -31.64 -22.46
N GLY B 36 11.79 -31.92 -22.48
CA GLY B 36 12.80 -30.96 -22.09
C GLY B 36 12.70 -30.55 -20.63
N VAL B 37 12.10 -31.42 -19.83
CA VAL B 37 11.96 -31.24 -18.40
C VAL B 37 13.17 -31.74 -17.60
N THR B 38 13.85 -30.84 -16.88
CA THR B 38 15.01 -31.21 -16.09
C THR B 38 14.59 -31.46 -14.64
N PRO B 39 15.46 -32.08 -13.83
CA PRO B 39 15.15 -32.30 -12.42
C PRO B 39 14.81 -31.02 -11.66
N LEU B 40 15.43 -29.91 -12.02
CA LEU B 40 15.10 -28.61 -11.40
C LEU B 40 13.63 -28.20 -11.64
N HIS B 41 13.13 -28.48 -12.85
CA HIS B 41 11.72 -28.30 -13.15
C HIS B 41 10.82 -29.12 -12.21
N LEU B 42 11.09 -30.42 -12.08
CA LEU B 42 10.28 -31.30 -11.23
C LEU B 42 10.30 -30.89 -9.77
N ALA B 43 11.47 -30.53 -9.32
CA ALA B 43 11.64 -30.12 -7.93
C ALA B 43 11.04 -28.75 -7.63
N ALA B 44 10.92 -27.91 -8.67
CA ALA B 44 10.24 -26.61 -8.52
C ALA B 44 8.71 -26.79 -8.53
N TYR B 45 8.21 -27.43 -9.58
CA TYR B 45 6.81 -27.78 -9.71
C TYR B 45 6.23 -28.45 -8.47
N TRP B 46 6.97 -29.41 -7.90
CA TRP B 46 6.39 -30.26 -6.86
C TRP B 46 6.70 -29.84 -5.44
N GLY B 47 7.36 -28.71 -5.27
CA GLY B 47 7.47 -28.08 -3.97
C GLY B 47 8.54 -28.62 -3.04
N HIS B 48 9.61 -29.16 -3.60
CA HIS B 48 10.70 -29.68 -2.78
C HIS B 48 11.88 -28.70 -2.76
N PHE B 49 11.98 -27.88 -1.71
CA PHE B 49 12.98 -26.80 -1.64
C PHE B 49 14.42 -27.26 -1.40
N GLU B 50 14.56 -28.28 -0.56
CA GLU B 50 15.85 -28.86 -0.24
C GLU B 50 16.52 -29.38 -1.48
N ILE B 51 15.77 -30.15 -2.27
CA ILE B 51 16.23 -30.74 -3.51
C ILE B 51 16.57 -29.67 -4.54
N VAL B 52 15.86 -28.55 -4.47
CA VAL B 52 16.18 -27.42 -5.34
C VAL B 52 17.54 -26.87 -4.99
N GLU B 53 17.78 -26.67 -3.69
CA GLU B 53 19.06 -26.16 -3.24
C GLU B 53 20.19 -27.08 -3.67
N VAL B 54 20.00 -28.38 -3.48
CA VAL B 54 21.01 -29.34 -3.92
C VAL B 54 21.31 -29.24 -5.42
N LEU B 55 20.26 -29.29 -6.25
CA LEU B 55 20.44 -29.24 -7.68
C LEU B 55 21.10 -27.96 -8.14
N LEU B 56 20.67 -26.86 -7.56
CA LEU B 56 21.25 -25.55 -7.84
C LEU B 56 22.74 -25.53 -7.49
N LYS B 57 23.08 -26.04 -6.29
CA LYS B 57 24.46 -26.08 -5.79
C LYS B 57 25.31 -26.93 -6.70
N TYR B 58 24.72 -27.95 -7.30
CA TYR B 58 25.47 -28.81 -8.19
C TYR B 58 25.55 -28.22 -9.59
N GLY B 59 24.97 -27.04 -9.78
CA GLY B 59 25.12 -26.29 -11.01
C GLY B 59 24.06 -26.50 -12.07
N ALA B 60 22.82 -26.72 -11.67
CA ALA B 60 21.70 -26.90 -12.60
C ALA B 60 21.36 -25.61 -13.35
N ASP B 61 21.15 -25.68 -14.66
CA ASP B 61 20.77 -24.51 -15.45
C ASP B 61 19.44 -23.95 -14.96
N VAL B 62 19.51 -22.75 -14.41
CA VAL B 62 18.40 -22.12 -13.70
C VAL B 62 17.40 -21.51 -14.68
N ASN B 63 17.84 -21.21 -15.90
CA ASN B 63 16.92 -20.73 -16.92
C ASN B 63 16.71 -21.76 -18.02
N ALA B 64 16.31 -22.97 -17.63
CA ALA B 64 16.01 -24.05 -18.57
C ALA B 64 14.54 -24.01 -18.98
N SER B 65 14.32 -24.03 -20.29
CA SER B 65 12.97 -23.93 -20.86
C SER B 65 12.51 -25.27 -21.39
N ASP B 66 11.32 -25.72 -20.96
CA ASP B 66 10.84 -27.00 -21.44
C ASP B 66 10.05 -26.79 -22.71
N ALA B 67 9.24 -27.78 -23.07
CA ALA B 67 8.58 -27.79 -24.36
C ALA B 67 7.56 -26.67 -24.52
N THR B 68 7.17 -26.07 -23.39
CA THR B 68 6.22 -24.96 -23.39
C THR B 68 6.86 -23.59 -23.12
N GLY B 69 8.18 -23.52 -23.23
CA GLY B 69 8.91 -22.28 -22.96
C GLY B 69 9.01 -21.92 -21.48
N ASP B 70 8.67 -22.88 -20.62
CA ASP B 70 8.57 -22.62 -19.19
C ASP B 70 9.84 -22.93 -18.42
N THR B 71 10.07 -22.11 -17.40
CA THR B 71 11.27 -22.08 -16.60
C THR B 71 10.91 -22.48 -15.18
N PRO B 72 11.84 -23.09 -14.43
CA PRO B 72 11.68 -23.38 -13.01
C PRO B 72 10.94 -22.29 -12.23
N LEU B 73 11.16 -21.04 -12.59
CA LEU B 73 10.56 -19.89 -11.92
C LEU B 73 9.06 -19.82 -12.24
N HIS B 74 8.70 -20.07 -13.49
CA HIS B 74 7.30 -20.11 -13.90
C HIS B 74 6.56 -21.15 -13.08
N LEU B 75 7.14 -22.34 -13.02
CA LEU B 75 6.55 -23.49 -12.36
C LEU B 75 6.51 -23.35 -10.85
N ALA B 76 7.44 -22.57 -10.29
CA ALA B 76 7.43 -22.27 -8.87
C ALA B 76 6.33 -21.25 -8.56
N ALA B 77 6.13 -20.31 -9.49
CA ALA B 77 5.15 -19.24 -9.34
C ALA B 77 3.72 -19.74 -9.50
N LYS B 78 3.53 -20.78 -10.29
CA LYS B 78 2.22 -21.40 -10.50
C LYS B 78 1.57 -21.96 -9.22
N TRP B 79 2.36 -22.22 -8.17
CA TRP B 79 1.81 -22.78 -6.93
C TRP B 79 2.07 -21.91 -5.71
N GLY B 80 2.93 -20.91 -5.86
CA GLY B 80 3.14 -19.95 -4.78
C GLY B 80 4.23 -20.31 -3.82
N TYR B 81 5.28 -20.97 -4.31
CA TYR B 81 6.37 -21.36 -3.44
C TYR B 81 7.31 -20.20 -3.29
N LEU B 82 7.04 -19.36 -2.31
CA LEU B 82 7.85 -18.16 -2.03
C LEU B 82 9.31 -18.51 -1.78
N GLY B 83 9.52 -19.47 -0.88
CA GLY B 83 10.84 -19.93 -0.50
C GLY B 83 11.72 -20.34 -1.67
N ILE B 84 11.18 -21.17 -2.55
CA ILE B 84 11.90 -21.60 -3.74
C ILE B 84 12.19 -20.44 -4.68
N VAL B 85 11.18 -19.64 -4.93
CA VAL B 85 11.29 -18.47 -5.80
C VAL B 85 12.48 -17.62 -5.40
N GLU B 86 12.62 -17.35 -4.12
CA GLU B 86 13.70 -16.45 -3.66
C GLU B 86 15.11 -16.93 -4.02
N VAL B 87 15.35 -18.22 -3.90
CA VAL B 87 16.69 -18.76 -4.12
C VAL B 87 16.90 -18.97 -5.60
N LEU B 88 15.82 -19.25 -6.32
CA LEU B 88 15.84 -19.26 -7.75
C LEU B 88 16.25 -17.88 -8.28
N LEU B 89 15.81 -16.84 -7.60
CA LEU B 89 16.16 -15.47 -7.98
C LEU B 89 17.58 -15.15 -7.60
N LYS B 90 18.04 -15.72 -6.49
CA LYS B 90 19.45 -15.57 -6.08
C LYS B 90 20.46 -16.20 -7.05
N TYR B 91 20.07 -17.29 -7.71
CA TYR B 91 20.95 -17.90 -8.68
C TYR B 91 20.76 -17.32 -10.07
N GLY B 92 20.03 -16.21 -10.15
CA GLY B 92 20.01 -15.41 -11.36
C GLY B 92 18.95 -15.75 -12.41
N ALA B 93 17.77 -16.14 -11.97
CA ALA B 93 16.67 -16.41 -12.88
C ALA B 93 16.16 -15.11 -13.50
N ASP B 94 15.78 -15.17 -14.78
CA ASP B 94 15.24 -14.00 -15.51
C ASP B 94 13.76 -13.79 -15.25
N VAL B 95 13.44 -12.82 -14.41
CA VAL B 95 12.08 -12.58 -13.98
C VAL B 95 11.11 -12.22 -15.13
N ASN B 96 11.65 -11.75 -16.25
CA ASN B 96 10.82 -11.26 -17.36
C ASN B 96 10.71 -12.21 -18.52
N ALA B 97 11.17 -13.44 -18.35
CA ALA B 97 11.11 -14.43 -19.43
C ALA B 97 9.68 -14.88 -19.75
N GLN B 98 9.34 -14.96 -21.03
CA GLN B 98 8.00 -15.36 -21.47
C GLN B 98 7.96 -16.76 -21.98
N ASP B 99 6.78 -17.37 -21.95
CA ASP B 99 6.60 -18.70 -22.49
C ASP B 99 5.53 -18.73 -23.59
N LYS B 100 5.16 -19.92 -24.04
CA LYS B 100 4.27 -20.08 -25.20
C LYS B 100 2.86 -19.49 -24.95
N PHE B 101 2.53 -19.25 -23.69
CA PHE B 101 1.28 -18.58 -23.37
C PHE B 101 1.49 -17.09 -23.13
N GLY B 102 2.70 -16.63 -23.40
CA GLY B 102 3.02 -15.24 -23.18
C GLY B 102 2.89 -14.85 -21.72
N LYS B 103 3.30 -15.75 -20.84
CA LYS B 103 3.18 -15.54 -19.40
C LYS B 103 4.51 -15.21 -18.76
N THR B 104 4.49 -14.25 -17.85
CA THR B 104 5.64 -13.94 -17.01
C THR B 104 5.27 -14.40 -15.62
N ALA B 105 6.26 -14.82 -14.85
CA ALA B 105 6.09 -15.15 -13.44
C ALA B 105 5.21 -14.14 -12.71
N PHE B 106 5.43 -12.88 -13.04
CA PHE B 106 4.58 -11.80 -12.56
C PHE B 106 3.11 -11.95 -12.96
N ASP B 107 2.88 -12.13 -14.26
CA ASP B 107 1.53 -12.30 -14.79
C ASP B 107 0.86 -13.44 -14.05
N ILE B 108 1.54 -14.55 -13.95
CA ILE B 108 1.06 -15.68 -13.16
C ILE B 108 0.68 -15.29 -11.72
N SER B 109 1.56 -14.54 -11.06
CA SER B 109 1.28 -14.11 -9.70
C SER B 109 -0.01 -13.31 -9.66
N ILE B 110 -0.27 -12.52 -10.69
CA ILE B 110 -1.52 -11.75 -10.84
C ILE B 110 -2.74 -12.66 -11.07
N ASP B 111 -2.54 -13.74 -11.81
CA ASP B 111 -3.56 -14.76 -11.99
C ASP B 111 -4.01 -15.34 -10.65
N ASN B 112 -3.06 -15.66 -9.77
CA ASN B 112 -3.39 -16.37 -8.53
C ASN B 112 -3.75 -15.44 -7.40
N GLY B 113 -3.76 -14.14 -7.66
CA GLY B 113 -4.03 -13.17 -6.62
C GLY B 113 -3.03 -13.17 -5.46
N ASN B 114 -1.76 -13.42 -5.76
CA ASN B 114 -0.73 -13.54 -4.73
C ASN B 114 0.08 -12.28 -4.60
N GLU B 115 -0.11 -11.54 -3.51
CA GLU B 115 0.45 -10.19 -3.41
C GLU B 115 1.88 -10.19 -2.86
N ASP B 116 2.19 -11.18 -2.02
CA ASP B 116 3.51 -11.32 -1.43
C ASP B 116 4.54 -11.74 -2.50
N LEU B 117 4.18 -12.77 -3.25
CA LEU B 117 4.94 -13.23 -4.40
C LEU B 117 5.13 -12.10 -5.39
N ALA B 118 4.04 -11.41 -5.68
CA ALA B 118 4.05 -10.27 -6.59
C ALA B 118 5.04 -9.19 -6.15
N GLU B 119 5.10 -8.89 -4.87
CA GLU B 119 6.03 -7.86 -4.43
C GLU B 119 7.46 -8.36 -4.44
N ILE B 120 7.68 -9.65 -4.20
CA ILE B 120 9.03 -10.21 -4.36
C ILE B 120 9.52 -10.03 -5.78
N LEU B 121 8.73 -10.56 -6.71
CA LEU B 121 8.98 -10.44 -8.13
C LEU B 121 9.24 -9.00 -8.54
N CYS B 122 8.34 -8.13 -8.13
CA CYS B 122 8.39 -6.75 -8.55
C CYS B 122 9.66 -6.07 -8.07
N LYS B 123 9.99 -6.27 -6.81
CA LYS B 123 11.16 -5.62 -6.26
C LYS B 123 12.41 -6.17 -6.90
N ASN B 124 12.32 -7.37 -7.47
CA ASN B 124 13.45 -7.90 -8.25
C ASN B 124 13.61 -7.20 -9.60
N LYS B 125 12.54 -6.57 -10.07
CA LYS B 125 12.52 -5.97 -11.39
C LYS B 125 13.22 -4.62 -11.43
N ALA B 126 13.08 -3.85 -10.37
CA ALA B 126 13.62 -2.51 -10.30
C ALA B 126 15.13 -2.52 -10.45
N GLN B 127 15.73 -3.63 -10.05
CA GLN B 127 17.17 -3.81 -10.02
C GLN B 127 17.76 -4.05 -11.40
N GLN B 128 17.12 -4.91 -12.15
CA GLN B 128 17.49 -5.13 -13.54
C GLN B 128 17.24 -3.83 -14.31
N ALA B 129 16.15 -3.16 -13.97
CA ALA B 129 15.86 -1.85 -14.51
C ALA B 129 17.01 -0.88 -14.25
N ALA B 130 17.56 -0.91 -13.05
CA ALA B 130 18.66 -0.01 -12.69
C ALA B 130 19.87 -0.32 -13.55
N PHE B 131 20.13 -1.61 -13.72
CA PHE B 131 21.20 -2.08 -14.58
C PHE B 131 21.08 -1.45 -15.97
N TYR B 132 20.02 -1.83 -16.66
CA TYR B 132 19.75 -1.34 -18.02
C TYR B 132 19.79 0.20 -18.10
N CYS B 133 19.40 0.86 -17.01
CA CYS B 133 19.38 2.33 -16.96
C CYS B 133 20.77 2.91 -16.88
N ILE B 134 21.64 2.23 -16.16
CA ILE B 134 23.03 2.63 -16.04
C ILE B 134 23.72 2.42 -17.39
N LEU B 135 23.30 1.37 -18.08
CA LEU B 135 23.90 1.05 -19.37
C LEU B 135 23.64 2.13 -20.41
N HIS B 136 22.62 2.93 -20.21
CA HIS B 136 22.30 3.95 -21.19
C HIS B 136 22.67 5.35 -20.72
N MET B 137 23.77 5.43 -19.98
CA MET B 137 24.45 6.70 -19.73
C MET B 137 25.41 6.96 -20.86
N PRO B 138 25.17 8.04 -21.63
CA PRO B 138 26.02 8.27 -22.80
C PRO B 138 27.36 8.92 -22.45
N ASN B 139 27.47 9.49 -21.26
CA ASN B 139 28.67 10.21 -20.88
C ASN B 139 29.46 9.53 -19.78
N LEU B 140 29.74 8.24 -20.00
CA LEU B 140 30.60 7.45 -19.11
C LEU B 140 31.53 6.63 -20.00
N ASN B 141 32.59 6.09 -19.40
CA ASN B 141 33.48 5.17 -20.11
C ASN B 141 33.31 3.77 -19.56
N GLU B 142 33.93 2.81 -20.24
CA GLU B 142 33.74 1.42 -19.90
C GLU B 142 34.19 1.11 -18.49
N ALA B 143 35.15 1.87 -17.99
CA ALA B 143 35.68 1.64 -16.66
C ALA B 143 34.63 2.03 -15.63
N GLN B 144 34.05 3.20 -15.84
CA GLN B 144 33.01 3.71 -14.94
C GLN B 144 31.79 2.81 -14.95
N ARG B 145 31.30 2.51 -16.15
CA ARG B 145 30.19 1.58 -16.33
C ARG B 145 30.41 0.24 -15.61
N ASN B 146 31.51 -0.43 -15.92
CA ASN B 146 31.79 -1.72 -15.30
C ASN B 146 31.88 -1.62 -13.78
N GLY B 147 32.47 -0.53 -13.29
CA GLY B 147 32.60 -0.31 -11.87
C GLY B 147 31.25 -0.28 -11.20
N PHE B 148 30.34 0.49 -11.80
CA PHE B 148 28.97 0.59 -11.31
C PHE B 148 28.24 -0.74 -11.37
N ILE B 149 28.42 -1.47 -12.46
CA ILE B 149 27.82 -2.80 -12.61
C ILE B 149 28.27 -3.77 -11.51
N GLN B 150 29.59 -3.98 -11.39
CA GLN B 150 30.17 -4.83 -10.36
C GLN B 150 29.72 -4.45 -8.98
N SER B 151 29.71 -3.14 -8.69
CA SER B 151 29.15 -2.65 -7.43
C SER B 151 27.69 -3.05 -7.25
N LEU B 152 26.93 -3.05 -8.34
CA LEU B 152 25.52 -3.39 -8.26
C LEU B 152 25.33 -4.85 -7.94
N LYS B 153 26.08 -5.70 -8.65
CA LYS B 153 25.99 -7.13 -8.44
C LYS B 153 26.55 -7.55 -7.08
N ASP B 154 27.40 -6.72 -6.49
CA ASP B 154 27.90 -7.00 -5.15
C ASP B 154 26.84 -6.77 -4.09
N ASP B 155 25.88 -5.92 -4.40
CA ASP B 155 24.84 -5.54 -3.43
C ASP B 155 23.64 -4.91 -4.16
N PRO B 156 22.71 -5.76 -4.60
CA PRO B 156 21.59 -5.37 -5.47
C PRO B 156 20.67 -4.35 -4.81
N SER B 157 20.56 -4.43 -3.49
CA SER B 157 19.67 -3.59 -2.71
C SER B 157 20.12 -2.12 -2.67
N GLN B 158 21.26 -1.82 -3.30
CA GLN B 158 21.76 -0.46 -3.37
C GLN B 158 21.48 0.17 -4.74
N SER B 159 21.00 -0.66 -5.66
CA SER B 159 20.71 -0.27 -7.04
C SER B 159 20.38 1.22 -7.26
N THR B 160 19.33 1.69 -6.60
CA THR B 160 18.85 3.06 -6.77
C THR B 160 19.92 4.11 -6.52
N ASN B 161 20.56 4.03 -5.35
CA ASN B 161 21.66 4.94 -5.01
C ASN B 161 22.72 4.93 -6.10
N VAL B 162 23.08 3.73 -6.53
CA VAL B 162 24.11 3.57 -7.53
C VAL B 162 23.69 4.35 -8.75
N LEU B 163 22.44 4.17 -9.16
CA LEU B 163 21.89 4.86 -10.33
C LEU B 163 22.02 6.36 -10.14
N GLY B 164 21.64 6.84 -8.95
CA GLY B 164 21.75 8.24 -8.61
C GLY B 164 23.14 8.73 -8.92
N GLU B 165 24.12 8.02 -8.38
CA GLU B 165 25.50 8.45 -8.51
C GLU B 165 25.82 8.60 -9.99
N ALA B 166 25.45 7.58 -10.77
CA ALA B 166 25.75 7.56 -12.19
C ALA B 166 25.26 8.84 -12.84
N LYS B 167 23.99 9.20 -12.60
CA LYS B 167 23.39 10.37 -13.20
C LYS B 167 24.16 11.63 -12.83
N LYS B 168 24.51 11.76 -11.54
CA LYS B 168 25.30 12.88 -11.05
C LYS B 168 26.55 13.03 -11.89
N LEU B 169 27.23 11.91 -12.10
CA LEU B 169 28.49 11.92 -12.80
C LEU B 169 28.24 12.16 -14.27
N ASN B 170 27.13 11.64 -14.77
CA ASN B 170 26.83 11.71 -16.19
C ASN B 170 26.71 13.16 -16.62
N GLU B 171 25.90 13.91 -15.88
CA GLU B 171 25.69 15.30 -16.17
C GLU B 171 26.89 16.13 -15.74
N SER B 172 27.81 15.50 -15.03
CA SER B 172 29.05 16.18 -14.68
C SER B 172 30.05 16.11 -15.86
N GLN B 173 29.94 15.04 -16.64
CA GLN B 173 30.91 14.77 -17.70
C GLN B 173 30.30 15.07 -19.06
N ALA B 174 29.27 15.91 -19.07
CA ALA B 174 28.60 16.30 -20.31
C ALA B 174 29.60 16.96 -21.26
N PRO B 175 29.53 16.61 -22.55
CA PRO B 175 30.62 16.85 -23.51
C PRO B 175 30.93 18.32 -23.76
N LYS B 176 31.94 18.58 -24.59
CA LYS B 176 32.40 19.92 -24.90
C LYS B 176 32.56 20.75 -23.62
N SER C 1 35.85 -8.98 27.66
CA SER C 1 34.72 -9.82 27.25
C SER C 1 34.95 -11.26 27.70
N ASP C 2 35.09 -11.44 29.00
CA ASP C 2 35.34 -12.73 29.62
C ASP C 2 35.46 -12.45 31.10
N LEU C 3 36.23 -11.40 31.38
CA LEU C 3 36.34 -10.83 32.70
C LEU C 3 35.08 -10.01 32.91
N GLY C 4 34.55 -9.53 31.80
CA GLY C 4 33.36 -8.71 31.78
C GLY C 4 32.11 -9.48 32.19
N LYS C 5 32.02 -10.74 31.76
CA LYS C 5 30.91 -11.60 32.12
C LYS C 5 30.89 -11.85 33.62
N LYS C 6 32.07 -12.07 34.17
CA LYS C 6 32.21 -12.26 35.60
C LYS C 6 31.92 -10.96 36.35
N LEU C 7 32.18 -9.84 35.70
CA LEU C 7 31.87 -8.55 36.30
C LEU C 7 30.35 -8.31 36.38
N LEU C 8 29.65 -8.55 35.28
CA LEU C 8 28.19 -8.48 35.26
C LEU C 8 27.62 -9.36 36.34
N GLU C 9 28.11 -10.61 36.41
CA GLU C 9 27.59 -11.57 37.36
C GLU C 9 27.88 -11.19 38.82
N ALA C 10 29.05 -10.60 39.06
CA ALA C 10 29.44 -10.19 40.41
C ALA C 10 28.66 -8.97 40.86
N ALA C 11 28.27 -8.14 39.90
CA ALA C 11 27.48 -6.94 40.18
C ALA C 11 26.06 -7.32 40.50
N HIS C 12 25.48 -8.18 39.67
CA HIS C 12 24.18 -8.79 39.92
C HIS C 12 24.11 -9.46 41.30
N ALA C 13 25.06 -10.34 41.58
CA ALA C 13 25.11 -11.08 42.84
C ALA C 13 25.15 -10.17 44.07
N GLY C 14 26.10 -9.25 44.10
CA GLY C 14 26.23 -8.35 45.22
C GLY C 14 27.52 -8.56 45.97
N GLN C 15 28.51 -9.15 45.29
CA GLN C 15 29.77 -9.53 45.93
C GLN C 15 30.82 -8.44 45.80
N ASP C 16 30.95 -7.62 46.85
CA ASP C 16 31.80 -6.44 46.86
C ASP C 16 33.24 -6.70 46.46
N ASP C 17 33.98 -7.30 47.39
CA ASP C 17 35.42 -7.42 47.23
C ASP C 17 35.76 -8.17 45.96
N GLU C 18 34.88 -9.08 45.57
CA GLU C 18 35.04 -9.77 44.28
C GLU C 18 35.07 -8.75 43.15
N VAL C 19 34.24 -7.73 43.26
CA VAL C 19 34.24 -6.69 42.24
C VAL C 19 35.50 -5.82 42.35
N ARG C 20 35.89 -5.47 43.57
CA ARG C 20 37.09 -4.63 43.73
C ARG C 20 38.30 -5.36 43.15
N ILE C 21 38.29 -6.68 43.29
CA ILE C 21 39.32 -7.56 42.73
C ILE C 21 39.29 -7.52 41.20
N LEU C 22 38.11 -7.82 40.65
CA LEU C 22 37.90 -7.81 39.20
C LEU C 22 38.35 -6.50 38.57
N MET C 23 38.14 -5.42 39.31
CA MET C 23 38.46 -4.08 38.86
C MET C 23 39.93 -3.84 38.89
N ALA C 24 40.53 -4.12 40.04
CA ALA C 24 41.98 -3.99 40.21
C ALA C 24 42.72 -4.78 39.12
N ASN C 25 42.24 -5.97 38.76
CA ASN C 25 42.81 -6.71 37.62
C ASN C 25 42.50 -6.16 36.27
N GLY C 26 41.81 -5.04 36.24
CA GLY C 26 41.53 -4.36 35.00
C GLY C 26 40.39 -4.88 34.11
N ALA C 27 39.24 -5.12 34.71
CA ALA C 27 38.05 -5.54 33.95
C ALA C 27 37.33 -4.32 33.42
N ASP C 28 36.77 -4.46 32.21
CA ASP C 28 36.00 -3.39 31.55
C ASP C 28 34.78 -2.98 32.37
N VAL C 29 34.80 -1.75 32.89
CA VAL C 29 33.72 -1.30 33.78
C VAL C 29 32.44 -1.04 32.99
N ASN C 30 32.58 -0.96 31.67
CA ASN C 30 31.46 -0.67 30.78
C ASN C 30 31.12 -1.81 29.84
N ALA C 31 31.04 -3.02 30.39
CA ALA C 31 30.70 -4.17 29.57
C ALA C 31 29.17 -4.37 29.53
N MET C 32 28.66 -5.08 28.53
CA MET C 32 27.23 -5.25 28.41
C MET C 32 26.79 -6.55 27.71
N ASP C 33 25.65 -7.11 28.12
CA ASP C 33 25.13 -8.32 27.48
C ASP C 33 24.42 -7.97 26.19
N ASN C 34 23.64 -8.89 25.65
CA ASN C 34 22.94 -8.60 24.40
C ASN C 34 21.77 -7.63 24.58
N PHE C 35 21.57 -7.17 25.82
CA PHE C 35 20.52 -6.19 26.10
C PHE C 35 21.09 -4.85 26.56
N GLY C 36 22.38 -4.63 26.29
CA GLY C 36 23.05 -3.37 26.56
C GLY C 36 23.06 -3.00 28.02
N VAL C 37 22.95 -4.02 28.87
CA VAL C 37 22.97 -3.84 30.33
C VAL C 37 24.40 -3.88 30.89
N THR C 38 24.79 -2.79 31.53
CA THR C 38 26.13 -2.66 32.10
C THR C 38 26.11 -3.04 33.57
N PRO C 39 27.27 -3.27 34.19
CA PRO C 39 27.32 -3.55 35.62
C PRO C 39 26.65 -2.51 36.50
N LEU C 40 26.75 -1.25 36.10
CA LEU C 40 26.10 -0.16 36.82
C LEU C 40 24.57 -0.34 36.85
N HIS C 41 24.00 -0.77 35.72
CA HIS C 41 22.59 -1.15 35.66
C HIS C 41 22.24 -2.21 36.72
N LEU C 42 22.96 -3.33 36.72
CA LEU C 42 22.68 -4.44 37.63
C LEU C 42 22.82 -4.03 39.10
N ALA C 43 23.82 -3.22 39.38
CA ALA C 43 24.08 -2.80 40.75
C ALA C 43 23.08 -1.76 41.22
N ALA C 44 22.45 -1.05 40.27
CA ALA C 44 21.39 -0.10 40.57
C ALA C 44 20.06 -0.80 40.80
N TYR C 45 19.68 -1.60 39.81
CA TYR C 45 18.50 -2.45 39.88
C TYR C 45 18.42 -3.25 41.18
N TRP C 46 19.54 -3.86 41.56
CA TRP C 46 19.51 -4.85 42.64
C TRP C 46 19.90 -4.30 44.01
N GLY C 47 20.08 -2.99 44.11
CA GLY C 47 20.21 -2.33 45.40
C GLY C 47 21.55 -2.45 46.13
N HIS C 48 22.63 -2.56 45.36
CA HIS C 48 23.94 -2.64 45.97
C HIS C 48 24.67 -1.30 45.83
N PHE C 49 24.62 -0.48 46.89
CA PHE C 49 25.14 0.90 46.86
C PHE C 49 26.68 1.01 46.87
N GLU C 50 27.32 0.10 47.60
CA GLU C 50 28.77 0.05 47.69
C GLU C 50 29.36 -0.19 46.32
N ILE C 51 28.86 -1.22 45.65
CA ILE C 51 29.29 -1.58 44.30
C ILE C 51 29.04 -0.46 43.29
N VAL C 52 27.95 0.29 43.50
CA VAL C 52 27.66 1.43 42.67
C VAL C 52 28.73 2.48 42.83
N GLU C 53 29.14 2.72 44.08
CA GLU C 53 30.21 3.68 44.35
C GLU C 53 31.52 3.25 43.70
N VAL C 54 31.85 1.98 43.81
CA VAL C 54 33.06 1.48 43.17
C VAL C 54 33.03 1.68 41.66
N LEU C 55 31.96 1.24 41.02
CA LEU C 55 31.88 1.28 39.57
C LEU C 55 31.94 2.72 39.10
N LEU C 56 31.23 3.59 39.79
CA LEU C 56 31.21 5.01 39.49
C LEU C 56 32.62 5.60 39.60
N LYS C 57 33.31 5.27 40.69
CA LYS C 57 34.68 5.75 40.94
C LYS C 57 35.61 5.28 39.85
N TYR C 58 35.37 4.09 39.32
CA TYR C 58 36.20 3.57 38.25
C TYR C 58 35.80 4.13 36.90
N GLY C 59 34.80 4.99 36.89
CA GLY C 59 34.44 5.72 35.68
C GLY C 59 33.37 5.12 34.79
N ALA C 60 32.39 4.45 35.38
CA ALA C 60 31.29 3.87 34.63
C ALA C 60 30.39 4.95 34.03
N ASP C 61 29.94 4.75 32.79
CA ASP C 61 29.06 5.71 32.10
C ASP C 61 27.71 5.78 32.82
N VAL C 62 27.44 6.94 33.40
CA VAL C 62 26.32 7.10 34.32
C VAL C 62 24.99 7.25 33.58
N ASN C 63 25.06 7.64 32.32
CA ASN C 63 23.87 7.74 31.51
C ASN C 63 23.90 6.69 30.39
N ALA C 64 24.02 5.43 30.79
CA ALA C 64 24.00 4.32 29.84
C ALA C 64 22.61 3.78 29.67
N SER C 65 22.17 3.69 28.43
CA SER C 65 20.81 3.28 28.11
C SER C 65 20.80 1.85 27.59
N ASP C 66 19.93 1.01 28.16
CA ASP C 66 19.87 -0.37 27.71
C ASP C 66 18.83 -0.49 26.62
N ALA C 67 18.39 -1.72 26.34
CA ALA C 67 17.57 -2.01 25.17
C ALA C 67 16.20 -1.34 25.24
N THR C 68 15.83 -0.90 26.44
CA THR C 68 14.55 -0.23 26.68
C THR C 68 14.68 1.26 26.91
N GLY C 69 15.85 1.81 26.61
CA GLY C 69 16.08 3.23 26.79
C GLY C 69 16.27 3.63 28.23
N ASP C 70 16.49 2.65 29.10
CA ASP C 70 16.58 2.87 30.55
C ASP C 70 18.00 3.05 31.07
N THR C 71 18.08 3.89 32.09
CA THR C 71 19.31 4.40 32.66
C THR C 71 19.36 3.96 34.11
N PRO C 72 20.57 3.77 34.65
CA PRO C 72 20.76 3.43 36.06
C PRO C 72 19.82 4.17 37.00
N LEU C 73 19.51 5.42 36.69
CA LEU C 73 18.63 6.26 37.50
C LEU C 73 17.19 5.81 37.42
N HIS C 74 16.75 5.42 36.23
CA HIS C 74 15.42 4.85 36.07
C HIS C 74 15.26 3.62 36.94
N LEU C 75 16.25 2.73 36.87
CA LEU C 75 16.24 1.43 37.55
C LEU C 75 16.41 1.56 39.05
N ALA C 76 17.07 2.64 39.47
CA ALA C 76 17.18 2.96 40.88
C ALA C 76 15.87 3.49 41.42
N ALA C 77 15.18 4.29 40.61
CA ALA C 77 13.90 4.91 40.98
C ALA C 77 12.74 3.91 41.02
N LYS C 78 12.87 2.84 40.25
CA LYS C 78 11.86 1.78 40.21
C LYS C 78 11.69 1.06 41.55
N TRP C 79 12.67 1.13 42.43
CA TRP C 79 12.58 0.40 43.71
C TRP C 79 12.67 1.31 44.93
N GLY C 80 13.03 2.57 44.69
CA GLY C 80 13.09 3.56 45.77
C GLY C 80 14.40 3.63 46.52
N TYR C 81 15.51 3.36 45.84
CA TYR C 81 16.81 3.43 46.49
C TYR C 81 17.30 4.87 46.55
N LEU C 82 16.90 5.60 47.61
CA LEU C 82 17.25 7.01 47.76
C LEU C 82 18.76 7.23 47.76
N GLY C 83 19.47 6.41 48.52
CA GLY C 83 20.91 6.51 48.68
C GLY C 83 21.67 6.41 47.38
N ILE C 84 21.30 5.43 46.55
CA ILE C 84 21.93 5.29 45.24
C ILE C 84 21.61 6.46 44.33
N VAL C 85 20.32 6.83 44.30
CA VAL C 85 19.83 7.94 43.49
C VAL C 85 20.67 9.19 43.73
N GLU C 86 20.93 9.52 44.99
CA GLU C 86 21.64 10.76 45.29
C GLU C 86 23.03 10.83 44.66
N VAL C 87 23.79 9.73 44.72
CA VAL C 87 25.18 9.70 44.24
C VAL C 87 25.21 9.56 42.71
N LEU C 88 24.24 8.84 42.17
CA LEU C 88 23.98 8.86 40.75
C LEU C 88 23.77 10.30 40.24
N LEU C 89 23.05 11.09 41.03
CA LEU C 89 22.80 12.49 40.69
C LEU C 89 24.07 13.32 40.82
N LYS C 90 24.91 12.96 41.81
CA LYS C 90 26.19 13.65 42.00
C LYS C 90 27.14 13.42 40.84
N TYR C 91 27.10 12.24 40.23
CA TYR C 91 27.96 11.99 39.08
C TYR C 91 27.34 12.45 37.76
N GLY C 92 26.24 13.20 37.86
CA GLY C 92 25.73 13.91 36.70
C GLY C 92 24.72 13.17 35.83
N ALA C 93 23.85 12.38 36.42
CA ALA C 93 22.78 11.72 35.68
C ALA C 93 21.72 12.71 35.24
N ASP C 94 21.16 12.51 34.05
CA ASP C 94 20.14 13.40 33.49
C ASP C 94 18.76 13.03 33.99
N VAL C 95 18.25 13.81 34.93
CA VAL C 95 16.99 13.52 35.59
C VAL C 95 15.80 13.49 34.63
N ASN C 96 15.91 14.14 33.48
CA ASN C 96 14.79 14.28 32.55
C ASN C 96 14.80 13.32 31.36
N ALA C 97 15.72 12.35 31.37
CA ALA C 97 15.88 11.43 30.25
C ALA C 97 14.72 10.46 30.15
N GLN C 98 14.24 10.21 28.94
CA GLN C 98 13.02 9.39 28.72
C GLN C 98 13.39 8.06 28.14
N ASP C 99 12.51 7.08 28.31
CA ASP C 99 12.75 5.74 27.79
C ASP C 99 11.61 5.29 26.90
N LYS C 100 11.63 4.03 26.46
CA LYS C 100 10.70 3.54 25.45
C LYS C 100 9.25 3.61 25.93
N PHE C 101 9.06 3.71 27.25
CA PHE C 101 7.72 3.85 27.80
C PHE C 101 7.39 5.32 28.05
N GLY C 102 8.27 6.21 27.59
CA GLY C 102 8.08 7.64 27.82
C GLY C 102 8.11 8.00 29.29
N LYS C 103 8.93 7.28 30.06
CA LYS C 103 8.99 7.47 31.51
C LYS C 103 10.21 8.27 31.95
N THR C 104 10.00 9.15 32.93
CA THR C 104 11.08 9.87 33.59
C THR C 104 11.17 9.35 35.01
N ALA C 105 12.37 9.33 35.58
CA ALA C 105 12.58 8.96 36.99
C ALA C 105 11.55 9.58 37.93
N PHE C 106 11.17 10.82 37.63
CA PHE C 106 10.09 11.53 38.31
C PHE C 106 8.76 10.83 38.12
N ASP C 107 8.41 10.56 36.88
CA ASP C 107 7.13 9.92 36.54
C ASP C 107 7.03 8.61 37.30
N ILE C 108 8.11 7.85 37.27
CA ILE C 108 8.22 6.62 38.06
C ILE C 108 7.96 6.88 39.54
N SER C 109 8.59 7.91 40.08
CA SER C 109 8.42 8.22 41.50
C SER C 109 6.95 8.44 41.81
N ILE C 110 6.25 9.11 40.87
CA ILE C 110 4.80 9.35 40.98
C ILE C 110 4.00 8.05 40.89
N ASP C 111 4.46 7.10 40.07
CA ASP C 111 3.87 5.77 40.03
C ASP C 111 3.89 5.07 41.38
N ASN C 112 5.03 5.12 42.06
CA ASN C 112 5.19 4.38 43.32
C ASN C 112 4.73 5.12 44.54
N GLY C 113 4.24 6.34 44.34
CA GLY C 113 3.77 7.17 45.45
C GLY C 113 4.86 7.57 46.44
N ASN C 114 6.07 7.74 45.93
CA ASN C 114 7.22 8.04 46.78
C ASN C 114 7.52 9.54 46.82
N GLU C 115 7.23 10.19 47.94
CA GLU C 115 7.31 11.65 48.00
C GLU C 115 8.71 12.17 48.31
N ASP C 116 9.49 11.37 49.04
CA ASP C 116 10.86 11.74 49.41
C ASP C 116 11.76 11.72 48.20
N LEU C 117 11.70 10.61 47.47
CA LEU C 117 12.35 10.47 46.17
C LEU C 117 11.93 11.58 45.24
N ALA C 118 10.63 11.81 45.17
CA ALA C 118 10.07 12.85 44.32
C ALA C 118 10.65 14.22 44.63
N GLU C 119 10.86 14.52 45.91
CA GLU C 119 11.39 15.84 46.26
C GLU C 119 12.89 15.93 45.99
N ILE C 120 13.61 14.83 46.12
CA ILE C 120 15.02 14.80 45.70
C ILE C 120 15.14 15.14 44.22
N LEU C 121 14.46 14.33 43.41
CA LEU C 121 14.38 14.50 41.95
C LEU C 121 13.99 15.92 41.57
N CYS C 122 12.90 16.39 42.16
CA CYS C 122 12.37 17.71 41.84
C CYS C 122 13.36 18.82 42.16
N LYS C 123 13.99 18.75 43.33
CA LYS C 123 14.91 19.81 43.68
C LYS C 123 16.15 19.72 42.80
N ASN C 124 16.43 18.56 42.24
CA ASN C 124 17.53 18.47 41.26
C ASN C 124 17.19 19.19 39.95
N LYS C 125 15.91 19.23 39.66
CA LYS C 125 15.44 19.76 38.42
C LYS C 125 15.54 21.27 38.38
N ALA C 126 15.25 21.89 39.52
CA ALA C 126 15.23 23.34 39.62
C ALA C 126 16.58 23.96 39.25
N GLN C 127 17.64 23.19 39.45
CA GLN C 127 19.02 23.64 39.22
C GLN C 127 19.38 23.67 37.75
N GLN C 128 18.98 22.62 37.03
CA GLN C 128 19.14 22.60 35.58
C GLN C 128 18.30 23.68 35.00
N ALA C 129 17.13 23.84 35.57
CA ALA C 129 16.25 24.91 35.18
C ALA C 129 16.92 26.27 35.32
N ALA C 130 17.63 26.47 36.43
CA ALA C 130 18.36 27.70 36.67
C ALA C 130 19.44 27.92 35.61
N PHE C 131 20.21 26.86 35.33
CA PHE C 131 21.17 26.89 34.24
C PHE C 131 20.54 27.41 32.94
N TYR C 132 19.61 26.65 32.40
CA TYR C 132 18.93 27.00 31.14
C TYR C 132 18.32 28.40 31.16
N CYS C 133 17.86 28.84 32.35
CA CYS C 133 17.28 30.18 32.53
C CYS C 133 18.31 31.28 32.44
N ILE C 134 19.50 31.01 32.98
CA ILE C 134 20.61 31.93 32.89
C ILE C 134 21.05 32.03 31.45
N LEU C 135 21.02 30.90 30.74
CA LEU C 135 21.45 30.88 29.36
C LEU C 135 20.60 31.74 28.45
N HIS C 136 19.38 32.06 28.88
CA HIS C 136 18.53 32.88 28.03
C HIS C 136 18.39 34.29 28.54
N MET C 137 19.47 34.83 29.07
CA MET C 137 19.60 36.26 29.32
C MET C 137 20.15 36.91 28.09
N PRO C 138 19.36 37.75 27.43
CA PRO C 138 19.84 38.32 26.18
C PRO C 138 20.81 39.49 26.38
N ASN C 139 20.89 40.03 27.59
CA ASN C 139 21.74 41.19 27.85
C ASN C 139 22.92 40.87 28.76
N LEU C 140 23.66 39.83 28.41
CA LEU C 140 24.92 39.46 29.06
C LEU C 140 25.93 39.10 27.97
N ASN C 141 27.19 39.06 28.34
CA ASN C 141 28.22 38.60 27.42
C ASN C 141 28.76 37.24 27.87
N GLU C 142 29.56 36.62 27.04
CA GLU C 142 30.02 35.26 27.31
C GLU C 142 30.81 35.17 28.61
N ALA C 143 31.47 36.26 28.98
CA ALA C 143 32.26 36.26 30.21
C ALA C 143 31.35 36.15 31.42
N GLN C 144 30.28 36.94 31.41
CA GLN C 144 29.31 37.00 32.49
C GLN C 144 28.57 35.68 32.60
N ARG C 145 28.07 35.20 31.46
CA ARG C 145 27.43 33.90 31.36
C ARG C 145 28.29 32.81 31.95
N ASN C 146 29.50 32.66 31.43
CA ASN C 146 30.39 31.60 31.89
C ASN C 146 30.71 31.70 33.38
N GLY C 147 30.89 32.93 33.85
CA GLY C 147 31.15 33.18 35.25
C GLY C 147 30.02 32.65 36.10
N PHE C 148 28.79 33.00 35.73
CA PHE C 148 27.61 32.51 36.43
C PHE C 148 27.48 30.97 36.38
N ILE C 149 27.76 30.39 35.22
CA ILE C 149 27.73 28.96 35.05
C ILE C 149 28.72 28.26 35.97
N GLN C 150 30.00 28.63 35.89
CA GLN C 150 31.02 28.03 36.73
C GLN C 150 30.68 28.20 38.20
N SER C 151 30.17 29.37 38.56
CA SER C 151 29.74 29.59 39.94
C SER C 151 28.62 28.62 40.35
N LEU C 152 27.74 28.32 39.40
CA LEU C 152 26.64 27.41 39.66
C LEU C 152 27.13 25.97 39.87
N LYS C 153 28.03 25.53 39.00
CA LYS C 153 28.59 24.18 39.10
C LYS C 153 29.51 24.02 40.32
N ASP C 154 30.04 25.11 40.82
CA ASP C 154 30.82 25.03 42.04
C ASP C 154 29.93 24.82 43.27
N ASP C 155 28.67 25.22 43.19
CA ASP C 155 27.75 25.13 44.33
C ASP C 155 26.33 25.22 43.84
N PRO C 156 25.74 24.08 43.46
CA PRO C 156 24.41 23.98 42.85
C PRO C 156 23.30 24.53 43.75
N SER C 157 23.48 24.39 45.06
CA SER C 157 22.48 24.77 46.04
C SER C 157 22.31 26.28 46.13
N GLN C 158 23.06 27.03 45.33
CA GLN C 158 22.94 28.48 45.31
C GLN C 158 22.16 28.95 44.08
N SER C 159 21.91 28.02 43.18
CA SER C 159 21.29 28.28 41.88
C SER C 159 20.40 29.51 41.82
N THR C 160 19.36 29.48 42.66
CA THR C 160 18.34 30.52 42.69
C THR C 160 18.91 31.93 42.85
N ASN C 161 19.70 32.12 43.90
CA ASN C 161 20.40 33.40 44.14
C ASN C 161 21.17 33.82 42.91
N VAL C 162 21.92 32.88 42.34
CA VAL C 162 22.71 33.15 41.16
C VAL C 162 21.80 33.72 40.09
N LEU C 163 20.68 33.03 39.86
CA LEU C 163 19.71 33.44 38.85
C LEU C 163 19.26 34.85 39.16
N GLY C 164 18.92 35.11 40.42
CA GLY C 164 18.50 36.43 40.85
C GLY C 164 19.50 37.47 40.37
N GLU C 165 20.77 37.24 40.69
CA GLU C 165 21.81 38.19 40.36
C GLU C 165 21.78 38.47 38.87
N ALA C 166 21.75 37.39 38.09
CA ALA C 166 21.75 37.52 36.65
C ALA C 166 20.67 38.50 36.21
N LYS C 167 19.44 38.28 36.67
CA LYS C 167 18.32 39.12 36.27
C LYS C 167 18.60 40.56 36.60
N LYS C 168 19.06 40.80 37.82
CA LYS C 168 19.38 42.14 38.26
C LYS C 168 20.31 42.80 37.26
N LEU C 169 21.34 42.07 36.88
CA LEU C 169 22.35 42.62 35.99
C LEU C 169 21.78 42.75 34.58
N ASN C 170 20.91 41.81 34.22
CA ASN C 170 20.32 41.77 32.89
C ASN C 170 19.53 43.04 32.59
N GLU C 171 18.64 43.39 33.51
CA GLU C 171 17.84 44.59 33.37
C GLU C 171 18.66 45.83 33.68
N SER C 172 19.88 45.64 34.18
CA SER C 172 20.77 46.77 34.39
C SER C 172 21.47 47.11 33.08
N GLN C 173 21.70 46.10 32.25
CA GLN C 173 22.46 46.25 31.02
C GLN C 173 21.55 46.28 29.78
N ALA C 174 20.28 46.61 30.00
CA ALA C 174 19.30 46.74 28.92
C ALA C 174 19.77 47.78 27.88
N PRO C 175 19.60 47.44 26.59
CA PRO C 175 20.32 48.10 25.49
C PRO C 175 19.96 49.57 25.32
N LYS C 176 20.61 50.22 24.36
CA LYS C 176 20.43 51.65 24.10
C LYS C 176 20.50 52.46 25.39
N SER D 1 37.46 -13.43 -23.44
CA SER D 1 36.96 -12.10 -23.13
C SER D 1 37.99 -11.03 -23.50
N ASP D 2 38.35 -10.99 -24.78
CA ASP D 2 39.37 -10.10 -25.33
C ASP D 2 39.50 -10.44 -26.78
N LEU D 3 39.56 -11.75 -27.02
CA LEU D 3 39.46 -12.32 -28.36
C LEU D 3 37.98 -12.33 -28.71
N GLY D 4 37.16 -12.40 -27.66
CA GLY D 4 35.72 -12.41 -27.80
C GLY D 4 35.17 -11.09 -28.33
N LYS D 5 35.74 -9.97 -27.85
CA LYS D 5 35.30 -8.64 -28.30
C LYS D 5 35.58 -8.46 -29.79
N LYS D 6 36.74 -8.97 -30.21
CA LYS D 6 37.13 -8.93 -31.62
C LYS D 6 36.26 -9.89 -32.43
N LEU D 7 35.78 -10.95 -31.79
CA LEU D 7 34.88 -11.86 -32.47
C LEU D 7 33.50 -11.19 -32.71
N LEU D 8 32.94 -10.57 -31.67
CA LEU D 8 31.70 -9.85 -31.82
C LEU D 8 31.85 -8.82 -32.93
N GLU D 9 32.95 -8.07 -32.89
CA GLU D 9 33.14 -6.99 -33.85
C GLU D 9 33.32 -7.51 -35.28
N ALA D 10 33.98 -8.65 -35.41
CA ALA D 10 34.22 -9.25 -36.73
C ALA D 10 32.95 -9.84 -37.31
N ALA D 11 32.07 -10.32 -36.42
CA ALA D 11 30.79 -10.86 -36.84
C ALA D 11 29.81 -9.75 -37.30
N HIS D 12 29.72 -8.70 -36.48
CA HIS D 12 29.03 -7.47 -36.85
C HIS D 12 29.51 -6.91 -38.21
N ALA D 13 30.82 -6.72 -38.35
CA ALA D 13 31.39 -6.15 -39.57
C ALA D 13 31.08 -6.96 -40.83
N GLY D 14 31.31 -8.27 -40.78
CA GLY D 14 31.03 -9.13 -41.91
C GLY D 14 32.32 -9.68 -42.51
N GLN D 15 33.38 -9.73 -41.70
CA GLN D 15 34.69 -10.15 -42.20
C GLN D 15 34.94 -11.65 -42.00
N ASP D 16 34.68 -12.42 -43.05
CA ASP D 16 34.74 -13.88 -43.03
C ASP D 16 36.03 -14.46 -42.48
N ASP D 17 37.08 -14.39 -43.30
CA ASP D 17 38.31 -15.07 -43.00
C ASP D 17 38.88 -14.59 -41.68
N GLU D 18 38.66 -13.33 -41.35
CA GLU D 18 39.02 -12.82 -40.03
C GLU D 18 38.37 -13.66 -38.93
N VAL D 19 37.12 -14.04 -39.14
CA VAL D 19 36.42 -14.89 -38.17
C VAL D 19 36.98 -16.31 -38.19
N ARG D 20 37.24 -16.85 -39.37
CA ARG D 20 37.77 -18.22 -39.43
C ARG D 20 39.11 -18.28 -38.71
N ILE D 21 39.85 -17.17 -38.78
CA ILE D 21 41.13 -17.00 -38.10
C ILE D 21 40.92 -16.97 -36.60
N LEU D 22 40.06 -16.04 -36.16
CA LEU D 22 39.72 -15.89 -34.74
C LEU D 22 39.28 -17.21 -34.11
N MET D 23 38.59 -18.01 -34.90
CA MET D 23 38.07 -19.29 -34.47
C MET D 23 39.18 -20.30 -34.35
N ALA D 24 39.96 -20.45 -35.42
CA ALA D 24 41.10 -21.38 -35.45
C ALA D 24 42.05 -21.12 -34.28
N ASN D 25 42.23 -19.84 -33.93
CA ASN D 25 43.02 -19.49 -32.77
C ASN D 25 42.30 -19.69 -31.43
N GLY D 26 41.10 -20.26 -31.49
CA GLY D 26 40.35 -20.67 -30.31
C GLY D 26 39.64 -19.55 -29.54
N ALA D 27 38.88 -18.72 -30.26
CA ALA D 27 38.06 -17.71 -29.61
C ALA D 27 36.71 -18.28 -29.17
N ASP D 28 36.21 -17.83 -28.02
CA ASP D 28 34.93 -18.30 -27.48
C ASP D 28 33.77 -17.98 -28.43
N VAL D 29 33.18 -19.01 -29.02
CA VAL D 29 32.12 -18.84 -30.01
C VAL D 29 30.83 -18.33 -29.35
N ASN D 30 30.75 -18.46 -28.03
CA ASN D 30 29.57 -18.02 -27.29
C ASN D 30 29.80 -16.83 -26.36
N ALA D 31 30.47 -15.79 -26.86
CA ALA D 31 30.79 -14.62 -26.05
C ALA D 31 29.66 -13.58 -26.18
N MET D 32 29.50 -12.70 -25.19
CA MET D 32 28.39 -11.76 -25.20
C MET D 32 28.69 -10.42 -24.52
N ASP D 33 28.11 -9.33 -25.04
CA ASP D 33 28.29 -8.03 -24.39
C ASP D 33 27.36 -7.91 -23.19
N ASN D 34 27.17 -6.69 -22.69
CA ASN D 34 26.28 -6.49 -21.54
C ASN D 34 24.79 -6.64 -21.90
N PHE D 35 24.49 -6.95 -23.15
CA PHE D 35 23.12 -7.19 -23.58
C PHE D 35 22.91 -8.61 -24.01
N GLY D 36 23.80 -9.52 -23.59
CA GLY D 36 23.63 -10.95 -23.86
C GLY D 36 23.60 -11.32 -25.33
N VAL D 37 24.18 -10.45 -26.15
CA VAL D 37 24.27 -10.66 -27.60
C VAL D 37 25.53 -11.44 -27.99
N THR D 38 25.34 -12.58 -28.63
CA THR D 38 26.44 -13.43 -29.08
C THR D 38 26.76 -13.15 -30.53
N PRO D 39 27.92 -13.62 -31.01
CA PRO D 39 28.27 -13.43 -32.41
C PRO D 39 27.23 -13.97 -33.39
N LEU D 40 26.56 -15.06 -33.02
CA LEU D 40 25.50 -15.63 -33.85
C LEU D 40 24.33 -14.64 -34.03
N HIS D 41 24.01 -13.90 -32.97
CA HIS D 41 23.05 -12.81 -33.06
C HIS D 41 23.47 -11.78 -34.10
N LEU D 42 24.66 -11.23 -33.97
CA LEU D 42 25.14 -10.20 -34.87
C LEU D 42 25.15 -10.65 -36.33
N ALA D 43 25.58 -11.89 -36.51
CA ALA D 43 25.70 -12.43 -37.86
C ALA D 43 24.33 -12.76 -38.45
N ALA D 44 23.34 -12.98 -37.59
CA ALA D 44 21.97 -13.21 -38.04
C ALA D 44 21.30 -11.89 -38.40
N TYR D 45 21.33 -10.96 -37.45
CA TYR D 45 20.82 -9.61 -37.61
C TYR D 45 21.34 -8.92 -38.86
N TRP D 46 22.65 -9.03 -39.11
CA TRP D 46 23.28 -8.24 -40.16
C TRP D 46 23.44 -8.93 -41.53
N GLY D 47 22.89 -10.13 -41.66
CA GLY D 47 22.77 -10.79 -42.95
C GLY D 47 24.01 -11.46 -43.53
N HIS D 48 24.89 -11.95 -42.66
CA HIS D 48 26.09 -12.65 -43.11
C HIS D 48 25.92 -14.16 -42.93
N PHE D 49 25.54 -14.85 -44.01
CA PHE D 49 25.19 -16.27 -43.95
C PHE D 49 26.40 -17.20 -43.80
N GLU D 50 27.50 -16.83 -44.45
CA GLU D 50 28.73 -17.60 -44.39
C GLU D 50 29.21 -17.70 -42.95
N ILE D 51 29.28 -16.54 -42.30
CA ILE D 51 29.71 -16.44 -40.92
C ILE D 51 28.79 -17.21 -39.99
N VAL D 52 27.50 -17.25 -40.33
CA VAL D 52 26.52 -18.01 -39.56
C VAL D 52 26.83 -19.49 -39.64
N GLU D 53 27.10 -19.97 -40.86
CA GLU D 53 27.52 -21.35 -41.03
C GLU D 53 28.80 -21.71 -40.24
N VAL D 54 29.80 -20.83 -40.29
CA VAL D 54 31.02 -21.06 -39.51
C VAL D 54 30.74 -21.15 -38.00
N LEU D 55 30.04 -20.16 -37.46
CA LEU D 55 29.76 -20.12 -36.04
C LEU D 55 28.96 -21.33 -35.60
N LEU D 56 27.93 -21.67 -36.38
CA LEU D 56 27.12 -22.84 -36.14
C LEU D 56 27.96 -24.11 -36.13
N LYS D 57 28.83 -24.25 -37.14
CA LYS D 57 29.72 -25.40 -37.26
C LYS D 57 30.63 -25.50 -36.06
N TYR D 58 31.01 -24.36 -35.51
CA TYR D 58 31.90 -24.38 -34.36
C TYR D 58 31.12 -24.58 -33.06
N GLY D 59 29.81 -24.75 -33.19
CA GLY D 59 28.99 -25.11 -32.04
C GLY D 59 28.32 -24.00 -31.25
N ALA D 60 27.96 -22.92 -31.93
CA ALA D 60 27.31 -21.80 -31.26
C ALA D 60 25.92 -22.18 -30.79
N ASP D 61 25.54 -21.74 -29.58
CA ASP D 61 24.22 -22.02 -29.05
C ASP D 61 23.18 -21.33 -29.94
N VAL D 62 22.34 -22.13 -30.56
CA VAL D 62 21.42 -21.69 -31.60
C VAL D 62 20.15 -21.07 -30.98
N ASN D 63 19.86 -21.44 -29.74
CA ASN D 63 18.74 -20.83 -29.04
C ASN D 63 19.23 -19.93 -27.90
N ALA D 64 20.07 -18.96 -28.24
CA ALA D 64 20.56 -17.99 -27.27
C ALA D 64 19.64 -16.78 -27.22
N SER D 65 19.22 -16.41 -26.02
CA SER D 65 18.30 -15.29 -25.83
C SER D 65 19.02 -14.07 -25.26
N ASP D 66 18.85 -12.91 -25.90
CA ASP D 66 19.55 -11.73 -25.42
C ASP D 66 18.65 -11.02 -24.44
N ALA D 67 18.93 -9.74 -24.19
CA ALA D 67 18.28 -9.01 -23.09
C ALA D 67 16.79 -8.82 -23.32
N THR D 68 16.35 -9.00 -24.57
CA THR D 68 14.96 -8.85 -24.94
C THR D 68 14.27 -10.17 -25.20
N GLY D 69 14.92 -11.27 -24.84
CA GLY D 69 14.33 -12.59 -25.01
C GLY D 69 14.40 -13.07 -26.45
N ASP D 70 15.22 -12.38 -27.25
CA ASP D 70 15.32 -12.66 -28.68
C ASP D 70 16.42 -13.63 -29.07
N THR D 71 16.11 -14.42 -30.10
CA THR D 71 16.91 -15.53 -30.57
C THR D 71 17.38 -15.21 -31.99
N PRO D 72 18.55 -15.74 -32.40
CA PRO D 72 19.04 -15.63 -33.77
C PRO D 72 17.96 -15.77 -34.85
N LEU D 73 16.98 -16.62 -34.59
CA LEU D 73 15.87 -16.85 -35.51
C LEU D 73 14.93 -15.65 -35.57
N HIS D 74 14.63 -15.07 -34.41
CA HIS D 74 13.85 -13.85 -34.37
C HIS D 74 14.51 -12.76 -35.24
N LEU D 75 15.80 -12.56 -35.00
CA LEU D 75 16.58 -11.51 -35.64
C LEU D 75 16.77 -11.75 -37.12
N ALA D 76 16.72 -13.02 -37.52
CA ALA D 76 16.83 -13.37 -38.93
C ALA D 76 15.50 -13.09 -39.60
N ALA D 77 14.42 -13.35 -38.88
CA ALA D 77 13.07 -13.19 -39.42
C ALA D 77 12.70 -11.73 -39.56
N LYS D 78 13.30 -10.87 -38.73
CA LYS D 78 13.03 -9.44 -38.75
C LYS D 78 13.42 -8.79 -40.08
N TRP D 79 14.30 -9.42 -40.85
CA TRP D 79 14.73 -8.81 -42.11
C TRP D 79 14.45 -9.66 -43.33
N GLY D 80 14.07 -10.92 -43.11
CA GLY D 80 13.65 -11.80 -44.18
C GLY D 80 14.77 -12.61 -44.81
N TYR D 81 15.76 -12.96 -44.02
CA TYR D 81 16.84 -13.76 -44.53
C TYR D 81 16.46 -15.22 -44.60
N LEU D 82 15.87 -15.62 -45.71
CA LEU D 82 15.37 -16.99 -45.88
C LEU D 82 16.50 -18.01 -45.70
N GLY D 83 17.61 -17.74 -46.38
CA GLY D 83 18.75 -18.64 -46.39
C GLY D 83 19.29 -18.95 -45.01
N ILE D 84 19.47 -17.92 -44.20
CA ILE D 84 19.92 -18.10 -42.83
C ILE D 84 18.91 -18.85 -41.99
N VAL D 85 17.65 -18.41 -42.08
CA VAL D 85 16.54 -19.07 -41.40
C VAL D 85 16.56 -20.59 -41.58
N GLU D 86 16.71 -21.04 -42.82
CA GLU D 86 16.66 -22.48 -43.08
C GLU D 86 17.72 -23.30 -42.32
N VAL D 87 18.97 -22.82 -42.29
CA VAL D 87 20.07 -23.54 -41.66
C VAL D 87 19.99 -23.39 -40.14
N LEU D 88 19.51 -22.24 -39.68
CA LEU D 88 19.15 -22.08 -38.28
C LEU D 88 18.14 -23.13 -37.85
N LEU D 89 17.19 -23.43 -38.72
CA LEU D 89 16.17 -24.43 -38.45
C LEU D 89 16.74 -25.84 -38.49
N LYS D 90 17.71 -26.07 -39.38
CA LYS D 90 18.44 -27.34 -39.45
C LYS D 90 19.23 -27.62 -38.17
N TYR D 91 19.77 -26.59 -37.53
CA TYR D 91 20.51 -26.83 -36.31
C TYR D 91 19.61 -26.82 -35.10
N GLY D 92 18.30 -26.86 -35.33
CA GLY D 92 17.34 -27.13 -34.27
C GLY D 92 16.82 -25.96 -33.46
N ALA D 93 16.62 -24.83 -34.12
CA ALA D 93 16.04 -23.64 -33.50
C ALA D 93 14.55 -23.84 -33.19
N ASP D 94 14.10 -23.34 -32.04
CA ASP D 94 12.71 -23.50 -31.61
C ASP D 94 11.82 -22.45 -32.23
N VAL D 95 11.04 -22.85 -33.23
CA VAL D 95 10.25 -21.91 -34.02
C VAL D 95 9.18 -21.19 -33.20
N ASN D 96 8.77 -21.77 -32.07
CA ASN D 96 7.68 -21.21 -31.25
C ASN D 96 8.12 -20.40 -30.05
N ALA D 97 9.41 -20.11 -29.94
CA ALA D 97 9.94 -19.38 -28.79
C ALA D 97 9.47 -17.92 -28.77
N GLN D 98 9.07 -17.43 -27.60
CA GLN D 98 8.55 -16.08 -27.47
C GLN D 98 9.55 -15.15 -26.83
N ASP D 99 9.39 -13.85 -27.05
CA ASP D 99 10.29 -12.86 -26.45
C ASP D 99 9.47 -11.84 -25.68
N LYS D 100 10.14 -10.80 -25.18
CA LYS D 100 9.52 -9.84 -24.26
C LYS D 100 8.37 -9.08 -24.90
N PHE D 101 8.30 -9.10 -26.23
CA PHE D 101 7.16 -8.50 -26.93
C PHE D 101 6.10 -9.54 -27.27
N GLY D 102 6.29 -10.75 -26.78
CA GLY D 102 5.39 -11.85 -27.04
C GLY D 102 5.35 -12.18 -28.50
N LYS D 103 6.51 -12.12 -29.17
CA LYS D 103 6.61 -12.33 -30.61
C LYS D 103 7.18 -13.68 -30.96
N THR D 104 6.59 -14.33 -31.95
CA THR D 104 7.16 -15.54 -32.53
C THR D 104 7.69 -15.20 -33.93
N ALA D 105 8.76 -15.86 -34.36
CA ALA D 105 9.29 -15.72 -35.72
C ALA D 105 8.20 -15.68 -36.76
N PHE D 106 7.18 -16.50 -36.53
CA PHE D 106 5.97 -16.51 -37.34
C PHE D 106 5.21 -15.19 -37.29
N ASP D 107 4.93 -14.72 -36.07
CA ASP D 107 4.20 -13.48 -35.89
C ASP D 107 4.92 -12.35 -36.64
N ILE D 108 6.23 -12.30 -36.46
CA ILE D 108 7.10 -11.38 -37.17
C ILE D 108 6.88 -11.48 -38.66
N SER D 109 6.90 -12.70 -39.19
CA SER D 109 6.74 -12.92 -40.62
C SER D 109 5.43 -12.32 -41.07
N ILE D 110 4.40 -12.43 -40.22
CA ILE D 110 3.09 -11.85 -40.48
C ILE D 110 3.12 -10.30 -40.46
N ASP D 111 3.94 -9.73 -39.56
CA ASP D 111 4.18 -8.30 -39.53
C ASP D 111 4.72 -7.79 -40.84
N ASN D 112 5.70 -8.49 -41.40
CA ASN D 112 6.37 -7.99 -42.59
C ASN D 112 5.68 -8.38 -43.90
N GLY D 113 4.57 -9.10 -43.81
CA GLY D 113 3.87 -9.59 -45.00
C GLY D 113 4.67 -10.51 -45.89
N ASN D 114 5.51 -11.35 -45.28
CA ASN D 114 6.40 -12.27 -45.99
C ASN D 114 5.81 -13.68 -46.03
N GLU D 115 5.35 -14.10 -47.20
CA GLU D 115 4.61 -15.34 -47.32
C GLU D 115 5.51 -16.55 -47.48
N ASP D 116 6.66 -16.36 -48.11
CA ASP D 116 7.62 -17.45 -48.33
C ASP D 116 8.26 -17.91 -47.03
N LEU D 117 8.76 -16.93 -46.29
CA LEU D 117 9.25 -17.14 -44.93
C LEU D 117 8.20 -17.80 -44.08
N ALA D 118 6.98 -17.27 -44.17
CA ALA D 118 5.86 -17.77 -43.41
C ALA D 118 5.61 -19.24 -43.70
N GLU D 119 5.74 -19.65 -44.96
CA GLU D 119 5.48 -21.05 -45.28
C GLU D 119 6.63 -21.96 -44.86
N ILE D 120 7.85 -21.44 -44.89
CA ILE D 120 8.98 -22.18 -44.31
C ILE D 120 8.74 -22.47 -42.84
N LEU D 121 8.55 -21.39 -42.08
CA LEU D 121 8.25 -21.46 -40.67
C LEU D 121 7.10 -22.41 -40.37
N CYS D 122 6.00 -22.23 -41.10
CA CYS D 122 4.80 -23.00 -40.87
C CYS D 122 5.02 -24.48 -41.11
N LYS D 123 5.72 -24.82 -42.19
CA LYS D 123 5.94 -26.22 -42.50
C LYS D 123 6.91 -26.81 -41.50
N ASN D 124 7.70 -25.98 -40.84
CA ASN D 124 8.53 -26.48 -39.73
C ASN D 124 7.74 -26.84 -38.47
N LYS D 125 6.63 -26.12 -38.27
CA LYS D 125 5.82 -26.24 -37.08
C LYS D 125 5.04 -27.53 -37.06
N ALA D 126 4.53 -27.89 -38.24
CA ALA D 126 3.70 -29.08 -38.38
C ALA D 126 4.43 -30.35 -37.91
N GLN D 127 5.75 -30.34 -38.04
CA GLN D 127 6.60 -31.48 -37.73
C GLN D 127 6.77 -31.68 -36.24
N GLN D 128 6.96 -30.58 -35.53
CA GLN D 128 7.06 -30.63 -34.09
C GLN D 128 5.70 -31.03 -33.57
N ALA D 129 4.66 -30.51 -34.23
CA ALA D 129 3.29 -30.88 -33.94
C ALA D 129 3.06 -32.39 -34.08
N ALA D 130 3.64 -32.97 -35.12
CA ALA D 130 3.54 -34.40 -35.35
C ALA D 130 4.22 -35.15 -34.22
N PHE D 131 5.42 -34.72 -33.86
CA PHE D 131 6.15 -35.26 -32.71
C PHE D 131 5.21 -35.34 -31.48
N TYR D 132 4.91 -34.17 -30.93
CA TYR D 132 4.03 -34.05 -29.77
C TYR D 132 2.74 -34.89 -29.90
N CYS D 133 2.22 -34.99 -31.13
CA CYS D 133 0.98 -35.75 -31.39
C CYS D 133 1.18 -37.26 -31.28
N ILE D 134 2.36 -37.71 -31.69
CA ILE D 134 2.73 -39.11 -31.56
C ILE D 134 2.93 -39.45 -30.10
N LEU D 135 3.54 -38.52 -29.38
CA LEU D 135 3.78 -38.71 -27.95
C LEU D 135 2.50 -38.92 -27.13
N HIS D 136 1.35 -38.48 -27.65
CA HIS D 136 0.13 -38.63 -26.89
C HIS D 136 -0.76 -39.74 -27.44
N MET D 137 -0.13 -40.79 -27.93
CA MET D 137 -0.82 -42.03 -28.21
C MET D 137 -0.85 -42.86 -26.96
N PRO D 138 -2.03 -43.11 -26.41
CA PRO D 138 -2.07 -43.83 -25.14
C PRO D 138 -1.89 -45.35 -25.29
N ASN D 139 -2.05 -45.86 -26.50
CA ASN D 139 -1.99 -47.30 -26.75
C ASN D 139 -0.75 -47.72 -27.56
N LEU D 140 0.42 -47.27 -27.12
CA LEU D 140 1.69 -47.68 -27.68
C LEU D 140 2.64 -47.96 -26.51
N ASN D 141 3.73 -48.66 -26.79
CA ASN D 141 4.77 -48.85 -25.79
C ASN D 141 6.00 -48.04 -26.16
N GLU D 142 6.98 -47.99 -25.27
CA GLU D 142 8.14 -47.13 -25.45
C GLU D 142 8.94 -47.50 -26.68
N ALA D 143 8.90 -48.79 -27.05
CA ALA D 143 9.63 -49.24 -28.23
C ALA D 143 9.01 -48.65 -29.50
N GLN D 144 7.67 -48.70 -29.57
CA GLN D 144 6.94 -48.20 -30.73
C GLN D 144 7.09 -46.70 -30.86
N ARG D 145 6.88 -46.01 -29.74
CA ARG D 145 7.08 -44.58 -29.65
C ARG D 145 8.47 -44.19 -30.14
N ASN D 146 9.51 -44.74 -29.52
CA ASN D 146 10.87 -44.39 -29.89
C ASN D 146 11.18 -44.70 -31.35
N GLY D 147 10.64 -45.81 -31.86
CA GLY D 147 10.82 -46.17 -33.25
C GLY D 147 10.27 -45.09 -34.16
N PHE D 148 9.04 -44.66 -33.86
CA PHE D 148 8.40 -43.60 -34.64
C PHE D 148 9.16 -42.28 -34.56
N ILE D 149 9.64 -41.95 -33.36
CA ILE D 149 10.43 -40.74 -33.14
C ILE D 149 11.71 -40.73 -33.98
N GLN D 150 12.53 -41.76 -33.81
CA GLN D 150 13.77 -41.87 -34.57
C GLN D 150 13.50 -41.81 -36.07
N SER D 151 12.44 -42.49 -36.50
CA SER D 151 12.07 -42.47 -37.91
C SER D 151 11.76 -41.05 -38.35
N LEU D 152 11.12 -40.29 -37.47
CA LEU D 152 10.76 -38.90 -37.77
C LEU D 152 11.99 -38.01 -37.91
N LYS D 153 12.90 -38.14 -36.96
CA LYS D 153 14.12 -37.34 -36.97
C LYS D 153 15.05 -37.74 -38.12
N ASP D 154 14.91 -38.96 -38.63
CA ASP D 154 15.71 -39.37 -39.79
C ASP D 154 15.20 -38.70 -41.06
N ASP D 155 13.92 -38.32 -41.08
CA ASP D 155 13.31 -37.75 -42.27
C ASP D 155 12.04 -36.99 -41.89
N PRO D 156 12.17 -35.72 -41.51
CA PRO D 156 11.10 -34.86 -40.99
C PRO D 156 9.95 -34.65 -41.98
N SER D 157 10.28 -34.69 -43.27
CA SER D 157 9.31 -34.47 -44.32
C SER D 157 8.32 -35.61 -44.49
N GLN D 158 8.44 -36.63 -43.64
CA GLN D 158 7.53 -37.77 -43.67
C GLN D 158 6.54 -37.70 -42.52
N SER D 159 6.77 -36.75 -41.60
CA SER D 159 6.02 -36.58 -40.36
C SER D 159 4.59 -37.07 -40.38
N THR D 160 3.83 -36.51 -41.31
CA THR D 160 2.40 -36.78 -41.46
C THR D 160 2.08 -38.26 -41.63
N ASN D 161 2.71 -38.88 -42.62
CA ASN D 161 2.55 -40.31 -42.85
C ASN D 161 2.84 -41.11 -41.58
N VAL D 162 3.95 -40.77 -40.94
CA VAL D 162 4.35 -41.43 -39.72
C VAL D 162 3.22 -41.36 -38.70
N LEU D 163 2.69 -40.15 -38.51
CA LEU D 163 1.56 -39.92 -37.61
C LEU D 163 0.39 -40.83 -37.98
N GLY D 164 0.04 -40.85 -39.27
CA GLY D 164 -1.01 -41.72 -39.77
C GLY D 164 -0.81 -43.15 -39.29
N GLU D 165 0.39 -43.68 -39.54
CA GLU D 165 0.71 -45.04 -39.14
C GLU D 165 0.42 -45.22 -37.66
N ALA D 166 0.95 -44.31 -36.86
CA ALA D 166 0.78 -44.36 -35.42
C ALA D 166 -0.69 -44.54 -35.07
N LYS D 167 -1.55 -43.68 -35.62
CA LYS D 167 -2.99 -43.75 -35.31
C LYS D 167 -3.58 -45.10 -35.67
N LYS D 168 -3.24 -45.57 -36.87
CA LYS D 168 -3.70 -46.88 -37.33
C LYS D 168 -3.40 -47.94 -36.27
N LEU D 169 -2.15 -47.93 -35.82
CA LEU D 169 -1.69 -48.93 -34.86
C LEU D 169 -2.34 -48.70 -33.49
N ASN D 170 -2.56 -47.44 -33.17
CA ASN D 170 -3.10 -47.04 -31.88
C ASN D 170 -4.50 -47.62 -31.70
N GLU D 171 -5.35 -47.40 -32.69
CA GLU D 171 -6.69 -47.93 -32.66
C GLU D 171 -6.68 -49.43 -32.93
N SER D 172 -5.55 -49.95 -33.38
CA SER D 172 -5.44 -51.40 -33.52
C SER D 172 -5.18 -52.06 -32.16
N GLN D 173 -4.49 -51.34 -31.28
CA GLN D 173 -4.02 -51.91 -30.03
C GLN D 173 -4.88 -51.42 -28.86
N ALA D 174 -6.08 -50.96 -29.17
CA ALA D 174 -7.01 -50.48 -28.16
C ALA D 174 -7.31 -51.57 -27.12
N PRO D 175 -7.34 -51.19 -25.83
CA PRO D 175 -7.23 -52.12 -24.70
C PRO D 175 -8.39 -53.11 -24.60
N LYS D 176 -8.29 -54.03 -23.65
CA LYS D 176 -9.28 -55.10 -23.44
C LYS D 176 -9.59 -55.81 -24.75
N SER E 1 -27.53 36.22 21.09
CA SER E 1 -27.69 35.39 22.29
C SER E 1 -29.17 35.17 22.58
N ASP E 2 -29.86 34.62 21.59
CA ASP E 2 -31.30 34.38 21.63
C ASP E 2 -31.69 33.78 20.29
N LEU E 3 -31.15 34.43 19.26
CA LEU E 3 -31.20 33.92 17.91
C LEU E 3 -30.12 32.84 17.84
N GLY E 4 -29.09 33.03 18.67
CA GLY E 4 -27.96 32.12 18.74
C GLY E 4 -28.34 30.75 19.28
N LYS E 5 -29.23 30.71 20.27
CA LYS E 5 -29.69 29.45 20.85
C LYS E 5 -30.48 28.64 19.82
N LYS E 6 -31.22 29.36 18.99
CA LYS E 6 -32.00 28.73 17.94
C LYS E 6 -31.08 28.29 16.83
N LEU E 7 -29.96 28.98 16.70
CA LEU E 7 -28.96 28.56 15.71
C LEU E 7 -28.24 27.26 16.10
N LEU E 8 -27.78 27.21 17.35
CA LEU E 8 -27.22 25.98 17.91
C LEU E 8 -28.18 24.82 17.71
N GLU E 9 -29.45 25.05 18.07
CA GLU E 9 -30.45 23.98 18.05
C GLU E 9 -30.75 23.56 16.62
N ALA E 10 -30.74 24.51 15.70
CA ALA E 10 -31.07 24.20 14.32
C ALA E 10 -29.92 23.46 13.65
N ALA E 11 -28.69 23.74 14.10
CA ALA E 11 -27.50 23.06 13.57
C ALA E 11 -27.41 21.63 14.06
N HIS E 12 -27.64 21.46 15.36
CA HIS E 12 -27.81 20.14 15.98
C HIS E 12 -28.87 19.32 15.26
N ALA E 13 -30.07 19.88 15.12
CA ALA E 13 -31.19 19.16 14.53
C ALA E 13 -30.93 18.71 13.09
N GLY E 14 -30.47 19.63 12.24
CA GLY E 14 -30.17 19.30 10.87
C GLY E 14 -31.11 19.97 9.89
N GLN E 15 -31.67 21.09 10.31
CA GLN E 15 -32.67 21.79 9.53
C GLN E 15 -32.03 22.88 8.69
N ASP E 16 -31.73 22.55 7.44
CA ASP E 16 -31.05 23.44 6.49
C ASP E 16 -31.65 24.83 6.36
N ASP E 17 -32.78 24.91 5.67
CA ASP E 17 -33.35 26.20 5.29
C ASP E 17 -33.64 27.03 6.51
N GLU E 18 -34.03 26.40 7.61
CA GLU E 18 -34.16 27.10 8.88
C GLU E 18 -32.87 27.83 9.24
N VAL E 19 -31.72 27.20 8.98
CA VAL E 19 -30.44 27.82 9.24
C VAL E 19 -30.19 28.93 8.23
N ARG E 20 -30.47 28.69 6.96
CA ARG E 20 -30.24 29.75 5.98
C ARG E 20 -31.06 30.98 6.33
N ILE E 21 -32.26 30.75 6.88
CA ILE E 21 -33.17 31.80 7.35
C ILE E 21 -32.54 32.53 8.53
N LEU E 22 -32.18 31.77 9.57
CA LEU E 22 -31.56 32.34 10.77
C LEU E 22 -30.34 33.17 10.41
N MET E 23 -29.63 32.76 9.38
CA MET E 23 -28.43 33.45 8.95
C MET E 23 -28.76 34.74 8.23
N ALA E 24 -29.62 34.63 7.23
CA ALA E 24 -30.11 35.79 6.50
C ALA E 24 -30.59 36.89 7.45
N ASN E 25 -31.28 36.48 8.51
CA ASN E 25 -31.77 37.42 9.50
C ASN E 25 -30.67 37.90 10.45
N GLY E 26 -29.43 37.52 10.16
CA GLY E 26 -28.29 38.01 10.90
C GLY E 26 -27.99 37.41 12.27
N ALA E 27 -28.02 36.08 12.37
CA ALA E 27 -27.69 35.42 13.63
C ALA E 27 -26.18 35.25 13.75
N ASP E 28 -25.67 35.34 14.96
CA ASP E 28 -24.25 35.18 15.24
C ASP E 28 -23.78 33.77 14.87
N VAL E 29 -22.96 33.67 13.83
CA VAL E 29 -22.49 32.36 13.34
C VAL E 29 -21.50 31.73 14.33
N ASN E 30 -20.98 32.54 15.24
CA ASN E 30 -20.02 32.06 16.22
C ASN E 30 -20.53 32.09 17.65
N ALA E 31 -21.75 31.60 17.87
CA ALA E 31 -22.33 31.55 19.20
C ALA E 31 -21.97 30.25 19.92
N MET E 32 -21.97 30.25 21.25
CA MET E 32 -21.59 29.05 22.00
C MET E 32 -22.30 28.90 23.35
N ASP E 33 -22.54 27.64 23.75
CA ASP E 33 -23.13 27.34 25.05
C ASP E 33 -22.07 27.42 26.15
N ASN E 34 -22.36 26.90 27.34
CA ASN E 34 -21.41 26.99 28.43
C ASN E 34 -20.23 25.99 28.26
N PHE E 35 -20.21 25.27 27.16
CA PHE E 35 -19.10 24.36 26.87
C PHE E 35 -18.30 24.79 25.62
N GLY E 36 -18.45 26.05 25.23
CA GLY E 36 -17.72 26.61 24.11
C GLY E 36 -17.96 25.94 22.77
N VAL E 37 -19.14 25.32 22.65
CA VAL E 37 -19.54 24.63 21.44
C VAL E 37 -20.26 25.57 20.48
N THR E 38 -19.73 25.72 19.28
CA THR E 38 -20.33 26.57 18.26
C THR E 38 -21.18 25.75 17.30
N PRO E 39 -22.04 26.42 16.48
CA PRO E 39 -22.85 25.69 15.50
C PRO E 39 -22.05 24.81 14.55
N LEU E 40 -20.83 25.24 14.24
CA LEU E 40 -19.91 24.47 13.37
C LEU E 40 -19.54 23.14 14.04
N HIS E 41 -19.32 23.15 15.34
CA HIS E 41 -19.11 21.93 16.09
C HIS E 41 -20.27 20.95 15.96
N LEU E 42 -21.49 21.41 16.25
CA LEU E 42 -22.70 20.58 16.17
C LEU E 42 -22.95 20.01 14.78
N ALA E 43 -22.72 20.84 13.77
CA ALA E 43 -22.95 20.42 12.40
C ALA E 43 -21.87 19.46 11.91
N ALA E 44 -20.69 19.52 12.54
CA ALA E 44 -19.61 18.58 12.23
C ALA E 44 -19.84 17.24 12.89
N TYR E 45 -20.00 17.29 14.21
CA TYR E 45 -20.36 16.14 15.04
C TYR E 45 -21.53 15.30 14.49
N TRP E 46 -22.59 15.96 14.03
CA TRP E 46 -23.83 15.26 13.71
C TRP E 46 -24.02 14.96 12.24
N GLY E 47 -23.01 15.21 11.42
CA GLY E 47 -23.03 14.74 10.06
C GLY E 47 -23.79 15.54 9.03
N HIS E 48 -23.97 16.85 9.25
CA HIS E 48 -24.72 17.69 8.31
C HIS E 48 -23.77 18.54 7.47
N PHE E 49 -23.46 18.08 6.26
CA PHE E 49 -22.46 18.74 5.39
C PHE E 49 -22.90 20.06 4.76
N GLU E 50 -24.18 20.12 4.38
CA GLU E 50 -24.77 21.30 3.78
C GLU E 50 -24.68 22.48 4.74
N ILE E 51 -25.12 22.23 5.97
CA ILE E 51 -25.08 23.22 7.05
C ILE E 51 -23.66 23.66 7.39
N VAL E 52 -22.71 22.74 7.23
CA VAL E 52 -21.30 23.06 7.40
C VAL E 52 -20.84 24.03 6.33
N GLU E 53 -21.19 23.75 5.08
CA GLU E 53 -20.87 24.69 4.01
C GLU E 53 -21.48 26.07 4.22
N VAL E 54 -22.73 26.12 4.65
CA VAL E 54 -23.35 27.42 4.94
C VAL E 54 -22.61 28.18 6.03
N LEU E 55 -22.35 27.51 7.15
CA LEU E 55 -21.73 28.18 8.29
C LEU E 55 -20.35 28.66 7.92
N LEU E 56 -19.63 27.83 7.19
CA LEU E 56 -18.29 28.16 6.74
C LEU E 56 -18.35 29.39 5.86
N LYS E 57 -19.25 29.36 4.87
CA LYS E 57 -19.43 30.46 3.92
C LYS E 57 -19.77 31.77 4.62
N TYR E 58 -20.49 31.66 5.72
CA TYR E 58 -20.85 32.86 6.47
C TYR E 58 -19.72 33.28 7.41
N GLY E 59 -18.60 32.56 7.37
CA GLY E 59 -17.41 32.96 8.10
C GLY E 59 -17.21 32.40 9.50
N ALA E 60 -17.66 31.16 9.74
CA ALA E 60 -17.51 30.51 11.04
C ALA E 60 -16.03 30.23 11.35
N ASP E 61 -15.59 30.45 12.59
CA ASP E 61 -14.22 30.15 12.99
C ASP E 61 -14.01 28.64 12.87
N VAL E 62 -13.10 28.27 11.97
CA VAL E 62 -12.89 26.88 11.60
C VAL E 62 -11.97 26.16 12.62
N ASN E 63 -11.17 26.92 13.34
CA ASN E 63 -10.38 26.33 14.41
C ASN E 63 -10.88 26.76 15.79
N ALA E 64 -12.14 26.49 16.05
CA ALA E 64 -12.73 26.82 17.36
C ALA E 64 -12.60 25.63 18.30
N SER E 65 -12.09 25.90 19.49
CA SER E 65 -11.87 24.85 20.47
C SER E 65 -12.88 24.90 21.58
N ASP E 66 -13.55 23.79 21.87
CA ASP E 66 -14.53 23.79 22.93
C ASP E 66 -13.87 23.45 24.23
N ALA E 67 -14.67 23.06 25.22
CA ALA E 67 -14.18 22.89 26.59
C ALA E 67 -13.16 21.77 26.74
N THR E 68 -13.10 20.88 25.75
CA THR E 68 -12.14 19.77 25.75
C THR E 68 -11.00 19.98 24.76
N GLY E 69 -10.85 21.19 24.24
CA GLY E 69 -9.78 21.50 23.32
C GLY E 69 -10.05 20.99 21.92
N ASP E 70 -11.30 20.58 21.66
CA ASP E 70 -11.64 19.95 20.39
C ASP E 70 -12.18 20.91 19.35
N THR E 71 -11.82 20.59 18.12
CA THR E 71 -12.06 21.38 16.93
C THR E 71 -13.04 20.64 16.03
N PRO E 72 -13.86 21.37 15.24
CA PRO E 72 -14.72 20.79 14.20
C PRO E 72 -14.10 19.61 13.44
N LEU E 73 -12.79 19.68 13.20
CA LEU E 73 -12.06 18.63 12.50
C LEU E 73 -11.93 17.38 13.37
N HIS E 74 -11.66 17.57 14.65
CA HIS E 74 -11.63 16.44 15.57
C HIS E 74 -12.94 15.68 15.56
N LEU E 75 -14.02 16.45 15.69
CA LEU E 75 -15.38 15.94 15.79
C LEU E 75 -15.90 15.36 14.49
N ALA E 76 -15.37 15.83 13.36
CA ALA E 76 -15.68 15.23 12.07
C ALA E 76 -14.93 13.90 11.91
N ALA E 77 -13.70 13.84 12.40
CA ALA E 77 -12.89 12.66 12.29
C ALA E 77 -13.37 11.52 13.18
N LYS E 78 -14.03 11.87 14.28
CA LYS E 78 -14.53 10.89 15.24
C LYS E 78 -15.57 9.95 14.61
N TRP E 79 -16.19 10.37 13.52
CA TRP E 79 -17.24 9.55 12.91
C TRP E 79 -16.95 9.16 11.47
N GLY E 80 -15.94 9.78 10.87
CA GLY E 80 -15.49 9.35 9.57
C GLY E 80 -16.16 10.07 8.43
N TYR E 81 -16.52 11.33 8.66
CA TYR E 81 -17.17 12.15 7.64
C TYR E 81 -16.14 12.73 6.70
N LEU E 82 -15.81 11.97 5.67
CA LEU E 82 -14.76 12.34 4.73
C LEU E 82 -15.11 13.67 4.04
N GLY E 83 -16.34 13.74 3.55
CA GLY E 83 -16.84 14.90 2.83
C GLY E 83 -16.69 16.20 3.58
N ILE E 84 -17.07 16.20 4.85
CA ILE E 84 -16.95 17.36 5.71
C ILE E 84 -15.49 17.70 5.99
N VAL E 85 -14.71 16.68 6.36
CA VAL E 85 -13.27 16.83 6.59
C VAL E 85 -12.57 17.59 5.45
N GLU E 86 -12.86 17.21 4.21
CA GLU E 86 -12.19 17.82 3.06
C GLU E 86 -12.40 19.32 2.99
N VAL E 87 -13.62 19.79 3.27
CA VAL E 87 -13.96 21.21 3.08
C VAL E 87 -13.51 21.99 4.31
N LEU E 88 -13.53 21.32 5.45
CA LEU E 88 -12.89 21.86 6.64
C LEU E 88 -11.40 22.11 6.40
N LEU E 89 -10.76 21.22 5.65
CA LEU E 89 -9.34 21.38 5.31
C LEU E 89 -9.12 22.49 4.29
N LYS E 90 -10.07 22.65 3.37
CA LYS E 90 -10.03 23.75 2.40
C LYS E 90 -10.16 25.13 3.04
N TYR E 91 -10.91 25.24 4.13
CA TYR E 91 -11.01 26.52 4.85
C TYR E 91 -9.90 26.70 5.88
N GLY E 92 -8.89 25.83 5.84
CA GLY E 92 -7.66 26.03 6.57
C GLY E 92 -7.60 25.53 7.99
N ALA E 93 -8.25 24.39 8.27
CA ALA E 93 -8.17 23.77 9.58
C ALA E 93 -6.77 23.22 9.85
N ASP E 94 -6.31 23.34 11.09
CA ASP E 94 -4.97 22.85 11.49
C ASP E 94 -5.00 21.37 11.79
N VAL E 95 -4.48 20.57 10.87
CA VAL E 95 -4.50 19.12 10.99
C VAL E 95 -3.75 18.58 12.21
N ASN E 96 -2.82 19.36 12.76
CA ASN E 96 -1.97 18.88 13.86
C ASN E 96 -2.35 19.38 15.25
N ALA E 97 -3.49 20.03 15.37
CA ALA E 97 -3.91 20.58 16.65
C ALA E 97 -4.25 19.49 17.65
N GLN E 98 -3.82 19.65 18.89
CA GLN E 98 -4.10 18.66 19.93
C GLN E 98 -5.20 19.10 20.88
N ASP E 99 -5.83 18.14 21.55
CA ASP E 99 -6.81 18.45 22.57
C ASP E 99 -6.44 17.87 23.95
N LYS E 100 -7.35 17.97 24.91
CA LYS E 100 -7.05 17.59 26.30
C LYS E 100 -6.70 16.11 26.45
N PHE E 101 -7.02 15.30 25.44
CA PHE E 101 -6.64 13.89 25.45
C PHE E 101 -5.40 13.68 24.63
N GLY E 102 -4.81 14.78 24.18
CA GLY E 102 -3.60 14.69 23.39
C GLY E 102 -3.85 13.96 22.09
N LYS E 103 -4.96 14.28 21.45
CA LYS E 103 -5.37 13.58 20.24
C LYS E 103 -5.26 14.50 19.05
N THR E 104 -4.78 13.95 17.95
CA THR E 104 -4.80 14.62 16.66
C THR E 104 -5.81 13.89 15.79
N ALA E 105 -6.46 14.62 14.89
CA ALA E 105 -7.38 14.06 13.90
C ALA E 105 -6.85 12.78 13.27
N PHE E 106 -5.53 12.78 13.04
CA PHE E 106 -4.82 11.62 12.58
C PHE E 106 -4.88 10.48 13.58
N ASP E 107 -4.50 10.76 14.82
CA ASP E 107 -4.49 9.74 15.86
C ASP E 107 -5.86 9.09 15.94
N ILE E 108 -6.90 9.93 15.98
CA ILE E 108 -8.29 9.48 15.91
C ILE E 108 -8.53 8.54 14.73
N SER E 109 -8.07 8.94 13.54
CA SER E 109 -8.25 8.11 12.36
C SER E 109 -7.62 6.73 12.57
N ILE E 110 -6.50 6.71 13.29
CA ILE E 110 -5.82 5.48 13.61
C ILE E 110 -6.62 4.66 14.63
N ASP E 111 -7.30 5.34 15.54
CA ASP E 111 -8.21 4.69 16.48
C ASP E 111 -9.31 3.95 15.78
N ASN E 112 -9.92 4.59 14.79
CA ASN E 112 -11.07 3.98 14.11
C ASN E 112 -10.72 3.03 12.96
N GLY E 113 -9.43 2.87 12.68
CA GLY E 113 -8.99 2.00 11.61
C GLY E 113 -9.38 2.50 10.24
N ASN E 114 -9.48 3.81 10.07
CA ASN E 114 -9.96 4.42 8.82
C ASN E 114 -8.82 4.83 7.91
N GLU E 115 -8.60 4.10 6.83
CA GLU E 115 -7.40 4.32 6.04
C GLU E 115 -7.53 5.42 5.02
N ASP E 116 -8.75 5.63 4.53
CA ASP E 116 -9.04 6.65 3.54
C ASP E 116 -8.93 8.05 4.16
N LEU E 117 -9.55 8.20 5.32
CA LEU E 117 -9.44 9.41 6.10
C LEU E 117 -7.99 9.70 6.44
N ALA E 118 -7.31 8.63 6.89
CA ALA E 118 -5.92 8.73 7.24
C ALA E 118 -5.07 9.22 6.09
N GLU E 119 -5.33 8.74 4.87
CA GLU E 119 -4.55 9.22 3.74
C GLU E 119 -4.88 10.66 3.34
N ILE E 120 -6.14 11.06 3.49
CA ILE E 120 -6.50 12.47 3.29
C ILE E 120 -5.71 13.37 4.22
N LEU E 121 -5.84 13.08 5.51
CA LEU E 121 -5.15 13.80 6.57
C LEU E 121 -3.67 13.86 6.31
N CYS E 122 -3.11 12.69 6.05
CA CYS E 122 -1.67 12.55 5.85
C CYS E 122 -1.19 13.38 4.68
N LYS E 123 -1.89 13.30 3.56
CA LYS E 123 -1.45 14.07 2.41
C LYS E 123 -1.61 15.56 2.63
N ASN E 124 -2.45 15.93 3.59
CA ASN E 124 -2.55 17.34 3.97
C ASN E 124 -1.37 17.85 4.78
N LYS E 125 -0.77 16.95 5.56
CA LYS E 125 0.30 17.28 6.49
C LYS E 125 1.59 17.60 5.78
N ALA E 126 1.83 16.88 4.69
CA ALA E 126 3.03 17.02 3.89
C ALA E 126 3.21 18.45 3.37
N GLN E 127 2.09 19.13 3.19
CA GLN E 127 2.06 20.46 2.59
C GLN E 127 2.47 21.54 3.58
N GLN E 128 1.95 21.43 4.80
CA GLN E 128 2.34 22.32 5.88
C GLN E 128 3.83 22.07 6.14
N ALA E 129 4.23 20.80 6.07
CA ALA E 129 5.62 20.41 6.24
C ALA E 129 6.50 21.11 5.21
N ALA E 130 6.00 21.19 3.97
CA ALA E 130 6.71 21.84 2.88
C ALA E 130 6.87 23.32 3.15
N PHE E 131 5.78 23.93 3.61
CA PHE E 131 5.83 25.30 4.09
C PHE E 131 6.99 25.54 5.07
N TYR E 132 6.87 24.95 6.26
CA TYR E 132 7.86 25.05 7.35
C TYR E 132 9.29 24.74 6.86
N CYS E 133 9.41 23.79 5.93
CA CYS E 133 10.72 23.40 5.37
C CYS E 133 11.30 24.47 4.47
N ILE E 134 10.45 25.16 3.73
CA ILE E 134 10.89 26.26 2.91
C ILE E 134 11.31 27.40 3.81
N LEU E 135 10.62 27.55 4.94
CA LEU E 135 10.90 28.65 5.87
C LEU E 135 12.27 28.51 6.49
N HIS E 136 12.78 27.28 6.53
CA HIS E 136 14.13 27.12 7.08
C HIS E 136 15.26 27.00 6.05
N MET E 137 15.12 27.72 4.95
CA MET E 137 16.22 27.91 4.01
C MET E 137 17.04 29.10 4.43
N PRO E 138 18.29 28.88 4.82
CA PRO E 138 19.04 30.01 5.36
C PRO E 138 19.57 30.91 4.26
N ASN E 139 19.62 30.42 3.02
CA ASN E 139 20.23 31.18 1.93
C ASN E 139 19.20 31.67 0.91
N LEU E 140 18.16 32.33 1.41
CA LEU E 140 17.16 32.99 0.58
C LEU E 140 16.87 34.36 1.19
N ASN E 141 16.24 35.25 0.42
CA ASN E 141 15.77 36.52 0.96
C ASN E 141 14.26 36.51 1.07
N GLU E 142 13.72 37.54 1.68
CA GLU E 142 12.28 37.59 1.95
C GLU E 142 11.44 37.57 0.69
N ALA E 143 11.99 38.12 -0.39
CA ALA E 143 11.30 38.13 -1.68
C ALA E 143 11.13 36.71 -2.20
N GLN E 144 12.21 35.95 -2.17
CA GLN E 144 12.22 34.59 -2.65
C GLN E 144 11.32 33.72 -1.81
N ARG E 145 11.48 33.83 -0.50
CA ARG E 145 10.64 33.11 0.45
C ARG E 145 9.17 33.36 0.20
N ASN E 146 8.78 34.63 0.20
CA ASN E 146 7.37 35.01 0.00
C ASN E 146 6.84 34.55 -1.34
N GLY E 147 7.66 34.65 -2.37
CA GLY E 147 7.30 34.14 -3.68
C GLY E 147 6.94 32.67 -3.65
N PHE E 148 7.81 31.85 -3.07
CA PHE E 148 7.58 30.42 -2.92
C PHE E 148 6.34 30.11 -2.07
N ILE E 149 6.14 30.89 -1.00
CA ILE E 149 4.94 30.75 -0.15
C ILE E 149 3.63 31.00 -0.92
N GLN E 150 3.53 32.17 -1.54
CA GLN E 150 2.36 32.53 -2.31
C GLN E 150 2.11 31.51 -3.42
N SER E 151 3.17 31.09 -4.08
CA SER E 151 3.03 30.03 -5.08
C SER E 151 2.46 28.75 -4.45
N LEU E 152 2.85 28.45 -3.22
CA LEU E 152 2.39 27.24 -2.55
C LEU E 152 0.92 27.32 -2.23
N LYS E 153 0.51 28.46 -1.67
CA LYS E 153 -0.90 28.66 -1.33
C LYS E 153 -1.77 28.76 -2.56
N ASP E 154 -1.22 29.14 -3.70
CA ASP E 154 -2.01 29.16 -4.93
C ASP E 154 -2.30 27.76 -5.45
N ASP E 155 -1.49 26.80 -5.06
CA ASP E 155 -1.61 25.42 -5.55
C ASP E 155 -0.82 24.48 -4.65
N PRO E 156 -1.47 24.01 -3.59
CA PRO E 156 -0.87 23.19 -2.54
C PRO E 156 -0.32 21.88 -3.06
N SER E 157 -0.98 21.33 -4.08
CA SER E 157 -0.60 20.05 -4.63
C SER E 157 0.74 20.06 -5.36
N GLN E 158 1.40 21.22 -5.41
CA GLN E 158 2.71 21.35 -6.05
C GLN E 158 3.84 21.44 -5.01
N SER E 159 3.44 21.53 -3.73
CA SER E 159 4.34 21.71 -2.59
C SER E 159 5.73 21.13 -2.80
N THR E 160 5.79 19.82 -3.02
CA THR E 160 7.06 19.11 -3.18
C THR E 160 8.00 19.73 -4.22
N ASN E 161 7.53 19.84 -5.46
CA ASN E 161 8.28 20.50 -6.52
C ASN E 161 8.80 21.83 -6.04
N VAL E 162 7.92 22.62 -5.42
CA VAL E 162 8.27 23.95 -4.98
C VAL E 162 9.45 23.84 -4.05
N LEU E 163 9.35 22.90 -3.10
CA LEU E 163 10.42 22.67 -2.14
C LEU E 163 11.72 22.33 -2.88
N GLY E 164 11.62 21.40 -3.82
CA GLY E 164 12.75 21.03 -4.65
C GLY E 164 13.42 22.28 -5.16
N GLU E 165 12.64 23.16 -5.80
CA GLU E 165 13.19 24.35 -6.41
C GLU E 165 13.97 25.14 -5.38
N ALA E 166 13.36 25.33 -4.23
CA ALA E 166 13.98 26.10 -3.16
C ALA E 166 15.37 25.57 -2.85
N LYS E 167 15.46 24.26 -2.63
CA LYS E 167 16.74 23.66 -2.28
C LYS E 167 17.76 23.95 -3.37
N LYS E 168 17.37 23.73 -4.63
CA LYS E 168 18.24 23.96 -5.76
C LYS E 168 18.83 25.35 -5.67
N LEU E 169 17.97 26.31 -5.37
CA LEU E 169 18.38 27.70 -5.36
C LEU E 169 19.19 27.95 -4.11
N ASN E 170 18.82 27.27 -3.02
CA ASN E 170 19.46 27.46 -1.73
C ASN E 170 20.95 27.15 -1.80
N GLU E 171 21.26 25.96 -2.30
CA GLU E 171 22.62 25.55 -2.49
C GLU E 171 23.28 26.26 -3.64
N SER E 172 22.51 27.02 -4.39
CA SER E 172 23.08 27.83 -5.47
C SER E 172 23.59 29.16 -4.90
N GLN E 173 22.94 29.60 -3.83
CA GLN E 173 23.22 30.91 -3.26
C GLN E 173 24.01 30.79 -1.97
N ALA E 174 24.68 29.66 -1.81
CA ALA E 174 25.52 29.41 -0.63
C ALA E 174 26.60 30.48 -0.50
N PRO E 175 26.83 30.96 0.75
CA PRO E 175 27.52 32.22 1.01
C PRO E 175 28.99 32.24 0.58
N LYS E 176 29.64 33.39 0.75
CA LYS E 176 31.02 33.56 0.32
C LYS E 176 31.21 33.06 -1.11
N SER F 1 12.84 21.93 -42.99
CA SER F 1 13.56 20.72 -43.37
C SER F 1 15.01 21.01 -43.72
N ASP F 2 15.73 21.54 -42.73
CA ASP F 2 17.13 21.93 -42.86
C ASP F 2 17.53 22.55 -41.52
N LEU F 3 16.64 23.40 -41.03
CA LEU F 3 16.69 23.93 -39.67
C LEU F 3 16.15 22.82 -38.78
N GLY F 4 15.28 22.00 -39.37
CA GLY F 4 14.67 20.88 -38.68
C GLY F 4 15.66 19.81 -38.30
N LYS F 5 16.62 19.52 -39.17
CA LYS F 5 17.66 18.52 -38.92
C LYS F 5 18.54 18.94 -37.74
N LYS F 6 18.86 20.22 -37.70
CA LYS F 6 19.61 20.81 -36.62
C LYS F 6 18.81 20.82 -35.35
N LEU F 7 17.49 20.91 -35.48
CA LEU F 7 16.63 20.87 -34.30
C LEU F 7 16.60 19.47 -33.70
N LEU F 8 16.39 18.44 -34.53
CA LEU F 8 16.47 17.06 -34.08
C LEU F 8 17.80 16.81 -33.38
N GLU F 9 18.89 17.24 -34.03
CA GLU F 9 20.24 17.00 -33.50
C GLU F 9 20.50 17.75 -32.20
N ALA F 10 19.93 18.94 -32.07
CA ALA F 10 20.14 19.75 -30.86
C ALA F 10 19.32 19.21 -29.70
N ALA F 11 18.18 18.60 -30.03
CA ALA F 11 17.31 17.96 -29.03
C ALA F 11 17.92 16.68 -28.48
N HIS F 12 18.36 15.83 -29.40
CA HIS F 12 19.16 14.66 -29.08
C HIS F 12 20.37 15.01 -28.20
N ALA F 13 21.18 15.96 -28.63
CA ALA F 13 22.41 16.32 -27.91
C ALA F 13 22.14 16.81 -26.48
N GLY F 14 21.22 17.76 -26.34
CA GLY F 14 20.87 18.28 -25.03
C GLY F 14 21.27 19.73 -24.85
N GLN F 15 21.39 20.44 -25.97
CA GLN F 15 21.88 21.82 -25.96
C GLN F 15 20.73 22.80 -25.90
N ASP F 16 20.43 23.26 -24.69
CA ASP F 16 19.30 24.15 -24.41
C ASP F 16 19.22 25.38 -25.28
N ASP F 17 20.09 26.34 -24.97
CA ASP F 17 19.99 27.65 -25.59
C ASP F 17 20.07 27.56 -27.08
N GLU F 18 20.82 26.59 -27.60
CA GLU F 18 20.84 26.31 -29.03
C GLU F 18 19.43 26.02 -29.56
N VAL F 19 18.64 25.30 -28.78
CA VAL F 19 17.26 25.03 -29.16
C VAL F 19 16.42 26.29 -29.04
N ARG F 20 16.57 27.04 -27.95
CA ARG F 20 15.80 28.28 -27.83
C ARG F 20 16.08 29.24 -28.98
N ILE F 21 17.32 29.22 -29.46
CA ILE F 21 17.77 29.96 -30.63
C ILE F 21 17.09 29.46 -31.90
N LEU F 22 17.24 28.17 -32.16
CA LEU F 22 16.62 27.51 -33.31
C LEU F 22 15.11 27.78 -33.39
N MET F 23 14.48 27.81 -32.22
CA MET F 23 13.06 28.08 -32.10
C MET F 23 12.72 29.53 -32.41
N ALA F 24 13.39 30.44 -31.72
CA ALA F 24 13.21 31.87 -31.95
C ALA F 24 13.36 32.21 -33.44
N ASN F 25 14.29 31.54 -34.13
CA ASN F 25 14.47 31.74 -35.56
C ASN F 25 13.45 31.02 -36.39
N GLY F 26 12.47 30.41 -35.74
CA GLY F 26 11.35 29.80 -36.43
C GLY F 26 11.61 28.45 -37.06
N ALA F 27 12.16 27.50 -36.30
CA ALA F 27 12.30 26.13 -36.78
C ALA F 27 11.03 25.32 -36.48
N ASP F 28 10.70 24.41 -37.39
CA ASP F 28 9.54 23.53 -37.27
C ASP F 28 9.64 22.63 -36.04
N VAL F 29 8.81 22.91 -35.04
CA VAL F 29 8.87 22.16 -33.78
C VAL F 29 8.40 20.72 -34.00
N ASN F 30 7.71 20.48 -35.11
CA ASN F 30 7.20 19.14 -35.40
C ASN F 30 7.87 18.45 -36.59
N ALA F 31 9.19 18.54 -36.67
CA ALA F 31 9.93 17.88 -37.75
C ALA F 31 10.26 16.41 -37.40
N MET F 32 10.49 15.57 -38.41
CA MET F 32 10.74 14.15 -38.17
C MET F 32 11.63 13.47 -39.23
N ASP F 33 12.43 12.50 -38.79
CA ASP F 33 13.29 11.74 -39.68
C ASP F 33 12.47 10.67 -40.41
N ASN F 34 13.14 9.71 -41.05
CA ASN F 34 12.41 8.70 -41.80
C ASN F 34 11.72 7.70 -40.87
N PHE F 35 11.85 7.90 -39.56
CA PHE F 35 11.22 7.02 -38.60
C PHE F 35 10.15 7.75 -37.79
N GLY F 36 9.69 8.89 -38.29
CA GLY F 36 8.63 9.66 -37.67
C GLY F 36 8.95 10.14 -36.26
N VAL F 37 10.22 10.30 -35.98
CA VAL F 37 10.70 10.77 -34.68
C VAL F 37 10.78 12.31 -34.66
N THR F 38 10.07 12.92 -33.72
CA THR F 38 10.10 14.36 -33.58
C THR F 38 11.09 14.78 -32.49
N PRO F 39 11.43 16.07 -32.41
CA PRO F 39 12.30 16.56 -31.34
C PRO F 39 11.81 16.24 -29.92
N LEU F 40 10.50 16.22 -29.73
CA LEU F 40 9.90 15.87 -28.45
C LEU F 40 10.21 14.43 -28.06
N HIS F 41 10.20 13.54 -29.05
CA HIS F 41 10.65 12.17 -28.85
C HIS F 41 12.07 12.11 -28.32
N LEU F 42 13.02 12.74 -29.03
CA LEU F 42 14.44 12.72 -28.65
C LEU F 42 14.67 13.31 -27.26
N ALA F 43 13.99 14.41 -26.98
CA ALA F 43 14.18 15.09 -25.71
C ALA F 43 13.53 14.31 -24.57
N ALA F 44 12.53 13.49 -24.90
CA ALA F 44 11.91 12.61 -23.90
C ALA F 44 12.82 11.41 -23.61
N TYR F 45 13.18 10.69 -24.67
CA TYR F 45 14.06 9.52 -24.64
C TYR F 45 15.34 9.80 -23.91
N TRP F 46 15.95 10.96 -24.17
CA TRP F 46 17.29 11.22 -23.66
C TRP F 46 17.38 12.03 -22.36
N GLY F 47 16.24 12.34 -21.77
CA GLY F 47 16.20 12.86 -20.41
C GLY F 47 16.43 14.35 -20.24
N HIS F 48 16.13 15.13 -21.26
CA HIS F 48 16.32 16.57 -21.18
C HIS F 48 14.99 17.29 -20.89
N PHE F 49 14.73 17.63 -19.64
CA PHE F 49 13.42 18.15 -19.22
C PHE F 49 13.18 19.59 -19.66
N GLU F 50 14.22 20.40 -19.58
CA GLU F 50 14.15 21.80 -19.95
C GLU F 50 13.70 21.93 -21.40
N ILE F 51 14.38 21.19 -22.26
CA ILE F 51 14.10 21.16 -23.70
C ILE F 51 12.68 20.66 -23.99
N VAL F 52 12.19 19.75 -23.16
CA VAL F 52 10.82 19.26 -23.29
C VAL F 52 9.86 20.40 -23.00
N GLU F 53 10.12 21.15 -21.92
CA GLU F 53 9.28 22.29 -21.60
C GLU F 53 9.24 23.32 -22.73
N VAL F 54 10.40 23.64 -23.29
CA VAL F 54 10.47 24.55 -24.42
C VAL F 54 9.65 24.04 -25.60
N LEU F 55 9.89 22.80 -25.99
CA LEU F 55 9.22 22.28 -27.18
C LEU F 55 7.71 22.24 -26.97
N LEU F 56 7.31 21.86 -25.78
CA LEU F 56 5.91 21.79 -25.42
C LEU F 56 5.29 23.18 -25.51
N LYS F 57 5.97 24.16 -24.91
CA LYS F 57 5.52 25.55 -24.89
C LYS F 57 5.39 26.10 -26.30
N TYR F 58 6.25 25.64 -27.20
CA TYR F 58 6.18 26.10 -28.58
C TYR F 58 5.12 25.33 -29.35
N GLY F 59 4.41 24.43 -28.67
CA GLY F 59 3.29 23.71 -29.27
C GLY F 59 3.58 22.42 -30.00
N ALA F 60 4.51 21.62 -29.48
CA ALA F 60 4.82 20.31 -30.06
C ALA F 60 3.69 19.29 -29.84
N ASP F 61 3.42 18.46 -30.85
CA ASP F 61 2.34 17.48 -30.75
C ASP F 61 2.72 16.45 -29.71
N VAL F 62 1.96 16.41 -28.64
CA VAL F 62 2.32 15.64 -27.46
C VAL F 62 1.97 14.15 -27.62
N ASN F 63 1.08 13.86 -28.55
CA ASN F 63 0.74 12.48 -28.83
C ASN F 63 1.20 12.13 -30.22
N ALA F 64 2.48 12.31 -30.49
CA ALA F 64 3.05 11.95 -31.78
C ALA F 64 3.56 10.53 -31.74
N SER F 65 3.17 9.73 -32.72
CA SER F 65 3.57 8.34 -32.80
C SER F 65 4.69 8.13 -33.84
N ASP F 66 5.78 7.46 -33.47
CA ASP F 66 6.81 7.19 -34.45
C ASP F 66 6.55 5.86 -35.12
N ALA F 67 7.56 5.30 -35.78
CA ALA F 67 7.39 4.13 -36.63
C ALA F 67 6.96 2.89 -35.86
N THR F 68 7.13 2.91 -34.54
CA THR F 68 6.76 1.78 -33.68
C THR F 68 5.50 2.06 -32.88
N GLY F 69 4.81 3.13 -33.23
CA GLY F 69 3.57 3.48 -32.55
C GLY F 69 3.80 4.10 -31.19
N ASP F 70 5.04 4.52 -30.95
CA ASP F 70 5.43 5.01 -29.65
C ASP F 70 5.33 6.51 -29.54
N THR F 71 4.96 6.94 -28.34
CA THR F 71 4.68 8.33 -27.97
C THR F 71 5.72 8.83 -26.96
N PRO F 72 6.03 10.14 -26.97
CA PRO F 72 6.90 10.75 -25.95
C PRO F 72 6.72 10.20 -24.53
N LEU F 73 5.49 9.84 -24.17
CA LEU F 73 5.19 9.31 -22.87
C LEU F 73 5.72 7.89 -22.68
N HIS F 74 5.59 7.07 -23.72
CA HIS F 74 6.18 5.72 -23.72
C HIS F 74 7.67 5.81 -23.46
N LEU F 75 8.32 6.69 -24.22
CA LEU F 75 9.77 6.83 -24.23
C LEU F 75 10.28 7.45 -22.96
N ALA F 76 9.45 8.26 -22.32
CA ALA F 76 9.78 8.82 -21.02
C ALA F 76 9.67 7.73 -19.95
N ALA F 77 8.68 6.85 -20.12
CA ALA F 77 8.42 5.79 -19.14
C ALA F 77 9.47 4.70 -19.17
N LYS F 78 10.05 4.50 -20.34
CA LYS F 78 11.07 3.47 -20.53
C LYS F 78 12.30 3.69 -19.65
N TRP F 79 12.53 4.92 -19.19
CA TRP F 79 13.72 5.20 -18.39
C TRP F 79 13.41 5.75 -17.00
N GLY F 80 12.15 6.09 -16.74
CA GLY F 80 11.71 6.45 -15.41
C GLY F 80 11.83 7.92 -15.09
N TYR F 81 11.70 8.76 -16.10
CA TYR F 81 11.80 10.21 -15.92
C TYR F 81 10.52 10.76 -15.38
N LEU F 82 10.36 10.75 -14.06
CA LEU F 82 9.13 11.17 -13.41
C LEU F 82 8.77 12.59 -13.77
N GLY F 83 9.76 13.47 -13.68
CA GLY F 83 9.59 14.89 -13.92
C GLY F 83 9.04 15.23 -15.29
N ILE F 84 9.59 14.58 -16.31
CA ILE F 84 9.09 14.75 -17.68
C ILE F 84 7.67 14.21 -17.83
N VAL F 85 7.46 13.00 -17.31
CA VAL F 85 6.16 12.33 -17.36
C VAL F 85 5.04 13.24 -16.88
N GLU F 86 5.26 13.91 -15.75
CA GLU F 86 4.23 14.76 -15.16
C GLU F 86 3.78 15.94 -16.05
N VAL F 87 4.72 16.60 -16.70
CA VAL F 87 4.38 17.75 -17.53
C VAL F 87 3.83 17.29 -18.88
N LEU F 88 4.31 16.14 -19.34
CA LEU F 88 3.74 15.48 -20.50
C LEU F 88 2.27 15.13 -20.26
N LEU F 89 1.94 14.74 -19.03
CA LEU F 89 0.56 14.49 -18.63
C LEU F 89 -0.27 15.78 -18.50
N LYS F 90 0.38 16.85 -18.05
CA LYS F 90 -0.26 18.17 -17.99
C LYS F 90 -0.65 18.70 -19.35
N TYR F 91 0.16 18.42 -20.37
CA TYR F 91 -0.21 18.86 -21.72
C TYR F 91 -1.12 17.87 -22.44
N GLY F 92 -1.66 16.90 -21.68
CA GLY F 92 -2.74 16.09 -22.18
C GLY F 92 -2.38 14.84 -22.95
N ALA F 93 -1.29 14.18 -22.55
CA ALA F 93 -0.88 12.89 -23.15
C ALA F 93 -1.86 11.77 -22.78
N ASP F 94 -2.15 10.89 -23.74
CA ASP F 94 -3.09 9.78 -23.53
C ASP F 94 -2.38 8.62 -22.86
N VAL F 95 -2.63 8.46 -21.57
CA VAL F 95 -1.99 7.43 -20.77
C VAL F 95 -2.27 6.00 -21.23
N ASN F 96 -3.35 5.78 -21.98
CA ASN F 96 -3.75 4.43 -22.36
C ASN F 96 -3.43 4.04 -23.80
N ALA F 97 -2.66 4.88 -24.49
CA ALA F 97 -2.30 4.62 -25.89
C ALA F 97 -1.37 3.42 -26.04
N GLN F 98 -1.64 2.57 -27.03
CA GLN F 98 -0.85 1.37 -27.25
C GLN F 98 0.09 1.51 -28.44
N ASP F 99 1.17 0.73 -28.46
CA ASP F 99 2.08 0.71 -29.59
C ASP F 99 2.18 -0.68 -30.20
N LYS F 100 3.11 -0.86 -31.15
CA LYS F 100 3.20 -2.10 -31.93
C LYS F 100 3.53 -3.32 -31.05
N PHE F 101 4.01 -3.07 -29.83
CA PHE F 101 4.25 -4.17 -28.91
C PHE F 101 3.09 -4.34 -27.96
N GLY F 102 2.01 -3.61 -28.19
CA GLY F 102 0.86 -3.65 -27.31
C GLY F 102 1.23 -3.20 -25.92
N LYS F 103 2.10 -2.20 -25.82
CA LYS F 103 2.54 -1.66 -24.54
C LYS F 103 1.87 -0.33 -24.17
N THR F 104 1.49 -0.20 -22.89
CA THR F 104 1.02 1.05 -22.33
C THR F 104 2.10 1.55 -21.39
N ALA F 105 2.27 2.87 -21.28
CA ALA F 105 3.18 3.49 -20.31
C ALA F 105 3.12 2.81 -18.94
N PHE F 106 1.92 2.37 -18.57
CA PHE F 106 1.69 1.64 -17.34
C PHE F 106 2.35 0.28 -17.39
N ASP F 107 2.10 -0.46 -18.47
CA ASP F 107 2.67 -1.80 -18.65
C ASP F 107 4.17 -1.72 -18.52
N ILE F 108 4.74 -0.77 -19.25
CA ILE F 108 6.16 -0.44 -19.14
C ILE F 108 6.59 -0.22 -17.68
N SER F 109 5.85 0.63 -16.96
CA SER F 109 6.19 0.90 -15.57
C SER F 109 6.25 -0.40 -14.80
N ILE F 110 5.35 -1.33 -15.11
CA ILE F 110 5.30 -2.66 -14.50
C ILE F 110 6.50 -3.52 -14.89
N ASP F 111 6.98 -3.34 -16.12
CA ASP F 111 8.19 -3.99 -16.57
C ASP F 111 9.41 -3.58 -15.74
N ASN F 112 9.55 -2.28 -15.51
CA ASN F 112 10.74 -1.80 -14.81
C ASN F 112 10.66 -1.85 -13.27
N GLY F 113 9.53 -2.35 -12.74
CA GLY F 113 9.28 -2.41 -11.32
C GLY F 113 9.26 -1.06 -10.63
N ASN F 114 8.75 -0.03 -11.34
CA ASN F 114 8.73 1.36 -10.85
C ASN F 114 7.38 1.73 -10.25
N GLU F 115 7.32 1.81 -8.93
CA GLU F 115 6.05 1.99 -8.24
C GLU F 115 5.58 3.44 -8.18
N ASP F 116 6.51 4.37 -8.10
CA ASP F 116 6.19 5.80 -8.03
C ASP F 116 5.59 6.27 -9.36
N LEU F 117 6.27 5.93 -10.44
CA LEU F 117 5.78 6.17 -11.79
C LEU F 117 4.41 5.53 -11.96
N ALA F 118 4.31 4.29 -11.55
CA ALA F 118 3.06 3.54 -11.67
C ALA F 118 1.91 4.22 -10.94
N GLU F 119 2.17 4.80 -9.79
CA GLU F 119 1.11 5.49 -9.06
C GLU F 119 0.77 6.85 -9.70
N ILE F 120 1.76 7.53 -10.27
CA ILE F 120 1.47 8.72 -11.07
C ILE F 120 0.50 8.39 -12.21
N LEU F 121 0.97 7.49 -13.07
CA LEU F 121 0.17 6.97 -14.17
C LEU F 121 -1.23 6.52 -13.78
N CYS F 122 -1.29 5.73 -12.72
CA CYS F 122 -2.55 5.17 -12.28
C CYS F 122 -3.51 6.24 -11.81
N LYS F 123 -3.03 7.18 -11.01
CA LYS F 123 -3.90 8.23 -10.52
C LYS F 123 -4.34 9.11 -11.67
N ASN F 124 -3.59 9.13 -12.76
CA ASN F 124 -4.08 9.81 -13.95
C ASN F 124 -5.22 9.09 -14.70
N LYS F 125 -5.27 7.74 -14.63
CA LYS F 125 -6.24 6.89 -15.36
C LYS F 125 -7.66 7.01 -14.83
N ALA F 126 -7.75 7.13 -13.50
CA ALA F 126 -9.01 7.22 -12.81
C ALA F 126 -9.80 8.45 -13.27
N GLN F 127 -9.09 9.46 -13.72
CA GLN F 127 -9.68 10.73 -14.13
C GLN F 127 -10.34 10.66 -15.50
N GLN F 128 -9.65 10.01 -16.45
CA GLN F 128 -10.24 9.76 -17.75
C GLN F 128 -11.43 8.83 -17.58
N ALA F 129 -11.27 7.89 -16.66
CA ALA F 129 -12.37 7.00 -16.29
C ALA F 129 -13.57 7.81 -15.79
N ALA F 130 -13.32 8.82 -14.97
CA ALA F 130 -14.40 9.67 -14.47
C ALA F 130 -15.10 10.38 -15.62
N PHE F 131 -14.31 10.96 -16.51
CA PHE F 131 -14.85 11.55 -17.73
C PHE F 131 -15.83 10.60 -18.45
N TYR F 132 -15.28 9.51 -18.98
CA TYR F 132 -16.06 8.51 -19.72
C TYR F 132 -17.28 8.03 -18.94
N CYS F 133 -17.17 7.99 -17.60
CA CYS F 133 -18.27 7.56 -16.73
C CYS F 133 -19.37 8.58 -16.62
N ILE F 134 -18.98 9.84 -16.62
CA ILE F 134 -19.94 10.95 -16.64
C ILE F 134 -20.66 10.95 -17.98
N LEU F 135 -19.94 10.60 -19.04
CA LEU F 135 -20.51 10.62 -20.39
C LEU F 135 -21.61 9.60 -20.54
N HIS F 136 -21.63 8.59 -19.67
CA HIS F 136 -22.67 7.58 -19.80
C HIS F 136 -23.75 7.70 -18.73
N MET F 137 -24.08 8.95 -18.39
CA MET F 137 -25.27 9.25 -17.62
C MET F 137 -26.44 9.45 -18.56
N PRO F 138 -27.43 8.57 -18.51
CA PRO F 138 -28.48 8.68 -19.52
C PRO F 138 -29.48 9.78 -19.18
N ASN F 139 -29.50 10.22 -17.93
CA ASN F 139 -30.50 11.18 -17.48
C ASN F 139 -29.91 12.57 -17.20
N LEU F 140 -29.13 13.08 -18.14
CA LEU F 140 -28.62 14.44 -18.09
C LEU F 140 -28.80 15.06 -19.46
N ASN F 141 -28.69 16.38 -19.55
CA ASN F 141 -28.75 17.06 -20.84
C ASN F 141 -27.36 17.59 -21.16
N GLU F 142 -27.21 18.09 -22.37
CA GLU F 142 -25.90 18.52 -22.85
C GLU F 142 -25.32 19.66 -22.02
N ALA F 143 -26.19 20.50 -21.46
CA ALA F 143 -25.72 21.59 -20.61
C ALA F 143 -25.09 21.04 -19.32
N GLN F 144 -25.77 20.09 -18.69
CA GLN F 144 -25.28 19.47 -17.45
C GLN F 144 -23.98 18.70 -17.69
N ARG F 145 -24.00 17.86 -18.71
CA ARG F 145 -22.80 17.13 -19.12
C ARG F 145 -21.61 18.06 -19.35
N ASN F 146 -21.79 19.07 -20.20
CA ASN F 146 -20.68 19.98 -20.52
C ASN F 146 -20.17 20.75 -19.32
N GLY F 147 -21.09 21.17 -18.46
CA GLY F 147 -20.73 21.79 -17.19
C GLY F 147 -19.81 20.92 -16.34
N PHE F 148 -20.22 19.66 -16.15
CA PHE F 148 -19.41 18.71 -15.41
C PHE F 148 -18.04 18.47 -16.07
N ILE F 149 -18.03 18.40 -17.39
CA ILE F 149 -16.78 18.19 -18.13
C ILE F 149 -15.81 19.35 -17.94
N GLN F 150 -16.25 20.58 -18.22
CA GLN F 150 -15.43 21.76 -18.04
C GLN F 150 -14.95 21.89 -16.59
N SER F 151 -15.82 21.60 -15.63
CA SER F 151 -15.42 21.60 -14.22
C SER F 151 -14.32 20.58 -13.95
N LEU F 152 -14.40 19.44 -14.62
CA LEU F 152 -13.40 18.39 -14.45
C LEU F 152 -12.04 18.82 -15.01
N LYS F 153 -12.05 19.35 -16.23
CA LYS F 153 -10.82 19.84 -16.86
C LYS F 153 -10.24 21.07 -16.14
N ASP F 154 -11.04 21.81 -15.41
CA ASP F 154 -10.51 22.92 -14.61
C ASP F 154 -9.75 22.44 -13.37
N ASP F 155 -10.08 21.24 -12.91
CA ASP F 155 -9.46 20.68 -11.70
C ASP F 155 -9.64 19.19 -11.66
N PRO F 156 -8.73 18.44 -12.30
CA PRO F 156 -8.79 16.98 -12.46
C PRO F 156 -8.83 16.20 -11.16
N SER F 157 -8.16 16.72 -10.15
CA SER F 157 -8.08 16.10 -8.84
C SER F 157 -9.42 16.07 -8.07
N GLN F 158 -10.46 16.62 -8.68
CA GLN F 158 -11.80 16.60 -8.09
C GLN F 158 -12.71 15.54 -8.73
N SER F 159 -12.23 14.94 -9.82
CA SER F 159 -12.96 13.97 -10.64
C SER F 159 -14.03 13.15 -9.90
N THR F 160 -13.59 12.43 -8.90
CA THR F 160 -14.45 11.55 -8.11
C THR F 160 -15.67 12.26 -7.56
N ASN F 161 -15.45 13.35 -6.81
CA ASN F 161 -16.55 14.15 -6.28
C ASN F 161 -17.49 14.53 -7.40
N VAL F 162 -16.92 15.01 -8.49
CA VAL F 162 -17.71 15.47 -9.60
C VAL F 162 -18.63 14.33 -10.04
N LEU F 163 -18.03 13.15 -10.20
CA LEU F 163 -18.79 11.96 -10.60
C LEU F 163 -19.93 11.70 -9.61
N GLY F 164 -19.62 11.74 -8.31
CA GLY F 164 -20.63 11.58 -7.28
C GLY F 164 -21.82 12.48 -7.56
N GLU F 165 -21.55 13.76 -7.78
CA GLU F 165 -22.62 14.73 -7.95
C GLU F 165 -23.50 14.29 -9.10
N ALA F 166 -22.84 13.94 -10.20
CA ALA F 166 -23.56 13.53 -11.40
C ALA F 166 -24.53 12.42 -11.05
N LYS F 167 -24.05 11.40 -10.35
CA LYS F 167 -24.91 10.26 -10.06
C LYS F 167 -26.11 10.72 -9.25
N LYS F 168 -25.87 11.56 -8.25
CA LYS F 168 -26.94 12.08 -7.41
C LYS F 168 -28.00 12.70 -8.28
N LEU F 169 -27.57 13.51 -9.24
CA LEU F 169 -28.49 14.24 -10.08
C LEU F 169 -29.14 13.30 -11.06
N ASN F 170 -28.38 12.31 -11.51
CA ASN F 170 -28.87 11.35 -12.50
C ASN F 170 -30.08 10.58 -11.99
N GLU F 171 -29.96 10.03 -10.80
CA GLU F 171 -31.04 9.32 -10.17
C GLU F 171 -32.10 10.30 -9.64
N SER F 172 -31.79 11.58 -9.63
CA SER F 172 -32.78 12.58 -9.28
C SER F 172 -33.69 12.91 -10.45
N GLN F 173 -33.13 12.80 -11.65
CA GLN F 173 -33.83 13.15 -12.88
C GLN F 173 -34.27 11.92 -13.64
N ALA F 174 -34.40 10.80 -12.95
CA ALA F 174 -34.91 9.58 -13.56
C ALA F 174 -36.31 9.78 -14.17
N PRO F 175 -36.54 9.25 -15.37
CA PRO F 175 -37.65 9.64 -16.24
C PRO F 175 -39.04 9.35 -15.66
N LYS F 176 -40.07 9.74 -16.41
CA LYS F 176 -41.47 9.56 -16.01
C LYS F 176 -41.68 10.04 -14.57
N SER G 1 0.01 45.67 8.95
CA SER G 1 1.07 44.82 8.44
C SER G 1 2.25 45.63 7.92
N ASP G 2 2.84 46.41 8.84
CA ASP G 2 3.95 47.33 8.54
C ASP G 2 4.27 48.04 9.85
N LEU G 3 3.20 48.49 10.50
CA LEU G 3 3.24 48.96 11.87
C LEU G 3 3.31 47.73 12.76
N GLY G 4 2.73 46.65 12.25
CA GLY G 4 2.74 45.37 12.94
C GLY G 4 4.12 44.76 13.12
N LYS G 5 4.98 44.90 12.11
CA LYS G 5 6.33 44.38 12.17
C LYS G 5 7.13 45.09 13.24
N LYS G 6 6.91 46.40 13.31
CA LYS G 6 7.56 47.23 14.31
C LYS G 6 7.00 46.93 15.69
N LEU G 7 5.75 46.50 15.73
CA LEU G 7 5.15 46.10 17.00
C LEU G 7 5.76 44.79 17.52
N LEU G 8 5.83 43.76 16.68
CA LEU G 8 6.52 42.52 17.03
C LEU G 8 7.93 42.83 17.51
N GLU G 9 8.65 43.66 16.75
CA GLU G 9 10.04 43.95 17.09
C GLU G 9 10.17 44.73 18.40
N ALA G 10 9.22 45.62 18.65
CA ALA G 10 9.25 46.43 19.87
C ALA G 10 8.88 45.60 21.11
N ALA G 11 8.05 44.59 20.90
CA ALA G 11 7.66 43.68 21.97
C ALA G 11 8.81 42.73 22.34
N HIS G 12 9.43 42.17 21.30
CA HIS G 12 10.63 41.36 21.45
C HIS G 12 11.73 42.13 22.18
N ALA G 13 12.02 43.35 21.73
CA ALA G 13 13.11 44.16 22.30
C ALA G 13 12.92 44.51 23.76
N GLY G 14 11.74 45.03 24.08
CA GLY G 14 11.42 45.36 25.46
C GLY G 14 11.26 46.85 25.67
N GLN G 15 10.92 47.54 24.59
CA GLN G 15 10.81 48.99 24.62
C GLN G 15 9.37 49.44 24.89
N ASP G 16 9.10 49.76 26.16
CA ASP G 16 7.78 50.10 26.65
C ASP G 16 7.10 51.20 25.86
N ASP G 17 7.57 52.43 26.08
CA ASP G 17 6.87 53.61 25.59
C ASP G 17 6.76 53.57 24.08
N GLU G 18 7.76 53.00 23.42
CA GLU G 18 7.68 52.75 21.99
C GLU G 18 6.43 51.95 21.64
N VAL G 19 6.11 50.96 22.48
CA VAL G 19 4.90 50.17 22.27
C VAL G 19 3.66 50.98 22.56
N ARG G 20 3.66 51.76 23.65
CA ARG G 20 2.48 52.59 23.98
C ARG G 20 2.21 53.59 22.86
N ILE G 21 3.28 54.05 22.22
CA ILE G 21 3.22 54.91 21.05
C ILE G 21 2.59 54.18 19.88
N LEU G 22 3.19 53.05 19.50
CA LEU G 22 2.72 52.20 18.40
C LEU G 22 1.23 51.85 18.56
N MET G 23 0.82 51.62 19.79
CA MET G 23 -0.55 51.33 20.12
C MET G 23 -1.47 52.54 19.93
N ALA G 24 -1.08 53.65 20.56
CA ALA G 24 -1.85 54.88 20.45
C ALA G 24 -2.06 55.26 18.98
N ASN G 25 -1.04 55.04 18.15
CA ASN G 25 -1.16 55.29 16.72
C ASN G 25 -1.96 54.22 15.98
N GLY G 26 -2.51 53.26 16.74
CA GLY G 26 -3.40 52.25 16.17
C GLY G 26 -2.76 51.10 15.43
N ALA G 27 -1.76 50.47 16.03
CA ALA G 27 -1.18 49.27 15.46
C ALA G 27 -1.96 48.02 15.87
N ASP G 28 -2.11 47.09 14.92
CA ASP G 28 -2.79 45.83 15.17
C ASP G 28 -2.13 45.06 16.34
N VAL G 29 -2.83 44.97 17.46
CA VAL G 29 -2.31 44.29 18.63
C VAL G 29 -2.19 42.76 18.41
N ASN G 30 -2.88 42.26 17.40
CA ASN G 30 -2.89 40.84 17.09
C ASN G 30 -2.22 40.49 15.77
N ALA G 31 -1.06 41.08 15.53
CA ALA G 31 -0.30 40.77 14.32
C ALA G 31 0.61 39.53 14.50
N MET G 32 0.97 38.87 13.41
CA MET G 32 1.79 37.66 13.54
C MET G 32 2.72 37.40 12.35
N ASP G 33 3.89 36.80 12.61
CA ASP G 33 4.83 36.44 11.56
C ASP G 33 4.40 35.13 10.91
N ASN G 34 5.28 34.52 10.13
CA ASN G 34 4.94 33.28 9.44
C ASN G 34 4.88 32.08 10.39
N PHE G 35 5.08 32.32 11.69
CA PHE G 35 4.96 31.27 12.69
C PHE G 35 3.84 31.55 13.66
N GLY G 36 2.90 32.42 13.27
CA GLY G 36 1.73 32.69 14.08
C GLY G 36 2.04 33.25 15.46
N VAL G 37 3.21 33.88 15.58
CA VAL G 37 3.63 34.48 16.82
C VAL G 37 3.15 35.93 16.93
N THR G 38 2.38 36.22 17.97
CA THR G 38 1.84 37.56 18.19
C THR G 38 2.73 38.31 19.18
N PRO G 39 2.59 39.65 19.25
CA PRO G 39 3.36 40.42 20.23
C PRO G 39 3.22 39.92 21.67
N LEU G 40 2.06 39.37 22.02
CA LEU G 40 1.82 38.85 23.36
C LEU G 40 2.73 37.63 23.63
N HIS G 41 2.96 36.83 22.60
CA HIS G 41 3.88 35.73 22.68
C HIS G 41 5.30 36.20 23.01
N LEU G 42 5.82 37.13 22.20
CA LEU G 42 7.17 37.71 22.40
C LEU G 42 7.36 38.33 23.76
N ALA G 43 6.35 39.07 24.21
CA ALA G 43 6.44 39.75 25.49
C ALA G 43 6.36 38.75 26.65
N ALA G 44 5.70 37.63 26.42
CA ALA G 44 5.61 36.59 27.45
C ALA G 44 6.92 35.81 27.54
N TYR G 45 7.35 35.30 26.39
CA TYR G 45 8.60 34.59 26.24
C TYR G 45 9.77 35.37 26.82
N TRP G 46 9.85 36.66 26.53
CA TRP G 46 11.05 37.42 26.89
C TRP G 46 11.00 38.18 28.21
N GLY G 47 9.96 37.97 28.99
CA GLY G 47 9.90 38.47 30.35
C GLY G 47 9.58 39.94 30.57
N HIS G 48 8.84 40.55 29.65
CA HIS G 48 8.46 41.96 29.78
C HIS G 48 7.01 42.11 30.26
N PHE G 49 6.82 42.28 31.57
CA PHE G 49 5.49 42.27 32.19
C PHE G 49 4.63 43.52 31.91
N GLU G 50 5.29 44.67 31.88
CA GLU G 50 4.64 45.94 31.60
C GLU G 50 3.98 45.88 30.22
N ILE G 51 4.76 45.49 29.23
CA ILE G 51 4.31 45.36 27.86
C ILE G 51 3.15 44.36 27.75
N VAL G 52 3.19 43.33 28.59
CA VAL G 52 2.12 42.34 28.62
C VAL G 52 0.84 43.00 29.08
N GLU G 53 0.94 43.80 30.13
CA GLU G 53 -0.24 44.49 30.64
C GLU G 53 -0.80 45.41 29.59
N VAL G 54 0.06 46.14 28.89
CA VAL G 54 -0.41 47.03 27.83
C VAL G 54 -1.14 46.29 26.72
N LEU G 55 -0.51 45.24 26.19
CA LEU G 55 -1.10 44.50 25.09
C LEU G 55 -2.41 43.86 25.50
N LEU G 56 -2.44 43.32 26.71
CA LEU G 56 -3.66 42.74 27.28
C LEU G 56 -4.78 43.78 27.40
N LYS G 57 -4.42 44.94 27.94
CA LYS G 57 -5.37 46.03 28.10
C LYS G 57 -5.92 46.50 26.76
N TYR G 58 -5.09 46.43 25.72
CA TYR G 58 -5.53 46.82 24.39
C TYR G 58 -6.31 45.69 23.71
N GLY G 59 -6.49 44.58 24.40
CA GLY G 59 -7.35 43.51 23.92
C GLY G 59 -6.70 42.42 23.09
N ALA G 60 -5.46 42.05 23.43
CA ALA G 60 -4.76 40.97 22.73
C ALA G 60 -5.37 39.61 23.04
N ASP G 61 -5.50 38.76 22.03
CA ASP G 61 -6.03 37.39 22.23
C ASP G 61 -5.11 36.59 23.15
N VAL G 62 -5.64 36.26 24.32
CA VAL G 62 -4.85 35.70 25.40
C VAL G 62 -4.63 34.20 25.19
N ASN G 63 -5.47 33.58 24.38
CA ASN G 63 -5.26 32.18 24.03
C ASN G 63 -4.91 32.01 22.56
N ALA G 64 -3.87 32.70 22.13
CA ALA G 64 -3.39 32.60 20.77
C ALA G 64 -2.35 31.48 20.66
N SER G 65 -2.55 30.60 19.69
CA SER G 65 -1.67 29.46 19.48
C SER G 65 -0.77 29.66 18.28
N ASP G 66 0.54 29.49 18.46
CA ASP G 66 1.45 29.66 17.34
C ASP G 66 1.62 28.33 16.61
N ALA G 67 2.68 28.23 15.81
CA ALA G 67 2.86 27.10 14.92
C ALA G 67 3.05 25.78 15.66
N THR G 68 3.43 25.86 16.93
CA THR G 68 3.62 24.68 17.77
C THR G 68 2.48 24.45 18.77
N GLY G 69 1.37 25.16 18.59
CA GLY G 69 0.21 24.99 19.43
C GLY G 69 0.38 25.63 20.78
N ASP G 70 1.41 26.48 20.88
CA ASP G 70 1.75 27.12 22.14
C ASP G 70 1.10 28.48 22.37
N THR G 71 0.80 28.73 23.63
CA THR G 71 0.06 29.88 24.11
C THR G 71 0.97 30.75 24.98
N PRO G 72 0.73 32.08 25.04
CA PRO G 72 1.43 32.97 25.96
C PRO G 72 1.68 32.40 27.35
N LEU G 73 0.77 31.56 27.84
CA LEU G 73 0.89 30.93 29.15
C LEU G 73 1.93 29.82 29.17
N HIS G 74 1.99 29.03 28.10
CA HIS G 74 3.04 28.03 27.94
C HIS G 74 4.43 28.69 27.97
N LEU G 75 4.57 29.76 27.17
CA LEU G 75 5.82 30.47 27.02
C LEU G 75 6.21 31.24 28.26
N ALA G 76 5.23 31.63 29.05
CA ALA G 76 5.52 32.27 30.33
C ALA G 76 5.99 31.23 31.33
N ALA G 77 5.38 30.05 31.29
CA ALA G 77 5.71 28.97 32.22
C ALA G 77 7.08 28.34 31.96
N LYS G 78 7.53 28.43 30.71
CA LYS G 78 8.84 27.89 30.31
C LYS G 78 10.01 28.54 31.06
N TRP G 79 9.82 29.76 31.54
CA TRP G 79 10.92 30.48 32.18
C TRP G 79 10.65 30.83 33.63
N GLY G 80 9.41 30.65 34.08
CA GLY G 80 9.04 30.84 35.47
C GLY G 80 8.65 32.26 35.84
N TYR G 81 8.01 32.98 34.91
CA TYR G 81 7.56 34.36 35.17
C TYR G 81 6.25 34.35 35.92
N LEU G 82 6.33 34.25 37.24
CA LEU G 82 5.13 34.16 38.08
C LEU G 82 4.21 35.35 37.85
N GLY G 83 4.80 36.53 37.86
CA GLY G 83 4.06 37.77 37.73
C GLY G 83 3.22 37.87 36.48
N ILE G 84 3.82 37.49 35.35
CA ILE G 84 3.09 37.47 34.09
C ILE G 84 1.99 36.40 34.07
N VAL G 85 2.34 35.19 34.51
CA VAL G 85 1.40 34.08 34.62
C VAL G 85 0.11 34.50 35.33
N GLU G 86 0.23 35.19 36.45
CA GLU G 86 -0.95 35.55 37.23
C GLU G 86 -1.95 36.43 36.47
N VAL G 87 -1.46 37.44 35.74
CA VAL G 87 -2.32 38.38 35.03
C VAL G 87 -2.85 37.78 33.74
N LEU G 88 -2.04 36.91 33.12
CA LEU G 88 -2.50 36.07 32.02
C LEU G 88 -3.68 35.20 32.46
N LEU G 89 -3.62 34.68 33.67
CA LEU G 89 -4.70 33.90 34.26
C LEU G 89 -5.92 34.76 34.58
N LYS G 90 -5.69 36.00 35.03
CA LYS G 90 -6.79 36.95 35.24
C LYS G 90 -7.54 37.28 33.96
N TYR G 91 -6.85 37.35 32.84
CA TYR G 91 -7.55 37.63 31.59
C TYR G 91 -8.11 36.38 30.94
N GLY G 92 -8.13 35.29 31.69
CA GLY G 92 -8.87 34.10 31.28
C GLY G 92 -8.18 33.11 30.38
N ALA G 93 -6.88 32.90 30.58
CA ALA G 93 -6.11 31.88 29.86
C ALA G 93 -6.48 30.47 30.29
N ASP G 94 -6.53 29.54 29.32
CA ASP G 94 -6.94 28.17 29.60
C ASP G 94 -5.78 27.36 30.10
N VAL G 95 -5.77 27.08 31.41
CA VAL G 95 -4.63 26.42 32.06
C VAL G 95 -4.39 24.98 31.56
N ASN G 96 -5.41 24.35 30.98
CA ASN G 96 -5.30 22.94 30.54
C ASN G 96 -5.07 22.75 29.05
N ALA G 97 -4.80 23.82 28.33
CA ALA G 97 -4.57 23.76 26.88
C ALA G 97 -3.29 23.00 26.52
N GLN G 98 -3.36 22.13 25.51
CA GLN G 98 -2.22 21.32 25.13
C GLN G 98 -1.59 21.83 23.84
N ASP G 99 -0.33 21.49 23.63
CA ASP G 99 0.36 21.83 22.39
C ASP G 99 0.92 20.60 21.69
N LYS G 100 1.71 20.80 20.63
CA LYS G 100 2.13 19.69 19.77
C LYS G 100 3.02 18.71 20.51
N PHE G 101 3.55 19.11 21.66
CA PHE G 101 4.34 18.18 22.48
C PHE G 101 3.50 17.58 23.58
N GLY G 102 2.19 17.84 23.55
CA GLY G 102 1.28 17.35 24.55
C GLY G 102 1.59 17.91 25.91
N LYS G 103 2.00 19.16 25.95
CA LYS G 103 2.42 19.81 27.19
C LYS G 103 1.35 20.74 27.73
N THR G 104 1.17 20.73 29.04
CA THR G 104 0.36 21.71 29.74
C THR G 104 1.29 22.60 30.55
N ALA G 105 0.94 23.86 30.72
CA ALA G 105 1.67 24.79 31.60
C ALA G 105 2.06 24.14 32.93
N PHE G 106 1.17 23.31 33.45
CA PHE G 106 1.46 22.50 34.62
C PHE G 106 2.59 21.50 34.38
N ASP G 107 2.47 20.70 33.33
CA ASP G 107 3.48 19.69 32.99
C ASP G 107 4.84 20.38 32.91
N ILE G 108 4.90 21.51 32.21
CA ILE G 108 6.09 22.35 32.13
C ILE G 108 6.61 22.75 33.53
N SER G 109 5.70 23.20 34.38
CA SER G 109 6.12 23.58 35.72
C SER G 109 6.79 22.39 36.41
N ILE G 110 6.26 21.19 36.17
CA ILE G 110 6.84 19.96 36.71
C ILE G 110 8.21 19.65 36.09
N ASP G 111 8.39 19.99 34.83
CA ASP G 111 9.68 19.87 34.17
C ASP G 111 10.74 20.71 34.84
N ASN G 112 10.39 21.96 35.14
CA ASN G 112 11.36 22.89 35.70
C ASN G 112 11.55 22.80 37.22
N GLY G 113 10.78 21.93 37.87
CA GLY G 113 10.83 21.78 39.31
C GLY G 113 10.39 23.00 40.08
N ASN G 114 9.43 23.75 39.52
CA ASN G 114 8.96 25.01 40.12
C ASN G 114 7.68 24.81 40.91
N GLU G 115 7.77 24.86 42.24
CA GLU G 115 6.65 24.51 43.10
C GLU G 115 5.65 25.65 43.33
N ASP G 116 6.16 26.88 43.27
CA ASP G 116 5.33 28.06 43.46
C ASP G 116 4.41 28.29 42.26
N LEU G 117 5.01 28.26 41.09
CA LEU G 117 4.26 28.28 39.84
C LEU G 117 3.25 27.14 39.80
N ALA G 118 3.70 25.96 40.19
CA ALA G 118 2.85 24.78 40.19
C ALA G 118 1.64 24.95 41.09
N GLU G 119 1.81 25.59 42.24
CA GLU G 119 0.68 25.79 43.12
C GLU G 119 -0.26 26.90 42.60
N ILE G 120 0.30 27.90 41.94
CA ILE G 120 -0.55 28.90 41.29
C ILE G 120 -1.46 28.23 40.27
N LEU G 121 -0.82 27.55 39.32
CA LEU G 121 -1.53 26.79 38.27
C LEU G 121 -2.56 25.86 38.85
N CYS G 122 -2.14 25.06 39.83
CA CYS G 122 -3.02 24.08 40.43
C CYS G 122 -4.23 24.70 41.06
N LYS G 123 -4.02 25.76 41.83
CA LYS G 123 -5.16 26.36 42.49
C LYS G 123 -6.07 27.00 41.47
N ASN G 124 -5.56 27.30 40.28
CA ASN G 124 -6.44 27.79 39.22
C ASN G 124 -7.36 26.72 38.58
N LYS G 125 -6.87 25.49 38.45
CA LYS G 125 -7.62 24.37 37.84
C LYS G 125 -8.89 24.00 38.61
N ALA G 126 -8.79 24.10 39.94
CA ALA G 126 -9.89 23.74 40.82
C ALA G 126 -11.14 24.55 40.53
N GLN G 127 -10.95 25.74 39.97
CA GLN G 127 -12.04 26.67 39.70
C GLN G 127 -12.83 26.31 38.47
N GLN G 128 -12.12 25.95 37.40
CA GLN G 128 -12.76 25.43 36.20
C GLN G 128 -13.46 24.14 36.58
N ALA G 129 -12.82 23.35 37.44
CA ALA G 129 -13.44 22.12 37.96
C ALA G 129 -14.74 22.42 38.70
N ALA G 130 -14.76 23.52 39.45
CA ALA G 130 -15.97 23.93 40.16
C ALA G 130 -17.06 24.29 39.19
N PHE G 131 -16.70 25.04 38.16
CA PHE G 131 -17.63 25.34 37.06
C PHE G 131 -18.30 24.08 36.50
N TYR G 132 -17.49 23.23 35.87
CA TYR G 132 -17.92 21.97 35.29
C TYR G 132 -18.74 21.09 36.26
N CYS G 133 -18.38 21.11 37.54
CA CYS G 133 -19.09 20.37 38.60
C CYS G 133 -20.46 20.92 38.91
N ILE G 134 -20.59 22.24 38.85
CA ILE G 134 -21.87 22.90 39.02
C ILE G 134 -22.76 22.58 37.82
N LEU G 135 -22.15 22.52 36.64
CA LEU G 135 -22.89 22.24 35.42
C LEU G 135 -23.56 20.88 35.42
N HIS G 136 -23.06 19.96 36.23
CA HIS G 136 -23.64 18.63 36.26
C HIS G 136 -24.48 18.37 37.50
N MET G 137 -25.18 19.40 37.95
CA MET G 137 -26.28 19.26 38.90
C MET G 137 -27.57 18.97 38.17
N PRO G 138 -28.11 17.77 38.35
CA PRO G 138 -29.31 17.45 37.56
C PRO G 138 -30.58 18.08 38.12
N ASN G 139 -30.54 18.57 39.36
CA ASN G 139 -31.74 19.10 39.99
C ASN G 139 -31.69 20.62 40.22
N LEU G 140 -31.41 21.33 39.15
CA LEU G 140 -31.42 22.78 39.15
C LEU G 140 -32.04 23.23 37.85
N ASN G 141 -32.42 24.50 37.78
CA ASN G 141 -32.91 25.07 36.54
C ASN G 141 -31.92 26.07 36.00
N GLU G 142 -32.20 26.58 34.80
CA GLU G 142 -31.23 27.41 34.12
C GLU G 142 -30.96 28.70 34.87
N ALA G 143 -31.96 29.18 35.58
CA ALA G 143 -31.82 30.40 36.37
C ALA G 143 -30.83 30.21 37.53
N GLN G 144 -30.97 29.10 38.23
CA GLN G 144 -30.10 28.77 39.34
C GLN G 144 -28.67 28.54 38.85
N ARG G 145 -28.54 27.73 37.81
CA ARG G 145 -27.25 27.46 37.19
C ARG G 145 -26.56 28.75 36.81
N ASN G 146 -27.22 29.58 36.02
CA ASN G 146 -26.63 30.82 35.55
C ASN G 146 -26.27 31.76 36.70
N GLY G 147 -27.11 31.78 37.71
CA GLY G 147 -26.84 32.56 38.91
C GLY G 147 -25.51 32.17 39.54
N PHE G 148 -25.37 30.87 39.77
CA PHE G 148 -24.16 30.33 40.35
C PHE G 148 -22.93 30.61 39.48
N ILE G 149 -23.10 30.48 38.16
CA ILE G 149 -22.01 30.75 37.22
C ILE G 149 -21.54 32.20 37.29
N GLN G 150 -22.47 33.13 37.13
CA GLN G 150 -22.12 34.54 37.18
C GLN G 150 -21.47 34.90 38.51
N SER G 151 -22.00 34.32 39.59
CA SER G 151 -21.42 34.55 40.90
C SER G 151 -19.99 34.05 40.96
N LEU G 152 -19.73 32.94 40.28
CA LEU G 152 -18.39 32.34 40.23
C LEU G 152 -17.41 33.21 39.47
N LYS G 153 -17.83 33.67 38.29
CA LYS G 153 -17.01 34.57 37.49
C LYS G 153 -16.80 35.94 38.14
N ASP G 154 -17.71 36.37 39.01
CA ASP G 154 -17.50 37.62 39.72
C ASP G 154 -16.42 37.49 40.79
N ASP G 155 -16.20 36.27 41.27
CA ASP G 155 -15.23 36.05 42.34
C ASP G 155 -14.83 34.58 42.38
N PRO G 156 -13.81 34.21 41.60
CA PRO G 156 -13.36 32.83 41.38
C PRO G 156 -12.89 32.16 42.66
N SER G 157 -12.32 32.95 43.57
CA SER G 157 -11.76 32.46 44.82
C SER G 157 -12.81 31.96 45.80
N GLN G 158 -14.07 32.04 45.39
CA GLN G 158 -15.18 31.54 46.21
C GLN G 158 -15.70 30.20 45.69
N SER G 159 -15.22 29.80 44.52
CA SER G 159 -15.64 28.60 43.81
C SER G 159 -16.18 27.49 44.70
N THR G 160 -15.36 27.05 45.64
CA THR G 160 -15.68 25.91 46.50
C THR G 160 -16.98 26.09 47.28
N ASN G 161 -17.09 27.20 48.00
CA ASN G 161 -18.31 27.52 48.72
C ASN G 161 -19.52 27.51 47.81
N VAL G 162 -19.36 28.14 46.66
CA VAL G 162 -20.42 28.18 45.68
C VAL G 162 -20.90 26.77 45.35
N LEU G 163 -19.93 25.90 45.05
CA LEU G 163 -20.21 24.50 44.77
C LEU G 163 -20.98 23.86 45.92
N GLY G 164 -20.49 24.05 47.14
CA GLY G 164 -21.18 23.57 48.33
C GLY G 164 -22.65 23.96 48.32
N GLU G 165 -22.91 25.26 48.14
CA GLU G 165 -24.29 25.76 48.11
C GLU G 165 -25.10 24.98 47.11
N ALA G 166 -24.58 24.87 45.89
CA ALA G 166 -25.23 24.13 44.82
C ALA G 166 -25.65 22.73 45.28
N LYS G 167 -24.72 21.96 45.83
CA LYS G 167 -25.05 20.61 46.29
C LYS G 167 -26.17 20.62 47.31
N LYS G 168 -26.06 21.50 48.30
CA LYS G 168 -27.10 21.65 49.31
C LYS G 168 -28.48 21.80 48.66
N LEU G 169 -28.55 22.71 47.70
CA LEU G 169 -29.80 23.00 47.01
C LEU G 169 -30.22 21.82 46.14
N ASN G 170 -29.23 21.15 45.56
CA ASN G 170 -29.47 20.07 44.62
C ASN G 170 -30.19 18.93 45.32
N GLU G 171 -29.65 18.52 46.46
CA GLU G 171 -30.27 17.47 47.25
C GLU G 171 -31.49 17.98 47.98
N SER G 172 -31.70 19.30 47.96
CA SER G 172 -32.95 19.87 48.50
C SER G 172 -34.08 19.78 47.48
N GLN G 173 -33.74 19.83 46.20
CA GLN G 173 -34.74 19.86 45.14
C GLN G 173 -34.85 18.52 44.42
N ALA G 174 -34.41 17.45 45.09
CA ALA G 174 -34.49 16.09 44.55
C ALA G 174 -35.94 15.74 44.21
N PRO G 175 -36.15 15.09 43.04
CA PRO G 175 -37.45 15.01 42.37
C PRO G 175 -38.51 14.24 43.17
N LYS G 176 -39.72 14.19 42.61
CA LYS G 176 -40.85 13.52 43.26
C LYS G 176 -40.96 13.95 44.73
N SER H 1 -17.54 24.51 -35.14
CA SER H 1 -18.20 23.87 -34.00
C SER H 1 -19.67 24.26 -33.94
N ASP H 2 -20.38 23.96 -35.01
CA ASP H 2 -21.79 24.29 -35.20
C ASP H 2 -22.16 23.82 -36.59
N LEU H 3 -21.26 24.15 -37.53
CA LEU H 3 -21.28 23.62 -38.88
C LEU H 3 -20.70 22.23 -38.81
N GLY H 4 -19.80 22.05 -37.83
CA GLY H 4 -19.17 20.78 -37.56
C GLY H 4 -20.14 19.69 -37.11
N LYS H 5 -21.11 20.05 -36.28
CA LYS H 5 -22.12 19.11 -35.81
C LYS H 5 -22.99 18.61 -36.96
N LYS H 6 -23.31 19.52 -37.87
CA LYS H 6 -24.06 19.18 -39.05
C LYS H 6 -23.22 18.35 -40.01
N LEU H 7 -21.91 18.55 -39.96
CA LEU H 7 -21.01 17.75 -40.78
C LEU H 7 -20.95 16.31 -40.29
N LEU H 8 -20.76 16.14 -38.99
CA LEU H 8 -20.77 14.80 -38.38
C LEU H 8 -22.08 14.10 -38.74
N GLU H 9 -23.18 14.82 -38.58
CA GLU H 9 -24.49 14.22 -38.79
C GLU H 9 -24.73 13.87 -40.24
N ALA H 10 -24.20 14.70 -41.14
CA ALA H 10 -24.39 14.47 -42.57
C ALA H 10 -23.51 13.31 -43.05
N ALA H 11 -22.36 13.12 -42.41
CA ALA H 11 -21.47 12.01 -42.74
C ALA H 11 -22.06 10.69 -42.26
N HIS H 12 -22.57 10.70 -41.02
CA HIS H 12 -23.25 9.55 -40.44
C HIS H 12 -24.43 9.15 -41.33
N ALA H 13 -25.28 10.13 -41.65
CA ALA H 13 -26.50 9.87 -42.44
C ALA H 13 -26.23 9.27 -43.82
N GLY H 14 -25.34 9.92 -44.58
CA GLY H 14 -24.95 9.43 -45.87
C GLY H 14 -25.42 10.35 -46.96
N GLN H 15 -25.60 11.62 -46.62
CA GLN H 15 -26.09 12.62 -47.56
C GLN H 15 -24.97 13.36 -48.28
N ASP H 16 -24.66 12.90 -49.49
CA ASP H 16 -23.53 13.38 -50.29
C ASP H 16 -23.48 14.87 -50.49
N ASP H 17 -24.37 15.35 -51.36
CA ASP H 17 -24.33 16.73 -51.80
C ASP H 17 -24.47 17.68 -50.63
N GLU H 18 -25.20 17.28 -49.61
CA GLU H 18 -25.26 18.04 -48.37
C GLU H 18 -23.86 18.23 -47.77
N VAL H 19 -23.03 17.20 -47.85
CA VAL H 19 -21.64 17.31 -47.41
C VAL H 19 -20.80 18.19 -48.34
N ARG H 20 -20.96 18.02 -49.65
CA ARG H 20 -20.21 18.86 -50.58
C ARG H 20 -20.55 20.33 -50.35
N ILE H 21 -21.80 20.58 -49.98
CA ILE H 21 -22.31 21.91 -49.64
C ILE H 21 -21.64 22.42 -48.39
N LEU H 22 -21.75 21.64 -47.32
CA LEU H 22 -21.17 21.96 -46.03
C LEU H 22 -19.67 22.27 -46.15
N MET H 23 -19.02 21.56 -47.07
CA MET H 23 -17.60 21.71 -47.30
C MET H 23 -17.31 23.00 -48.04
N ALA H 24 -17.97 23.18 -49.17
CA ALA H 24 -17.81 24.40 -49.96
C ALA H 24 -18.00 25.64 -49.08
N ASN H 25 -18.98 25.58 -48.17
CA ASN H 25 -19.19 26.69 -47.24
C ASN H 25 -18.16 26.75 -46.11
N GLY H 26 -17.14 25.89 -46.19
CA GLY H 26 -16.01 25.94 -45.28
C GLY H 26 -16.22 25.36 -43.88
N ALA H 27 -16.76 24.16 -43.80
CA ALA H 27 -16.90 23.49 -42.51
C ALA H 27 -15.62 22.73 -42.18
N ASP H 28 -15.29 22.69 -40.90
CA ASP H 28 -14.10 22.00 -40.40
C ASP H 28 -14.15 20.49 -40.72
N VAL H 29 -13.26 20.04 -41.59
CA VAL H 29 -13.30 18.64 -42.04
C VAL H 29 -12.80 17.71 -40.92
N ASN H 30 -12.15 18.29 -39.93
CA ASN H 30 -11.60 17.54 -38.81
C ASN H 30 -12.28 17.83 -37.47
N ALA H 31 -13.61 17.87 -37.46
CA ALA H 31 -14.35 18.13 -36.24
C ALA H 31 -14.62 16.80 -35.48
N MET H 32 -14.84 16.87 -34.16
CA MET H 32 -15.05 15.65 -33.39
C MET H 32 -15.96 15.82 -32.16
N ASP H 33 -16.72 14.77 -31.84
CA ASP H 33 -17.58 14.80 -30.65
C ASP H 33 -16.76 14.54 -29.39
N ASN H 34 -17.43 14.25 -28.28
CA ASN H 34 -16.69 14.00 -27.04
C ASN H 34 -16.00 12.63 -27.03
N PHE H 35 -16.09 11.90 -28.14
CA PHE H 35 -15.37 10.64 -28.27
C PHE H 35 -14.30 10.69 -29.35
N GLY H 36 -13.89 11.91 -29.74
CA GLY H 36 -12.84 12.10 -30.73
C GLY H 36 -13.09 11.44 -32.08
N VAL H 37 -14.38 11.29 -32.41
CA VAL H 37 -14.84 10.76 -33.68
C VAL H 37 -14.99 11.87 -34.73
N THR H 38 -14.26 11.75 -35.83
CA THR H 38 -14.31 12.72 -36.91
C THR H 38 -15.28 12.26 -38.01
N PRO H 39 -15.65 13.15 -38.94
CA PRO H 39 -16.52 12.73 -40.03
C PRO H 39 -15.97 11.55 -40.85
N LEU H 40 -14.65 11.50 -41.02
CA LEU H 40 -14.01 10.39 -41.71
C LEU H 40 -14.28 9.04 -41.02
N HIS H 41 -14.25 9.04 -39.69
CA HIS H 41 -14.68 7.87 -38.91
C HIS H 41 -16.10 7.42 -39.28
N LEU H 42 -17.07 8.32 -39.17
CA LEU H 42 -18.48 8.01 -39.44
C LEU H 42 -18.73 7.49 -40.86
N ALA H 43 -18.04 8.13 -41.81
CA ALA H 43 -18.19 7.75 -43.20
C ALA H 43 -17.49 6.44 -43.51
N ALA H 44 -16.46 6.08 -42.73
CA ALA H 44 -15.80 4.78 -42.87
C ALA H 44 -16.63 3.66 -42.26
N TYR H 45 -16.99 3.85 -40.99
CA TYR H 45 -17.85 2.94 -40.25
C TYR H 45 -19.15 2.61 -40.99
N TRP H 46 -19.81 3.63 -41.55
CA TRP H 46 -21.14 3.43 -42.10
C TRP H 46 -21.21 3.15 -43.60
N GLY H 47 -20.05 2.99 -44.24
CA GLY H 47 -19.99 2.48 -45.60
C GLY H 47 -20.26 3.44 -46.75
N HIS H 48 -19.99 4.72 -46.53
CA HIS H 48 -20.23 5.72 -47.57
C HIS H 48 -18.91 6.11 -48.24
N PHE H 49 -18.64 5.54 -49.42
CA PHE H 49 -17.34 5.69 -50.07
C PHE H 49 -17.14 7.05 -50.72
N GLU H 50 -18.22 7.55 -51.30
CA GLU H 50 -18.20 8.83 -52.00
C GLU H 50 -17.78 9.92 -51.02
N ILE H 51 -18.46 9.94 -49.88
CA ILE H 51 -18.22 10.89 -48.81
C ILE H 51 -16.80 10.77 -48.25
N VAL H 52 -16.28 9.54 -48.21
CA VAL H 52 -14.90 9.33 -47.80
C VAL H 52 -13.96 10.01 -48.78
N GLU H 53 -14.21 9.84 -50.08
CA GLU H 53 -13.38 10.50 -51.09
C GLU H 53 -13.44 12.01 -50.97
N VAL H 54 -14.61 12.56 -50.74
CA VAL H 54 -14.72 14.00 -50.54
C VAL H 54 -13.94 14.50 -49.33
N LEU H 55 -14.16 13.86 -48.19
CA LEU H 55 -13.48 14.27 -46.97
C LEU H 55 -11.97 14.15 -47.11
N LEU H 56 -11.52 13.05 -47.69
CA LEU H 56 -10.10 12.83 -47.95
C LEU H 56 -9.53 13.93 -48.85
N LYS H 57 -10.24 14.24 -49.93
CA LYS H 57 -9.82 15.26 -50.89
C LYS H 57 -9.73 16.63 -50.23
N TYR H 58 -10.57 16.85 -49.23
CA TYR H 58 -10.56 18.12 -48.53
C TYR H 58 -9.52 18.15 -47.42
N GLY H 59 -8.77 17.04 -47.29
CA GLY H 59 -7.64 16.99 -46.39
C GLY H 59 -7.86 16.48 -44.97
N ALA H 60 -8.78 15.52 -44.82
CA ALA H 60 -9.09 14.94 -43.51
C ALA H 60 -7.93 14.08 -43.01
N ASP H 61 -7.60 14.20 -41.72
CA ASP H 61 -6.52 13.41 -41.12
C ASP H 61 -6.86 11.93 -41.18
N VAL H 62 -6.08 11.21 -41.96
CA VAL H 62 -6.39 9.82 -42.31
C VAL H 62 -6.01 8.85 -41.18
N ASN H 63 -5.10 9.28 -40.31
CA ASN H 63 -4.76 8.49 -39.14
C ASN H 63 -5.25 9.17 -37.87
N ALA H 64 -6.56 9.42 -37.80
CA ALA H 64 -7.16 9.99 -36.59
C ALA H 64 -7.65 8.88 -35.69
N SER H 65 -7.25 8.96 -34.44
CA SER H 65 -7.62 7.96 -33.45
C SER H 65 -8.72 8.48 -32.53
N ASP H 66 -9.78 7.71 -32.35
CA ASP H 66 -10.84 8.14 -31.43
C ASP H 66 -10.54 7.63 -30.02
N ALA H 67 -11.56 7.64 -29.17
CA ALA H 67 -11.38 7.36 -27.74
C ALA H 67 -10.91 5.94 -27.47
N THR H 68 -11.02 5.06 -28.46
CA THR H 68 -10.61 3.66 -28.32
C THR H 68 -9.32 3.34 -29.08
N GLY H 69 -8.64 4.38 -29.54
CA GLY H 69 -7.41 4.21 -30.30
C GLY H 69 -7.64 3.76 -31.74
N ASP H 70 -8.88 3.86 -32.20
CA ASP H 70 -9.27 3.36 -33.52
C ASP H 70 -9.22 4.39 -34.62
N THR H 71 -8.89 3.89 -35.80
CA THR H 71 -8.60 4.69 -36.96
C THR H 71 -9.61 4.31 -38.04
N PRO H 72 -9.98 5.27 -38.93
CA PRO H 72 -10.85 5.01 -40.07
C PRO H 72 -10.62 3.65 -40.74
N LEU H 73 -9.37 3.22 -40.82
CA LEU H 73 -8.99 1.93 -41.41
C LEU H 73 -9.46 0.74 -40.54
N HIS H 74 -9.33 0.86 -39.23
CA HIS H 74 -9.88 -0.14 -38.32
C HIS H 74 -11.38 -0.31 -38.56
N LEU H 75 -12.08 0.82 -38.62
CA LEU H 75 -13.54 0.87 -38.71
C LEU H 75 -14.01 0.44 -40.09
N ALA H 76 -13.15 0.61 -41.08
CA ALA H 76 -13.50 0.16 -42.42
C ALA H 76 -13.31 -1.35 -42.49
N ALA H 77 -12.32 -1.85 -41.76
CA ALA H 77 -11.98 -3.28 -41.77
C ALA H 77 -12.97 -4.12 -40.99
N LYS H 78 -13.61 -3.50 -40.00
CA LYS H 78 -14.62 -4.15 -39.16
C LYS H 78 -15.83 -4.65 -39.95
N TRP H 79 -16.12 -4.06 -41.12
CA TRP H 79 -17.29 -4.45 -41.90
C TRP H 79 -16.95 -5.00 -43.28
N GLY H 80 -15.70 -4.86 -43.70
CA GLY H 80 -15.24 -5.43 -44.96
C GLY H 80 -15.45 -4.56 -46.18
N TYR H 81 -15.33 -3.25 -46.00
CA TYR H 81 -15.43 -2.32 -47.12
C TYR H 81 -14.11 -2.23 -47.87
N LEU H 82 -13.94 -3.13 -48.84
CA LEU H 82 -12.72 -3.21 -49.61
C LEU H 82 -12.41 -1.90 -50.33
N GLY H 83 -13.43 -1.37 -51.00
CA GLY H 83 -13.30 -0.14 -51.78
C GLY H 83 -12.79 1.03 -50.98
N ILE H 84 -13.34 1.22 -49.79
CA ILE H 84 -12.90 2.30 -48.92
C ILE H 84 -11.47 2.06 -48.43
N VAL H 85 -11.22 0.83 -47.98
CA VAL H 85 -9.90 0.43 -47.50
C VAL H 85 -8.80 0.81 -48.47
N GLU H 86 -9.00 0.53 -49.74
CA GLU H 86 -7.96 0.78 -50.74
C GLU H 86 -7.54 2.25 -50.86
N VAL H 87 -8.53 3.16 -50.82
CA VAL H 87 -8.25 4.59 -51.00
C VAL H 87 -7.75 5.20 -49.70
N LEU H 88 -8.21 4.67 -48.57
CA LEU H 88 -7.62 4.97 -47.29
C LEU H 88 -6.12 4.62 -47.28
N LEU H 89 -5.78 3.49 -47.91
CA LEU H 89 -4.39 3.07 -48.02
C LEU H 89 -3.61 3.97 -48.98
N LYS H 90 -4.27 4.43 -50.05
CA LYS H 90 -3.64 5.37 -50.97
C LYS H 90 -3.31 6.71 -50.32
N TYR H 91 -4.12 7.17 -49.38
CA TYR H 91 -3.81 8.43 -48.69
C TYR H 91 -2.91 8.22 -47.48
N GLY H 92 -2.30 7.04 -47.39
CA GLY H 92 -1.22 6.80 -46.45
C GLY H 92 -1.59 6.38 -45.04
N ALA H 93 -2.62 5.57 -44.89
CA ALA H 93 -2.99 5.03 -43.58
C ALA H 93 -1.97 4.00 -43.08
N ASP H 94 -1.71 3.99 -41.79
CA ASP H 94 -0.74 3.07 -41.20
C ASP H 94 -1.35 1.72 -40.92
N VAL H 95 -1.03 0.73 -41.73
CA VAL H 95 -1.68 -0.58 -41.67
C VAL H 95 -1.42 -1.29 -40.35
N ASN H 96 -0.34 -0.90 -39.66
CA ASN H 96 0.10 -1.63 -38.46
C ASN H 96 -0.27 -0.95 -37.13
N ALA H 97 -1.07 0.10 -37.19
CA ALA H 97 -1.46 0.84 -36.00
C ALA H 97 -2.34 -0.01 -35.06
N GLN H 98 -2.07 0.05 -33.75
CA GLN H 98 -2.86 -0.71 -32.79
C GLN H 98 -3.82 0.15 -32.01
N ASP H 99 -4.85 -0.47 -31.45
CA ASP H 99 -5.80 0.26 -30.62
C ASP H 99 -5.89 -0.36 -29.23
N LYS H 100 -6.84 0.10 -28.42
CA LYS H 100 -6.91 -0.27 -27.01
C LYS H 100 -7.16 -1.76 -26.81
N PHE H 101 -7.63 -2.44 -27.86
CA PHE H 101 -7.84 -3.89 -27.81
C PHE H 101 -6.67 -4.60 -28.42
N GLY H 102 -5.63 -3.84 -28.77
CA GLY H 102 -4.43 -4.41 -29.36
C GLY H 102 -4.73 -5.02 -30.71
N LYS H 103 -5.59 -4.37 -31.47
CA LYS H 103 -6.04 -4.90 -32.74
C LYS H 103 -5.42 -4.16 -33.89
N THR H 104 -5.04 -4.90 -34.92
CA THR H 104 -4.59 -4.35 -36.20
C THR H 104 -5.68 -4.65 -37.22
N ALA H 105 -5.88 -3.77 -38.20
CA ALA H 105 -6.76 -4.01 -39.33
C ALA H 105 -6.63 -5.42 -39.88
N PHE H 106 -5.40 -5.92 -39.91
CA PHE H 106 -5.12 -7.30 -40.27
C PHE H 106 -5.76 -8.28 -39.30
N ASP H 107 -5.48 -8.12 -38.01
CA ASP H 107 -6.03 -9.01 -36.99
C ASP H 107 -7.54 -9.07 -37.13
N ILE H 108 -8.16 -7.90 -37.29
CA ILE H 108 -9.60 -7.78 -37.55
C ILE H 108 -10.03 -8.60 -38.76
N SER H 109 -9.29 -8.45 -39.86
CA SER H 109 -9.57 -9.23 -41.08
C SER H 109 -9.53 -10.73 -40.79
N ILE H 110 -8.61 -11.17 -39.94
CA ILE H 110 -8.56 -12.56 -39.51
C ILE H 110 -9.75 -12.95 -38.63
N ASP H 111 -10.24 -12.01 -37.82
CA ASP H 111 -11.46 -12.21 -37.03
C ASP H 111 -12.64 -12.51 -37.93
N ASN H 112 -12.79 -11.75 -39.01
CA ASN H 112 -13.97 -11.88 -39.84
C ASN H 112 -13.86 -12.95 -40.93
N GLY H 113 -12.71 -13.62 -40.98
CA GLY H 113 -12.46 -14.62 -42.00
C GLY H 113 -12.44 -14.07 -43.41
N ASN H 114 -12.00 -12.84 -43.59
CA ASN H 114 -11.99 -12.16 -44.88
C ASN H 114 -10.65 -12.26 -45.57
N GLU H 115 -10.56 -13.08 -46.62
CA GLU H 115 -9.27 -13.37 -47.23
C GLU H 115 -8.83 -12.34 -48.27
N ASP H 116 -9.79 -11.72 -48.95
CA ASP H 116 -9.49 -10.71 -49.96
C ASP H 116 -8.94 -9.43 -49.31
N LEU H 117 -9.64 -8.98 -48.28
CA LEU H 117 -9.19 -7.87 -47.44
C LEU H 117 -7.81 -8.17 -46.87
N ALA H 118 -7.67 -9.38 -46.35
CA ALA H 118 -6.44 -9.80 -45.75
C ALA H 118 -5.29 -9.73 -46.75
N GLU H 119 -5.54 -10.09 -48.00
CA GLU H 119 -4.45 -10.04 -48.98
C GLU H 119 -4.14 -8.62 -49.41
N ILE H 120 -5.17 -7.75 -49.46
CA ILE H 120 -4.91 -6.33 -49.70
C ILE H 120 -3.99 -5.76 -48.62
N LEU H 121 -4.42 -5.91 -47.37
CA LEU H 121 -3.65 -5.46 -46.20
C LEU H 121 -2.24 -6.00 -46.21
N CYS H 122 -2.13 -7.31 -46.43
CA CYS H 122 -0.83 -7.98 -46.39
C CYS H 122 0.11 -7.46 -47.45
N LYS H 123 -0.38 -7.30 -48.67
CA LYS H 123 0.49 -6.85 -49.73
C LYS H 123 0.90 -5.40 -49.49
N ASN H 124 0.14 -4.69 -48.67
CA ASN H 124 0.53 -3.35 -48.28
C ASN H 124 1.62 -3.35 -47.21
N LYS H 125 1.56 -4.31 -46.26
CA LYS H 125 2.57 -4.45 -45.18
C LYS H 125 3.93 -4.73 -45.74
N ALA H 126 3.96 -5.55 -46.77
CA ALA H 126 5.19 -5.98 -47.41
C ALA H 126 6.00 -4.79 -47.94
N GLN H 127 5.30 -3.71 -48.26
CA GLN H 127 5.90 -2.54 -48.86
C GLN H 127 6.62 -1.70 -47.84
N GLN H 128 5.98 -1.49 -46.70
CA GLN H 128 6.62 -0.79 -45.59
C GLN H 128 7.83 -1.60 -45.17
N ALA H 129 7.65 -2.92 -45.19
CA ALA H 129 8.72 -3.86 -44.88
C ALA H 129 9.90 -3.66 -45.81
N ALA H 130 9.62 -3.50 -47.10
CA ALA H 130 10.64 -3.25 -48.11
C ALA H 130 11.36 -1.95 -47.80
N PHE H 131 10.60 -0.91 -47.49
CA PHE H 131 11.17 0.36 -47.03
C PHE H 131 12.22 0.14 -45.92
N TYR H 132 11.74 -0.31 -44.76
CA TYR H 132 12.58 -0.57 -43.58
C TYR H 132 13.76 -1.49 -43.90
N CYS H 133 13.58 -2.43 -44.81
CA CYS H 133 14.65 -3.35 -45.24
C CYS H 133 15.72 -2.69 -46.06
N ILE H 134 15.33 -1.74 -46.90
CA ILE H 134 16.28 -0.95 -47.68
C ILE H 134 17.06 -0.06 -46.73
N LEU H 135 16.38 0.46 -45.71
CA LEU H 135 17.02 1.36 -44.77
C LEU H 135 18.16 0.71 -43.99
N HIS H 136 18.14 -0.62 -43.92
CA HIS H 136 19.20 -1.28 -43.20
C HIS H 136 20.22 -1.93 -44.10
N MET H 137 20.49 -1.28 -45.23
CA MET H 137 21.64 -1.61 -46.06
C MET H 137 22.84 -0.84 -45.57
N PRO H 138 23.85 -1.55 -45.03
CA PRO H 138 24.95 -0.81 -44.44
C PRO H 138 25.94 -0.28 -45.49
N ASN H 139 25.87 -0.79 -46.71
CA ASN H 139 26.82 -0.43 -47.75
C ASN H 139 26.18 0.37 -48.88
N LEU H 140 25.47 1.43 -48.49
CA LEU H 140 24.96 2.41 -49.44
C LEU H 140 25.21 3.79 -48.86
N ASN H 141 25.10 4.82 -49.70
CA ASN H 141 25.16 6.20 -49.22
C ASN H 141 23.79 6.85 -49.27
N GLU H 142 23.69 8.06 -48.72
CA GLU H 142 22.40 8.72 -48.60
C GLU H 142 21.75 8.98 -49.95
N ALA H 143 22.56 9.19 -50.98
CA ALA H 143 22.05 9.42 -52.32
C ALA H 143 21.35 8.17 -52.85
N GLN H 144 22.01 7.03 -52.72
CA GLN H 144 21.46 5.76 -53.19
C GLN H 144 20.19 5.39 -52.42
N ARG H 145 20.28 5.49 -51.09
CA ARG H 145 19.13 5.25 -50.23
C ARG H 145 17.92 6.09 -50.62
N ASN H 146 18.12 7.41 -50.69
CA ASN H 146 17.02 8.30 -51.03
C ASN H 146 16.47 8.05 -52.42
N GLY H 147 17.35 7.71 -53.35
CA GLY H 147 16.91 7.36 -54.70
C GLY H 147 15.98 6.17 -54.69
N PHE H 148 16.38 5.13 -53.97
CA PHE H 148 15.55 3.94 -53.85
C PHE H 148 14.23 4.21 -53.15
N ILE H 149 14.27 5.07 -52.12
CA ILE H 149 13.07 5.46 -51.38
C ILE H 149 12.07 6.17 -52.29
N GLN H 150 12.53 7.25 -52.93
CA GLN H 150 11.68 8.03 -53.83
C GLN H 150 11.12 7.13 -54.94
N SER H 151 11.95 6.25 -55.47
CA SER H 151 11.48 5.30 -56.47
C SER H 151 10.38 4.41 -55.94
N LEU H 152 10.49 4.04 -54.66
CA LEU H 152 9.48 3.20 -54.02
C LEU H 152 8.16 3.93 -53.85
N LYS H 153 8.22 5.14 -53.34
CA LYS H 153 7.03 5.94 -53.15
C LYS H 153 6.37 6.37 -54.47
N ASP H 154 7.13 6.39 -55.56
CA ASP H 154 6.54 6.68 -56.86
C ASP H 154 5.74 5.50 -57.38
N ASP H 155 6.08 4.30 -56.91
CA ASP H 155 5.41 3.09 -57.40
C ASP H 155 5.62 1.96 -56.42
N PRO H 156 4.74 1.86 -55.40
CA PRO H 156 4.83 0.91 -54.28
C PRO H 156 4.82 -0.55 -54.71
N SER H 157 4.12 -0.83 -55.81
CA SER H 157 3.94 -2.18 -56.32
C SER H 157 5.20 -2.73 -56.96
N GLN H 158 6.29 -1.97 -56.92
CA GLN H 158 7.59 -2.43 -57.39
C GLN H 158 8.53 -2.80 -56.25
N SER H 159 8.12 -2.48 -55.03
CA SER H 159 8.90 -2.65 -53.79
C SER H 159 9.93 -3.77 -53.81
N THR H 160 9.44 -4.98 -54.06
CA THR H 160 10.29 -6.16 -54.05
C THR H 160 11.50 -6.06 -54.99
N ASN H 161 11.24 -5.78 -56.27
CA ASN H 161 12.30 -5.57 -57.25
C ASN H 161 13.29 -4.55 -56.77
N VAL H 162 12.79 -3.41 -56.29
CA VAL H 162 13.64 -2.35 -55.79
C VAL H 162 14.58 -2.90 -54.71
N LEU H 163 14.01 -3.64 -53.75
CA LEU H 163 14.79 -4.26 -52.70
C LEU H 163 15.89 -5.14 -53.28
N GLY H 164 15.51 -6.01 -54.22
CA GLY H 164 16.45 -6.85 -54.93
C GLY H 164 17.62 -6.04 -55.43
N GLU H 165 17.33 -4.98 -56.17
CA GLU H 165 18.39 -4.14 -56.72
C GLU H 165 19.33 -3.68 -55.61
N ALA H 166 18.74 -3.16 -54.54
CA ALA H 166 19.50 -2.68 -53.41
C ALA H 166 20.50 -3.73 -52.93
N LYS H 167 20.02 -4.94 -52.68
CA LYS H 167 20.89 -6.03 -52.21
C LYS H 167 22.03 -6.27 -53.17
N LYS H 168 21.71 -6.37 -54.45
CA LYS H 168 22.72 -6.57 -55.49
C LYS H 168 23.83 -5.56 -55.33
N LEU H 169 23.43 -4.30 -55.21
CA LEU H 169 24.37 -3.20 -55.12
C LEU H 169 25.13 -3.23 -53.79
N ASN H 170 24.41 -3.65 -52.76
CA ASN H 170 24.93 -3.68 -51.41
C ASN H 170 26.15 -4.60 -51.35
N GLU H 171 25.95 -5.82 -51.83
CA GLU H 171 27.03 -6.80 -51.83
C GLU H 171 28.02 -6.47 -52.92
N SER H 172 27.67 -5.53 -53.79
CA SER H 172 28.65 -5.08 -54.79
C SER H 172 29.61 -4.07 -54.17
N GLN H 173 29.11 -3.31 -53.20
CA GLN H 173 29.89 -2.22 -52.63
C GLN H 173 30.47 -2.60 -51.26
N ALA H 174 30.59 -3.90 -51.01
CA ALA H 174 31.12 -4.42 -49.75
C ALA H 174 32.52 -3.89 -49.50
N PRO H 175 32.80 -3.47 -48.25
CA PRO H 175 33.95 -2.62 -47.93
C PRO H 175 35.30 -3.26 -48.21
N LYS H 176 36.35 -2.48 -47.98
CA LYS H 176 37.72 -2.92 -48.25
C LYS H 176 37.80 -3.55 -49.63
N SER I 1 -6.18 -24.18 43.33
CA SER I 1 -4.94 -23.54 43.77
C SER I 1 -3.97 -24.61 44.25
N ASP I 2 -3.58 -25.48 43.33
CA ASP I 2 -2.67 -26.60 43.58
C ASP I 2 -2.56 -27.37 42.28
N LEU I 3 -3.72 -27.59 41.66
CA LEU I 3 -3.84 -28.05 40.29
C LEU I 3 -3.59 -26.85 39.38
N GLY I 4 -3.91 -25.67 39.92
CA GLY I 4 -3.69 -24.40 39.25
C GLY I 4 -2.23 -24.09 38.98
N LYS I 5 -1.36 -24.37 39.96
CA LYS I 5 0.08 -24.14 39.83
C LYS I 5 0.68 -25.01 38.73
N LYS I 6 0.21 -26.25 38.68
CA LYS I 6 0.64 -27.19 37.66
C LYS I 6 0.10 -26.78 36.31
N LEU I 7 -1.05 -26.12 36.31
CA LEU I 7 -1.62 -25.62 35.06
C LEU I 7 -0.77 -24.47 34.50
N LEU I 8 -0.45 -23.50 35.35
CA LEU I 8 0.42 -22.40 34.95
C LEU I 8 1.72 -22.97 34.39
N GLU I 9 2.30 -23.92 35.11
CA GLU I 9 3.60 -24.47 34.72
C GLU I 9 3.53 -25.26 33.42
N ALA I 10 2.40 -25.95 33.20
CA ALA I 10 2.25 -26.77 32.00
C ALA I 10 2.00 -25.89 30.79
N ALA I 11 1.39 -24.72 31.03
CA ALA I 11 1.11 -23.75 29.97
C ALA I 11 2.40 -23.05 29.54
N HIS I 12 3.16 -22.60 30.54
CA HIS I 12 4.50 -22.07 30.33
C HIS I 12 5.38 -23.05 29.56
N ALA I 13 5.44 -24.29 30.02
CA ALA I 13 6.32 -25.29 29.42
C ALA I 13 5.97 -25.57 27.96
N GLY I 14 4.69 -25.81 27.70
CA GLY I 14 4.25 -26.07 26.35
C GLY I 14 3.80 -27.50 26.16
N GLN I 15 3.38 -28.12 27.25
CA GLN I 15 3.02 -29.54 27.23
C GLN I 15 1.52 -29.72 27.02
N ASP I 16 1.14 -29.97 25.77
CA ASP I 16 -0.26 -30.06 25.35
C ASP I 16 -1.10 -31.02 26.17
N ASP I 17 -0.89 -32.32 25.93
CA ASP I 17 -1.79 -33.33 26.47
C ASP I 17 -1.83 -33.27 27.97
N GLU I 18 -0.72 -32.87 28.59
CA GLU I 18 -0.68 -32.63 30.03
C GLU I 18 -1.73 -31.59 30.44
N VAL I 19 -1.87 -30.57 29.61
CA VAL I 19 -2.90 -29.56 29.86
C VAL I 19 -4.29 -30.12 29.60
N ARG I 20 -4.48 -30.86 28.50
CA ARG I 20 -5.79 -31.46 28.25
C ARG I 20 -6.21 -32.38 29.41
N ILE I 21 -5.23 -33.07 29.98
CA ILE I 21 -5.42 -33.87 31.18
C ILE I 21 -5.82 -33.04 32.39
N LEU I 22 -4.99 -32.05 32.72
CA LEU I 22 -5.25 -31.14 33.83
C LEU I 22 -6.64 -30.52 33.73
N MET I 23 -7.08 -30.24 32.51
CA MET I 23 -8.38 -29.64 32.25
C MET I 23 -9.50 -30.65 32.48
N ALA I 24 -9.39 -31.79 31.80
CA ALA I 24 -10.37 -32.85 31.97
C ALA I 24 -10.59 -33.17 33.46
N ASN I 25 -9.51 -33.18 34.24
CA ASN I 25 -9.62 -33.38 35.68
C ASN I 25 -10.15 -32.18 36.43
N GLY I 26 -10.55 -31.14 35.69
CA GLY I 26 -11.20 -29.98 36.29
C GLY I 26 -10.29 -28.98 37.00
N ALA I 27 -9.21 -28.56 36.35
CA ALA I 27 -8.37 -27.49 36.90
C ALA I 27 -8.92 -26.11 36.50
N ASP I 28 -8.80 -25.16 37.42
CA ASP I 28 -9.23 -23.78 37.22
C ASP I 28 -8.51 -23.14 36.03
N VAL I 29 -9.25 -22.88 34.95
CA VAL I 29 -8.66 -22.33 33.73
C VAL I 29 -8.28 -20.86 33.92
N ASN I 30 -8.77 -20.25 34.99
CA ASN I 30 -8.49 -18.85 35.27
C ASN I 30 -7.68 -18.63 36.54
N ALA I 31 -6.65 -19.44 36.77
CA ALA I 31 -5.80 -19.29 37.94
C ALA I 31 -4.64 -18.29 37.70
N MET I 32 -4.10 -17.70 38.76
CA MET I 32 -3.08 -16.68 38.59
C MET I 32 -2.07 -16.62 39.74
N ASP I 33 -0.82 -16.24 39.42
CA ASP I 33 0.21 -16.07 40.43
C ASP I 33 0.07 -14.71 41.11
N ASN I 34 1.08 -14.29 41.85
CA ASN I 34 0.98 -13.02 42.54
C ASN I 34 1.13 -11.83 41.60
N PHE I 35 1.25 -12.10 40.30
CA PHE I 35 1.30 -11.04 39.29
C PHE I 35 0.08 -11.04 38.35
N GLY I 36 -1.00 -11.70 38.79
CA GLY I 36 -2.24 -11.76 38.02
C GLY I 36 -2.11 -12.38 36.63
N VAL I 37 -1.09 -13.22 36.47
CA VAL I 37 -0.84 -13.93 35.21
C VAL I 37 -1.60 -15.26 35.13
N THR I 38 -2.45 -15.38 34.14
CA THR I 38 -3.24 -16.60 33.94
C THR I 38 -2.54 -17.52 32.95
N PRO I 39 -2.97 -18.80 32.86
CA PRO I 39 -2.41 -19.72 31.86
C PRO I 39 -2.48 -19.19 30.42
N LEU I 40 -3.56 -18.48 30.08
CA LEU I 40 -3.74 -17.86 28.76
C LEU I 40 -2.63 -16.84 28.45
N HIS I 41 -2.25 -16.06 29.46
CA HIS I 41 -1.08 -15.19 29.35
C HIS I 41 0.18 -15.97 28.97
N LEU I 42 0.51 -17.01 29.75
CA LEU I 42 1.73 -17.81 29.51
C LEU I 42 1.76 -18.46 28.13
N ALA I 43 0.61 -18.98 27.73
CA ALA I 43 0.52 -19.67 26.47
C ALA I 43 0.53 -18.69 25.32
N ALA I 44 0.16 -17.43 25.59
CA ALA I 44 0.23 -16.39 24.56
C ALA I 44 1.68 -15.90 24.41
N TYR I 45 2.24 -15.46 25.53
CA TYR I 45 3.61 -15.00 25.60
C TYR I 45 4.59 -16.00 24.98
N TRP I 46 4.41 -17.28 25.28
CA TRP I 46 5.40 -18.27 24.89
C TRP I 46 5.14 -19.03 23.57
N GLY I 47 4.10 -18.64 22.85
CA GLY I 47 3.96 -19.10 21.48
C GLY I 47 3.35 -20.47 21.28
N HIS I 48 2.56 -20.92 22.24
CA HIS I 48 1.89 -22.20 22.12
C HIS I 48 0.42 -22.06 21.70
N PHE I 49 0.14 -22.20 20.40
CA PHE I 49 -1.20 -21.92 19.85
C PHE I 49 -2.26 -22.98 20.19
N GLU I 50 -1.84 -24.24 20.20
CA GLU I 50 -2.72 -25.36 20.51
C GLU I 50 -3.32 -25.19 21.91
N ILE I 51 -2.44 -24.92 22.86
CA ILE I 51 -2.80 -24.71 24.25
C ILE I 51 -3.70 -23.50 24.43
N VAL I 52 -3.51 -22.50 23.58
CA VAL I 52 -4.35 -21.30 23.59
C VAL I 52 -5.76 -21.69 23.16
N GLU I 53 -5.87 -22.46 22.09
CA GLU I 53 -7.17 -22.95 21.65
C GLU I 53 -7.86 -23.75 22.74
N VAL I 54 -7.14 -24.65 23.39
CA VAL I 54 -7.72 -25.43 24.48
C VAL I 54 -8.24 -24.54 25.61
N LEU I 55 -7.40 -23.63 26.07
CA LEU I 55 -7.79 -22.80 27.21
C LEU I 55 -8.98 -21.93 26.86
N LEU I 56 -8.94 -21.37 25.65
CA LEU I 56 -10.03 -20.57 25.14
C LEU I 56 -11.35 -21.39 25.12
N LYS I 57 -11.26 -22.60 24.56
CA LYS I 57 -12.42 -23.50 24.44
C LYS I 57 -12.98 -23.83 25.81
N TYR I 58 -12.10 -23.91 26.80
CA TYR I 58 -12.55 -24.21 28.14
C TYR I 58 -13.04 -22.97 28.86
N GLY I 59 -13.03 -21.83 28.16
CA GLY I 59 -13.65 -20.62 28.67
C GLY I 59 -12.77 -19.68 29.46
N ALA I 60 -11.50 -19.57 29.10
CA ALA I 60 -10.56 -18.63 29.73
C ALA I 60 -10.89 -17.16 29.41
N ASP I 61 -10.80 -16.31 30.42
CA ASP I 61 -11.11 -14.89 30.24
C ASP I 61 -10.09 -14.29 29.28
N VAL I 62 -10.59 -13.85 28.13
CA VAL I 62 -9.74 -13.43 27.01
C VAL I 62 -9.23 -12.01 27.20
N ASN I 63 -9.89 -11.23 28.05
CA ASN I 63 -9.40 -9.90 28.37
C ASN I 63 -8.95 -9.82 29.82
N ALA I 64 -8.03 -10.68 30.20
CA ALA I 64 -7.48 -10.69 31.55
C ALA I 64 -6.26 -9.82 31.60
N SER I 65 -6.24 -8.91 32.58
CA SER I 65 -5.15 -7.96 32.75
C SER I 65 -4.22 -8.38 33.90
N ASP I 66 -2.92 -8.46 33.64
CA ASP I 66 -2.02 -8.80 34.74
C ASP I 66 -1.57 -7.55 35.46
N ALA I 67 -0.49 -7.64 36.21
CA ALA I 67 -0.07 -6.56 37.09
C ALA I 67 0.37 -5.31 36.36
N THR I 68 0.62 -5.45 35.04
CA THR I 68 1.04 -4.32 34.19
C THR I 68 -0.07 -3.85 33.26
N GLY I 69 -1.28 -4.30 33.49
CA GLY I 69 -2.42 -3.93 32.66
C GLY I 69 -2.43 -4.64 31.31
N ASP I 70 -1.63 -5.67 31.19
CA ASP I 70 -1.45 -6.36 29.90
C ASP I 70 -2.35 -7.55 29.74
N THR I 71 -2.77 -7.72 28.49
CA THR I 71 -3.74 -8.71 28.07
C THR I 71 -3.04 -9.73 27.15
N PRO I 72 -3.51 -10.99 27.12
CA PRO I 72 -3.04 -12.00 26.18
C PRO I 72 -2.75 -11.46 24.76
N LEU I 73 -3.53 -10.49 24.30
CA LEU I 73 -3.34 -9.91 22.97
C LEU I 73 -2.08 -9.05 22.91
N HIS I 74 -1.85 -8.27 23.95
CA HIS I 74 -0.62 -7.49 24.07
C HIS I 74 0.58 -8.41 23.98
N LEU I 75 0.55 -9.47 24.78
CA LEU I 75 1.67 -10.40 24.90
C LEU I 75 1.86 -11.24 23.64
N ALA I 76 0.81 -11.41 22.87
CA ALA I 76 0.89 -12.13 21.60
C ALA I 76 1.48 -11.21 20.57
N ALA I 77 1.14 -9.94 20.65
CA ALA I 77 1.62 -8.92 19.70
C ALA I 77 3.10 -8.60 19.90
N LYS I 78 3.56 -8.76 21.14
CA LYS I 78 4.95 -8.47 21.47
C LYS I 78 5.94 -9.33 20.68
N TRP I 79 5.50 -10.49 20.21
CA TRP I 79 6.42 -11.41 19.52
C TRP I 79 6.02 -11.69 18.08
N GLY I 80 4.82 -11.29 17.68
CA GLY I 80 4.40 -11.39 16.31
C GLY I 80 3.72 -12.68 15.97
N TYR I 81 2.99 -13.26 16.93
CA TYR I 81 2.27 -14.51 16.69
C TYR I 81 0.95 -14.25 16.01
N LEU I 82 0.96 -14.17 14.70
CA LEU I 82 -0.23 -13.86 13.92
C LEU I 82 -1.36 -14.86 14.19
N GLY I 83 -1.02 -16.14 14.14
CA GLY I 83 -1.98 -17.22 14.31
C GLY I 83 -2.76 -17.14 15.61
N ILE I 84 -2.06 -16.87 16.71
CA ILE I 84 -2.69 -16.72 18.01
C ILE I 84 -3.55 -15.49 18.07
N VAL I 85 -2.99 -14.38 17.58
CA VAL I 85 -3.69 -13.10 17.51
C VAL I 85 -5.08 -13.22 16.89
N GLU I 86 -5.16 -13.92 15.76
CA GLU I 86 -6.42 -14.07 15.04
C GLU I 86 -7.55 -14.75 15.85
N VAL I 87 -7.20 -15.83 16.57
CA VAL I 87 -8.20 -16.58 17.31
C VAL I 87 -8.55 -15.85 18.61
N LEU I 88 -7.55 -15.18 19.17
CA LEU I 88 -7.78 -14.26 20.29
C LEU I 88 -8.78 -13.17 19.91
N LEU I 89 -8.71 -12.69 18.67
CA LEU I 89 -9.66 -11.70 18.15
C LEU I 89 -11.05 -12.30 17.89
N LYS I 90 -11.07 -13.57 17.47
CA LYS I 90 -12.33 -14.28 17.28
C LYS I 90 -13.07 -14.45 18.60
N TYR I 91 -12.36 -14.67 19.70
CA TYR I 91 -13.04 -14.79 20.98
C TYR I 91 -13.30 -13.46 21.65
N GLY I 92 -13.16 -12.38 20.88
CA GLY I 92 -13.62 -11.07 21.30
C GLY I 92 -12.71 -10.24 22.16
N ALA I 93 -11.40 -10.29 21.88
CA ALA I 93 -10.41 -9.45 22.57
C ALA I 93 -10.53 -7.98 22.16
N ASP I 94 -10.38 -7.07 23.12
CA ASP I 94 -10.52 -5.64 22.84
C ASP I 94 -9.22 -5.07 22.28
N VAL I 95 -9.22 -4.81 20.97
CA VAL I 95 -8.01 -4.38 20.29
C VAL I 95 -7.47 -3.04 20.78
N ASN I 96 -8.31 -2.24 21.42
CA ASN I 96 -7.91 -0.88 21.82
C ASN I 96 -7.56 -0.71 23.29
N ALA I 97 -7.44 -1.82 24.00
CA ALA I 97 -7.18 -1.78 25.44
C ALA I 97 -5.79 -1.28 25.70
N GLN I 98 -5.63 -0.41 26.71
CA GLN I 98 -4.32 0.17 27.05
C GLN I 98 -3.76 -0.44 28.33
N ASP I 99 -2.43 -0.36 28.49
CA ASP I 99 -1.79 -0.88 29.70
C ASP I 99 -1.00 0.24 30.39
N LYS I 100 -0.21 -0.11 31.41
CA LYS I 100 0.50 0.86 32.24
C LYS I 100 1.54 1.64 31.44
N PHE I 101 1.93 1.14 30.28
CA PHE I 101 2.83 1.88 29.41
C PHE I 101 2.07 2.67 28.35
N GLY I 102 0.76 2.69 28.45
CA GLY I 102 -0.06 3.34 27.46
C GLY I 102 0.11 2.73 26.09
N LYS I 103 0.24 1.41 26.05
CA LYS I 103 0.44 0.68 24.79
C LYS I 103 -0.82 -0.04 24.32
N THR I 104 -1.06 0.04 23.01
CA THR I 104 -2.10 -0.74 22.35
C THR I 104 -1.41 -1.77 21.49
N ALA I 105 -2.03 -2.94 21.31
CA ALA I 105 -1.51 -3.99 20.46
C ALA I 105 -1.04 -3.45 19.12
N PHE I 106 -1.75 -2.43 18.66
CA PHE I 106 -1.38 -1.72 17.45
C PHE I 106 -0.08 -0.96 17.62
N ASP I 107 0.02 -0.17 18.67
CA ASP I 107 1.23 0.59 18.96
C ASP I 107 2.43 -0.35 18.98
N ILE I 108 2.29 -1.44 19.73
CA ILE I 108 3.27 -2.51 19.74
C ILE I 108 3.65 -2.97 18.34
N SER I 109 2.66 -3.24 17.50
CA SER I 109 2.95 -3.70 16.16
C SER I 109 3.80 -2.67 15.44
N ILE I 110 3.54 -1.39 15.71
CA ILE I 110 4.32 -0.30 15.12
C ILE I 110 5.76 -0.26 15.67
N ASP I 111 5.92 -0.64 16.93
CA ASP I 111 7.25 -0.77 17.52
C ASP I 111 8.06 -1.80 16.80
N ASN I 112 7.46 -2.95 16.50
CA ASN I 112 8.22 -4.04 15.91
C ASN I 112 8.35 -3.98 14.38
N GLY I 113 7.75 -2.97 13.76
CA GLY I 113 7.78 -2.84 12.32
C GLY I 113 7.06 -3.96 11.58
N ASN I 114 5.99 -4.49 12.20
CA ASN I 114 5.24 -5.64 11.66
C ASN I 114 4.00 -5.20 10.92
N GLU I 115 4.03 -5.28 9.60
CA GLU I 115 2.96 -4.70 8.80
C GLU I 115 1.76 -5.64 8.64
N ASP I 116 2.02 -6.94 8.64
CA ASP I 116 0.96 -7.94 8.47
C ASP I 116 0.04 -7.96 9.71
N LEU I 117 0.69 -8.04 10.87
CA LEU I 117 0.02 -7.94 12.16
C LEU I 117 -0.76 -6.63 12.25
N ALA I 118 -0.12 -5.56 11.82
CA ALA I 118 -0.72 -4.22 11.85
C ALA I 118 -1.98 -4.17 11.03
N GLU I 119 -1.98 -4.78 9.84
CA GLU I 119 -3.18 -4.77 9.01
C GLU I 119 -4.29 -5.68 9.59
N ILE I 120 -3.90 -6.78 10.23
CA ILE I 120 -4.91 -7.61 10.92
C ILE I 120 -5.64 -6.78 11.98
N LEU I 121 -4.83 -6.24 12.89
CA LEU I 121 -5.31 -5.37 13.96
C LEU I 121 -6.19 -4.24 13.42
N CYS I 122 -5.68 -3.58 12.40
CA CYS I 122 -6.33 -2.40 11.85
C CYS I 122 -7.67 -2.77 11.26
N LYS I 123 -7.72 -3.85 10.50
CA LYS I 123 -8.98 -4.23 9.88
C LYS I 123 -9.96 -4.72 10.93
N ASN I 124 -9.46 -5.14 12.08
CA ASN I 124 -10.38 -5.42 13.18
C ASN I 124 -10.99 -4.18 13.80
N LYS I 125 -10.25 -3.08 13.76
CA LYS I 125 -10.64 -1.86 14.43
C LYS I 125 -11.82 -1.21 13.75
N ALA I 126 -11.82 -1.29 12.42
CA ALA I 126 -12.85 -0.65 11.61
C ALA I 126 -14.24 -1.21 11.92
N GLN I 127 -14.27 -2.46 12.36
CA GLN I 127 -15.50 -3.17 12.67
C GLN I 127 -16.15 -2.73 13.99
N GLN I 128 -15.33 -2.59 15.02
CA GLN I 128 -15.80 -2.04 16.29
C GLN I 128 -16.23 -0.60 16.03
N ALA I 129 -15.47 0.09 15.18
CA ALA I 129 -15.82 1.44 14.78
C ALA I 129 -17.19 1.46 14.13
N ALA I 130 -17.48 0.46 13.31
CA ALA I 130 -18.78 0.36 12.65
C ALA I 130 -19.89 0.19 13.67
N PHE I 131 -19.68 -0.72 14.61
CA PHE I 131 -20.59 -0.91 15.73
C PHE I 131 -20.94 0.43 16.39
N TYR I 132 -19.94 1.05 17.00
CA TYR I 132 -20.09 2.31 17.73
C TYR I 132 -20.76 3.38 16.86
N CYS I 133 -20.46 3.36 15.55
CA CYS I 133 -21.04 4.31 14.59
C CYS I 133 -22.52 4.08 14.33
N ILE I 134 -22.92 2.81 14.32
CA ILE I 134 -24.33 2.44 14.20
C ILE I 134 -25.08 2.84 15.45
N LEU I 135 -24.41 2.71 16.60
CA LEU I 135 -25.02 3.04 17.88
C LEU I 135 -25.38 4.51 18.00
N HIS I 136 -24.75 5.36 17.20
CA HIS I 136 -25.06 6.80 17.28
C HIS I 136 -25.88 7.30 16.11
N MET I 137 -26.79 6.46 15.66
CA MET I 137 -27.87 6.86 14.76
C MET I 137 -29.03 7.34 15.59
N PRO I 138 -29.39 8.63 15.48
CA PRO I 138 -30.41 9.14 16.39
C PRO I 138 -31.83 8.80 15.91
N ASN I 139 -31.95 8.40 14.67
CA ASN I 139 -33.26 8.18 14.08
C ASN I 139 -33.51 6.72 13.76
N LEU I 140 -33.26 5.87 14.74
CA LEU I 140 -33.58 4.45 14.66
C LEU I 140 -34.22 4.03 15.98
N ASN I 141 -34.88 2.89 15.99
CA ASN I 141 -35.43 2.35 17.22
C ASN I 141 -34.62 1.15 17.63
N GLU I 142 -34.88 0.64 18.83
CA GLU I 142 -34.08 -0.45 19.39
C GLU I 142 -34.18 -1.71 18.55
N ALA I 143 -35.30 -1.91 17.86
CA ALA I 143 -35.46 -3.08 17.02
C ALA I 143 -34.51 -3.02 15.83
N GLN I 144 -34.47 -1.86 15.18
CA GLN I 144 -33.58 -1.62 14.06
C GLN I 144 -32.09 -1.71 14.42
N ARG I 145 -31.73 -0.99 15.48
CA ARG I 145 -30.39 -1.06 16.05
C ARG I 145 -29.96 -2.48 16.34
N ASN I 146 -30.74 -3.21 17.12
CA ASN I 146 -30.39 -4.59 17.48
C ASN I 146 -30.27 -5.50 16.28
N GLY I 147 -31.15 -5.32 15.31
CA GLY I 147 -31.08 -6.09 14.08
C GLY I 147 -29.77 -5.88 13.38
N PHE I 148 -29.36 -4.62 13.25
CA PHE I 148 -28.10 -4.29 12.62
C PHE I 148 -26.90 -4.84 13.39
N ILE I 149 -26.96 -4.77 14.71
CA ILE I 149 -25.93 -5.32 15.56
C ILE I 149 -25.76 -6.83 15.38
N GLN I 150 -26.84 -7.58 15.53
CA GLN I 150 -26.80 -9.01 15.39
C GLN I 150 -26.34 -9.41 14.00
N SER I 151 -26.79 -8.68 12.99
CA SER I 151 -26.31 -8.92 11.62
C SER I 151 -24.80 -8.71 11.52
N LEU I 152 -24.29 -7.70 12.23
CA LEU I 152 -22.86 -7.42 12.22
C LEU I 152 -22.06 -8.54 12.87
N LYS I 153 -22.51 -8.96 14.05
CA LYS I 153 -21.84 -10.03 14.75
C LYS I 153 -21.95 -11.38 14.02
N ASP I 154 -22.95 -11.56 13.18
CA ASP I 154 -23.03 -12.79 12.40
C ASP I 154 -22.02 -12.81 11.27
N ASP I 155 -21.54 -11.64 10.86
CA ASP I 155 -20.61 -11.52 9.74
C ASP I 155 -19.90 -10.16 9.75
N PRO I 156 -18.82 -10.05 10.50
CA PRO I 156 -18.08 -8.80 10.75
C PRO I 156 -17.52 -8.15 9.50
N SER I 157 -17.24 -8.98 8.50
CA SER I 157 -16.64 -8.53 7.25
C SER I 157 -17.62 -7.77 6.38
N GLN I 158 -18.86 -7.63 6.84
CA GLN I 158 -19.87 -6.85 6.12
C GLN I 158 -20.11 -5.46 6.73
N SER I 159 -19.50 -5.24 7.89
CA SER I 159 -19.63 -4.02 8.70
C SER I 159 -19.97 -2.75 7.90
N THR I 160 -19.08 -2.40 6.99
CA THR I 160 -19.22 -1.20 6.19
C THR I 160 -20.57 -1.08 5.51
N ASN I 161 -20.91 -2.10 4.72
CA ASN I 161 -22.20 -2.15 4.03
C ASN I 161 -23.33 -1.92 5.03
N VAL I 162 -23.24 -2.64 6.14
CA VAL I 162 -24.27 -2.59 7.15
C VAL I 162 -24.43 -1.12 7.56
N LEU I 163 -23.30 -0.46 7.82
CA LEU I 163 -23.28 0.93 8.24
C LEU I 163 -23.97 1.79 7.19
N GLY I 164 -23.60 1.57 5.93
CA GLY I 164 -24.22 2.27 4.81
C GLY I 164 -25.73 2.18 4.92
N GLU I 165 -26.25 0.96 5.05
CA GLU I 165 -27.69 0.76 5.10
C GLU I 165 -28.27 1.63 6.19
N ALA I 166 -27.66 1.58 7.37
CA ALA I 166 -28.14 2.31 8.52
C ALA I 166 -28.31 3.80 8.16
N LYS I 167 -27.27 4.38 7.57
CA LYS I 167 -27.31 5.81 7.26
C LYS I 167 -28.46 6.08 6.33
N LYS I 168 -28.62 5.24 5.31
CA LYS I 168 -29.70 5.39 4.33
C LYS I 168 -31.02 5.48 5.05
N LEU I 169 -31.20 4.59 6.01
CA LEU I 169 -32.46 4.48 6.71
C LEU I 169 -32.59 5.64 7.66
N ASN I 170 -31.46 6.06 8.22
CA ASN I 170 -31.44 7.11 9.23
C ASN I 170 -31.96 8.42 8.66
N GLU I 171 -31.43 8.80 7.52
CA GLU I 171 -31.84 10.00 6.84
C GLU I 171 -33.19 9.80 6.15
N SER I 172 -33.65 8.56 6.11
CA SER I 172 -35.00 8.29 5.61
C SER I 172 -36.08 8.52 6.69
N GLN I 173 -35.69 8.32 7.95
CA GLN I 173 -36.61 8.41 9.06
C GLN I 173 -36.37 9.67 9.85
N ALA I 174 -35.75 10.66 9.21
CA ALA I 174 -35.55 11.97 9.82
C ALA I 174 -36.88 12.59 10.29
N PRO I 175 -36.88 13.18 11.51
CA PRO I 175 -38.11 13.49 12.25
C PRO I 175 -39.01 14.53 11.55
N LYS I 176 -40.16 14.79 12.18
CA LYS I 176 -41.17 15.70 11.65
C LYS I 176 -41.47 15.40 10.18
N SER J 1 -40.59 -15.45 -25.08
CA SER J 1 -40.12 -14.70 -26.24
C SER J 1 -41.19 -13.71 -26.69
N ASP J 2 -41.56 -12.81 -25.78
CA ASP J 2 -42.61 -11.81 -25.98
C ASP J 2 -42.75 -11.05 -24.65
N LEU J 3 -42.80 -11.84 -23.59
CA LEU J 3 -42.66 -11.35 -22.24
C LEU J 3 -41.16 -11.07 -22.02
N GLY J 4 -40.33 -11.81 -22.76
CA GLY J 4 -38.88 -11.69 -22.68
C GLY J 4 -38.36 -10.37 -23.20
N LYS J 5 -38.98 -9.86 -24.27
CA LYS J 5 -38.61 -8.58 -24.85
C LYS J 5 -38.92 -7.44 -23.91
N LYS J 6 -40.05 -7.57 -23.22
CA LYS J 6 -40.43 -6.59 -22.21
C LYS J 6 -39.53 -6.70 -21.00
N LEU J 7 -38.99 -7.89 -20.76
CA LEU J 7 -38.06 -8.08 -19.65
C LEU J 7 -36.71 -7.42 -19.94
N LEU J 8 -36.18 -7.67 -21.13
CA LEU J 8 -34.98 -6.99 -21.56
C LEU J 8 -35.15 -5.47 -21.43
N GLU J 9 -36.29 -4.97 -21.91
CA GLU J 9 -36.51 -3.52 -21.96
C GLU J 9 -36.67 -2.94 -20.57
N ALA J 10 -37.27 -3.73 -19.68
CA ALA J 10 -37.53 -3.23 -18.33
C ALA J 10 -36.23 -3.22 -17.52
N ALA J 11 -35.33 -4.16 -17.84
CA ALA J 11 -34.01 -4.24 -17.20
C ALA J 11 -33.08 -3.11 -17.65
N HIS J 12 -33.05 -2.88 -18.94
CA HIS J 12 -32.38 -1.73 -19.53
C HIS J 12 -32.88 -0.41 -18.90
N ALA J 13 -34.20 -0.22 -18.87
CA ALA J 13 -34.79 1.04 -18.42
C ALA J 13 -34.47 1.31 -16.96
N GLY J 14 -34.70 0.32 -16.11
CA GLY J 14 -34.43 0.47 -14.70
C GLY J 14 -35.66 0.48 -13.84
N GLN J 15 -36.71 -0.17 -14.34
CA GLN J 15 -38.02 -0.16 -13.68
C GLN J 15 -38.20 -1.41 -12.82
N ASP J 16 -37.90 -1.27 -11.53
CA ASP J 16 -37.91 -2.36 -10.54
C ASP J 16 -39.19 -3.18 -10.52
N ASP J 17 -40.24 -2.59 -9.94
CA ASP J 17 -41.44 -3.34 -9.68
C ASP J 17 -41.98 -3.92 -10.94
N GLU J 18 -41.79 -3.23 -12.06
CA GLU J 18 -42.21 -3.75 -13.35
C GLU J 18 -41.55 -5.08 -13.61
N VAL J 19 -40.30 -5.19 -13.21
CA VAL J 19 -39.55 -6.44 -13.35
C VAL J 19 -40.06 -7.48 -12.37
N ARG J 20 -40.30 -7.09 -11.13
CA ARG J 20 -40.83 -8.05 -10.15
C ARG J 20 -42.18 -8.62 -10.60
N ILE J 21 -42.96 -7.78 -11.27
CA ILE J 21 -44.21 -8.16 -11.89
C ILE J 21 -43.98 -9.15 -13.00
N LEU J 22 -43.15 -8.75 -13.97
CA LEU J 22 -42.86 -9.59 -15.12
C LEU J 22 -42.35 -10.96 -14.67
N MET J 23 -41.60 -10.98 -13.57
CA MET J 23 -41.04 -12.21 -13.03
C MET J 23 -42.11 -13.06 -12.39
N ALA J 24 -42.90 -12.46 -11.50
CA ALA J 24 -44.02 -13.16 -10.86
C ALA J 24 -44.94 -13.81 -11.87
N ASN J 25 -45.16 -13.12 -12.98
CA ASN J 25 -45.96 -13.66 -14.05
C ASN J 25 -45.24 -14.71 -14.90
N GLY J 26 -44.03 -15.05 -14.49
CA GLY J 26 -43.26 -16.12 -15.12
C GLY J 26 -42.55 -15.82 -16.43
N ALA J 27 -41.83 -14.70 -16.49
CA ALA J 27 -41.05 -14.38 -17.68
C ALA J 27 -39.68 -15.07 -17.61
N ASP J 28 -39.18 -15.49 -18.78
CA ASP J 28 -37.88 -16.16 -18.90
C ASP J 28 -36.75 -15.25 -18.43
N VAL J 29 -36.12 -15.60 -17.31
CA VAL J 29 -35.09 -14.75 -16.72
C VAL J 29 -33.81 -14.79 -17.58
N ASN J 30 -33.72 -15.80 -18.46
CA ASN J 30 -32.56 -15.97 -19.32
C ASN J 30 -32.84 -15.74 -20.80
N ALA J 31 -33.58 -14.69 -21.13
CA ALA J 31 -33.88 -14.36 -22.52
C ALA J 31 -32.77 -13.51 -23.15
N MET J 32 -32.66 -13.52 -24.48
CA MET J 32 -31.58 -12.78 -25.14
C MET J 32 -31.93 -12.29 -26.54
N ASP J 33 -31.35 -11.15 -26.92
CA ASP J 33 -31.56 -10.60 -28.26
C ASP J 33 -30.62 -11.28 -29.25
N ASN J 34 -30.43 -10.72 -30.43
CA ASN J 34 -29.61 -11.37 -31.43
C ASN J 34 -28.12 -11.23 -31.13
N PHE J 35 -27.80 -10.60 -30.00
CA PHE J 35 -26.42 -10.43 -29.57
C PHE J 35 -26.15 -11.18 -28.30
N GLY J 36 -27.01 -12.14 -27.95
CA GLY J 36 -26.84 -12.97 -26.77
C GLY J 36 -26.83 -12.24 -25.44
N VAL J 37 -27.44 -11.06 -25.42
CA VAL J 37 -27.51 -10.21 -24.23
C VAL J 37 -28.73 -10.56 -23.38
N THR J 38 -28.49 -10.98 -22.15
CA THR J 38 -29.56 -11.31 -21.21
C THR J 38 -29.92 -10.10 -20.34
N PRO J 39 -31.07 -10.14 -19.64
CA PRO J 39 -31.43 -9.06 -18.71
C PRO J 39 -30.37 -8.77 -17.67
N LEU J 40 -29.65 -9.79 -17.20
CA LEU J 40 -28.56 -9.63 -16.24
C LEU J 40 -27.45 -8.74 -16.79
N HIS J 41 -27.14 -8.90 -18.07
CA HIS J 41 -26.22 -8.03 -18.79
C HIS J 41 -26.66 -6.56 -18.76
N LEU J 42 -27.90 -6.30 -19.17
CA LEU J 42 -28.44 -4.93 -19.19
C LEU J 42 -28.45 -4.28 -17.82
N ALA J 43 -28.86 -5.04 -16.82
CA ALA J 43 -28.91 -4.52 -15.47
C ALA J 43 -27.54 -4.31 -14.86
N ALA J 44 -26.54 -5.03 -15.35
CA ALA J 44 -25.16 -4.86 -14.88
C ALA J 44 -24.58 -3.65 -15.52
N TYR J 45 -24.61 -3.64 -16.84
CA TYR J 45 -24.14 -2.52 -17.66
C TYR J 45 -24.71 -1.16 -17.23
N TRP J 46 -26.00 -1.13 -16.93
CA TRP J 46 -26.65 0.15 -16.69
C TRP J 46 -26.79 0.57 -15.22
N GLY J 47 -26.19 -0.20 -14.31
CA GLY J 47 -26.05 0.21 -12.92
C GLY J 47 -27.26 0.07 -12.03
N HIS J 48 -28.12 -0.90 -12.32
CA HIS J 48 -29.30 -1.13 -11.51
C HIS J 48 -29.07 -2.34 -10.61
N PHE J 49 -28.67 -2.10 -9.36
CA PHE J 49 -28.30 -3.17 -8.43
C PHE J 49 -29.49 -3.99 -7.91
N GLU J 50 -30.60 -3.31 -7.64
CA GLU J 50 -31.79 -3.96 -7.13
C GLU J 50 -32.25 -5.04 -8.09
N ILE J 51 -32.35 -4.64 -9.36
CA ILE J 51 -32.80 -5.51 -10.44
C ILE J 51 -31.87 -6.69 -10.62
N VAL J 52 -30.57 -6.44 -10.39
CA VAL J 52 -29.56 -7.50 -10.43
C VAL J 52 -29.85 -8.54 -9.35
N GLU J 53 -30.12 -8.07 -8.13
CA GLU J 53 -30.48 -8.98 -7.04
C GLU J 53 -31.71 -9.78 -7.36
N VAL J 54 -32.72 -9.15 -7.94
CA VAL J 54 -33.93 -9.89 -8.32
C VAL J 54 -33.65 -10.97 -9.35
N LEU J 55 -32.94 -10.60 -10.42
CA LEU J 55 -32.67 -11.54 -11.48
C LEU J 55 -31.83 -12.67 -10.99
N LEU J 56 -30.84 -12.35 -10.19
CA LEU J 56 -29.98 -13.34 -9.60
C LEU J 56 -30.79 -14.32 -8.74
N LYS J 57 -31.63 -13.76 -7.86
CA LYS J 57 -32.49 -14.55 -6.97
C LYS J 57 -33.41 -15.47 -7.76
N TYR J 58 -33.83 -15.02 -8.93
CA TYR J 58 -34.71 -15.84 -9.76
C TYR J 58 -33.93 -16.88 -10.59
N GLY J 59 -32.61 -16.91 -10.39
CA GLY J 59 -31.77 -17.93 -11.01
C GLY J 59 -31.14 -17.61 -12.37
N ALA J 60 -30.84 -16.33 -12.63
CA ALA J 60 -30.19 -15.91 -13.87
C ALA J 60 -28.76 -16.46 -14.01
N ASP J 61 -28.39 -16.94 -15.19
CA ASP J 61 -27.06 -17.49 -15.40
C ASP J 61 -26.04 -16.38 -15.24
N VAL J 62 -25.19 -16.54 -14.24
CA VAL J 62 -24.30 -15.48 -13.82
C VAL J 62 -23.06 -15.42 -14.71
N ASN J 63 -22.75 -16.51 -15.37
CA ASN J 63 -21.65 -16.49 -16.32
C ASN J 63 -22.15 -16.63 -17.74
N ALA J 64 -23.02 -15.72 -18.15
CA ALA J 64 -23.52 -15.70 -19.51
C ALA J 64 -22.66 -14.81 -20.40
N SER J 65 -22.25 -15.34 -21.55
CA SER J 65 -21.37 -14.63 -22.45
C SER J 65 -22.15 -14.13 -23.65
N ASP J 66 -22.03 -12.84 -23.97
CA ASP J 66 -22.72 -12.34 -25.15
C ASP J 66 -21.85 -12.49 -26.36
N ALA J 67 -22.17 -11.76 -27.43
CA ALA J 67 -21.53 -11.96 -28.72
C ALA J 67 -20.06 -11.57 -28.71
N THR J 68 -19.63 -10.85 -27.67
CA THR J 68 -18.25 -10.44 -27.55
C THR J 68 -17.51 -11.21 -26.47
N GLY J 69 -18.12 -12.28 -25.98
CA GLY J 69 -17.52 -13.11 -24.96
C GLY J 69 -17.56 -12.49 -23.58
N ASP J 70 -18.35 -11.44 -23.44
CA ASP J 70 -18.43 -10.68 -22.20
C ASP J 70 -19.52 -11.15 -21.24
N THR J 71 -19.19 -11.05 -19.97
CA THR J 71 -19.99 -11.54 -18.88
C THR J 71 -20.51 -10.35 -18.06
N PRO J 72 -21.65 -10.49 -17.38
CA PRO J 72 -22.15 -9.48 -16.42
C PRO J 72 -21.06 -8.82 -15.57
N LEU J 73 -20.02 -9.59 -15.22
CA LEU J 73 -18.92 -9.11 -14.39
C LEU J 73 -18.01 -8.17 -15.16
N HIS J 74 -17.75 -8.49 -16.43
CA HIS J 74 -16.98 -7.62 -17.29
C HIS J 74 -17.67 -6.26 -17.40
N LEU J 75 -18.99 -6.32 -17.64
CA LEU J 75 -19.82 -5.14 -17.89
C LEU J 75 -20.05 -4.32 -16.64
N ALA J 76 -19.99 -4.97 -15.49
CA ALA J 76 -20.06 -4.27 -14.22
C ALA J 76 -18.75 -3.57 -13.94
N ALA J 77 -17.65 -4.22 -14.32
CA ALA J 77 -16.30 -3.69 -14.07
C ALA J 77 -15.96 -2.50 -14.96
N LYS J 78 -16.58 -2.44 -16.12
CA LYS J 78 -16.34 -1.38 -17.09
C LYS J 78 -16.74 0.00 -16.55
N TRP J 79 -17.60 0.05 -15.54
CA TRP J 79 -18.09 1.33 -15.04
C TRP J 79 -17.79 1.53 -13.57
N GLY J 80 -17.41 0.47 -12.88
CA GLY J 80 -16.94 0.61 -11.53
C GLY J 80 -18.01 0.43 -10.48
N TYR J 81 -18.97 -0.42 -10.78
CA TYR J 81 -20.07 -0.71 -9.85
C TYR J 81 -19.62 -1.74 -8.82
N LEU J 82 -19.02 -1.26 -7.73
CA LEU J 82 -18.48 -2.14 -6.70
C LEU J 82 -19.56 -3.00 -6.09
N GLY J 83 -20.69 -2.37 -5.77
CA GLY J 83 -21.82 -3.02 -5.14
C GLY J 83 -22.31 -4.21 -5.90
N ILE J 84 -22.51 -4.03 -7.20
CA ILE J 84 -22.96 -5.12 -8.07
C ILE J 84 -21.92 -6.23 -8.19
N VAL J 85 -20.69 -5.83 -8.47
CA VAL J 85 -19.54 -6.75 -8.54
C VAL J 85 -19.51 -7.73 -7.36
N GLU J 86 -19.66 -7.21 -6.13
CA GLU J 86 -19.59 -8.06 -4.96
C GLU J 86 -20.60 -9.20 -4.93
N VAL J 87 -21.85 -8.92 -5.30
CA VAL J 87 -22.92 -9.90 -5.23
C VAL J 87 -22.84 -10.83 -6.42
N LEU J 88 -22.39 -10.29 -7.55
CA LEU J 88 -22.03 -11.11 -8.71
C LEU J 88 -20.98 -12.17 -8.34
N LEU J 89 -20.03 -11.76 -7.51
CA LEU J 89 -18.99 -12.66 -7.04
C LEU J 89 -19.53 -13.69 -6.05
N LYS J 90 -20.47 -13.26 -5.21
CA LYS J 90 -21.15 -14.18 -4.27
C LYS J 90 -21.93 -15.28 -4.98
N TYR J 91 -22.51 -14.99 -6.14
CA TYR J 91 -23.24 -16.03 -6.88
C TYR J 91 -22.33 -16.81 -7.82
N GLY J 92 -21.03 -16.64 -7.65
CA GLY J 92 -20.08 -17.53 -8.26
C GLY J 92 -19.58 -17.19 -9.63
N ALA J 93 -19.48 -15.89 -9.93
CA ALA J 93 -18.89 -15.45 -11.19
C ALA J 93 -17.39 -15.78 -11.31
N ASP J 94 -16.95 -16.17 -12.49
CA ASP J 94 -15.54 -16.54 -12.72
C ASP J 94 -14.69 -15.31 -13.00
N VAL J 95 -13.92 -14.90 -11.99
CA VAL J 95 -13.15 -13.67 -12.08
C VAL J 95 -12.10 -13.67 -13.20
N ASN J 96 -11.68 -14.86 -13.66
CA ASN J 96 -10.58 -14.98 -14.65
C ASN J 96 -11.03 -15.24 -16.10
N ALA J 97 -12.33 -15.18 -16.35
CA ALA J 97 -12.87 -15.42 -17.68
C ALA J 97 -12.40 -14.33 -18.65
N GLN J 98 -12.02 -14.74 -19.88
CA GLN J 98 -11.57 -13.81 -20.92
C GLN J 98 -12.60 -13.59 -22.00
N ASP J 99 -12.47 -12.48 -22.74
CA ASP J 99 -13.40 -12.20 -23.83
C ASP J 99 -12.65 -11.98 -25.14
N LYS J 100 -13.36 -11.58 -26.19
CA LYS J 100 -12.77 -11.48 -27.53
C LYS J 100 -11.62 -10.46 -27.59
N PHE J 101 -11.53 -9.60 -26.58
CA PHE J 101 -10.46 -8.63 -26.52
C PHE J 101 -9.39 -9.12 -25.58
N GLY J 102 -9.53 -10.36 -25.10
CA GLY J 102 -8.57 -10.91 -24.18
C GLY J 102 -8.52 -10.14 -22.88
N LYS J 103 -9.69 -9.71 -22.40
CA LYS J 103 -9.80 -8.87 -21.20
C LYS J 103 -10.37 -9.65 -20.04
N THR J 104 -9.77 -9.45 -18.86
CA THR J 104 -10.29 -9.96 -17.62
C THR J 104 -10.83 -8.77 -16.82
N ALA J 105 -11.85 -9.00 -16.00
CA ALA J 105 -12.39 -7.95 -15.13
C ALA J 105 -11.28 -7.19 -14.41
N PHE J 106 -10.24 -7.91 -14.03
CA PHE J 106 -9.06 -7.33 -13.44
C PHE J 106 -8.36 -6.40 -14.41
N ASP J 107 -8.09 -6.88 -15.62
CA ASP J 107 -7.41 -6.06 -16.63
C ASP J 107 -8.18 -4.76 -16.84
N ILE J 108 -9.49 -4.89 -16.97
CA ILE J 108 -10.38 -3.73 -17.04
C ILE J 108 -10.19 -2.78 -15.86
N SER J 109 -10.12 -3.33 -14.66
CA SER J 109 -9.94 -2.49 -13.49
C SER J 109 -8.66 -1.71 -13.60
N ILE J 110 -7.65 -2.33 -14.18
CA ILE J 110 -6.35 -1.70 -14.43
C ILE J 110 -6.39 -0.62 -15.51
N ASP J 111 -7.23 -0.83 -16.52
CA ASP J 111 -7.55 0.21 -17.50
C ASP J 111 -8.13 1.47 -16.88
N ASN J 112 -9.11 1.31 -16.00
CA ASN J 112 -9.78 2.47 -15.42
C ASN J 112 -9.10 3.07 -14.18
N GLY J 113 -7.96 2.52 -13.78
CA GLY J 113 -7.24 2.99 -12.62
C GLY J 113 -8.01 2.88 -11.31
N ASN J 114 -8.83 1.84 -11.17
CA ASN J 114 -9.69 1.65 -10.01
C ASN J 114 -9.10 0.68 -9.02
N GLU J 115 -8.59 1.20 -7.90
CA GLU J 115 -7.80 0.37 -7.00
C GLU J 115 -8.65 -0.45 -6.02
N ASP J 116 -9.82 0.09 -5.69
CA ASP J 116 -10.74 -0.56 -4.76
C ASP J 116 -11.36 -1.80 -5.39
N LEU J 117 -11.88 -1.59 -6.59
CA LEU J 117 -12.34 -2.69 -7.44
C LEU J 117 -11.26 -3.74 -7.63
N ALA J 118 -10.05 -3.25 -7.94
CA ALA J 118 -8.92 -4.12 -8.18
C ALA J 118 -8.63 -4.97 -6.96
N GLU J 119 -8.76 -4.41 -5.76
CA GLU J 119 -8.46 -5.21 -4.57
C GLU J 119 -9.58 -6.19 -4.23
N ILE J 120 -10.81 -5.84 -4.56
CA ILE J 120 -11.91 -6.80 -4.44
C ILE J 120 -11.64 -8.01 -5.33
N LEU J 121 -11.47 -7.73 -6.62
CA LEU J 121 -11.16 -8.76 -7.60
C LEU J 121 -9.97 -9.61 -7.18
N CYS J 122 -8.91 -8.93 -6.76
CA CYS J 122 -7.69 -9.62 -6.42
C CYS J 122 -7.89 -10.55 -5.26
N LYS J 123 -8.51 -10.05 -4.20
CA LYS J 123 -8.72 -10.89 -3.03
C LYS J 123 -9.67 -12.05 -3.33
N ASN J 124 -10.49 -11.91 -4.36
CA ASN J 124 -11.33 -13.04 -4.79
C ASN J 124 -10.50 -14.16 -5.44
N LYS J 125 -9.39 -13.76 -6.01
CA LYS J 125 -8.62 -14.67 -6.83
C LYS J 125 -7.82 -15.65 -5.99
N ALA J 126 -7.36 -15.16 -4.84
CA ALA J 126 -6.52 -15.93 -3.93
C ALA J 126 -7.22 -17.20 -3.47
N GLN J 127 -8.54 -17.15 -3.42
CA GLN J 127 -9.36 -18.22 -2.88
C GLN J 127 -9.55 -19.36 -3.87
N GLN J 128 -9.76 -19.01 -5.13
CA GLN J 128 -9.78 -20.01 -6.18
C GLN J 128 -8.38 -20.60 -6.27
N ALA J 129 -7.38 -19.74 -6.08
CA ALA J 129 -6.00 -20.20 -6.09
C ALA J 129 -5.77 -21.23 -5.00
N ALA J 130 -6.38 -21.00 -3.84
CA ALA J 130 -6.29 -21.93 -2.71
C ALA J 130 -6.94 -23.25 -3.06
N PHE J 131 -8.10 -23.17 -3.67
CA PHE J 131 -8.77 -24.36 -4.19
C PHE J 131 -7.82 -25.21 -5.04
N TYR J 132 -7.49 -24.68 -6.22
CA TYR J 132 -6.60 -25.33 -7.19
C TYR J 132 -5.28 -25.82 -6.56
N CYS J 133 -4.76 -25.08 -5.58
CA CYS J 133 -3.55 -25.47 -4.83
C CYS J 133 -3.73 -26.71 -3.93
N ILE J 134 -4.87 -26.78 -3.27
CA ILE J 134 -5.25 -27.94 -2.50
C ILE J 134 -5.43 -29.16 -3.41
N LEU J 135 -5.98 -28.92 -4.60
CA LEU J 135 -6.23 -30.01 -5.54
C LEU J 135 -4.94 -30.70 -6.00
N HIS J 136 -3.80 -30.02 -5.87
CA HIS J 136 -2.54 -30.61 -6.33
C HIS J 136 -1.65 -31.07 -5.20
N MET J 137 -2.28 -31.56 -4.14
CA MET J 137 -1.60 -32.30 -3.08
C MET J 137 -1.56 -33.75 -3.47
N PRO J 138 -0.35 -34.27 -3.72
CA PRO J 138 -0.29 -35.65 -4.22
C PRO J 138 -0.48 -36.70 -3.12
N ASN J 139 -0.36 -36.26 -1.87
CA ASN J 139 -0.39 -37.19 -0.75
C ASN J 139 -1.63 -37.02 0.13
N LEU J 140 -2.78 -36.98 -0.51
CA LEU J 140 -4.05 -36.98 0.19
C LEU J 140 -4.97 -37.97 -0.52
N ASN J 141 -6.06 -38.34 0.14
CA ASN J 141 -7.09 -39.14 -0.51
C ASN J 141 -8.33 -38.29 -0.76
N GLU J 142 -9.29 -38.88 -1.47
CA GLU J 142 -10.46 -38.14 -1.91
C GLU J 142 -11.29 -37.64 -0.75
N ALA J 143 -11.27 -38.37 0.35
CA ALA J 143 -12.00 -37.96 1.54
C ALA J 143 -11.42 -36.68 2.12
N GLN J 144 -10.09 -36.65 2.24
CA GLN J 144 -9.38 -35.50 2.77
C GLN J 144 -9.53 -34.29 1.89
N ARG J 145 -9.31 -34.50 0.59
CA ARG J 145 -9.50 -33.45 -0.40
C ARG J 145 -10.90 -32.84 -0.33
N ASN J 146 -11.93 -33.68 -0.43
CA ASN J 146 -13.31 -33.21 -0.40
C ASN J 146 -13.65 -32.50 0.90
N GLY J 147 -13.13 -33.02 2.01
CA GLY J 147 -13.32 -32.37 3.29
C GLY J 147 -12.83 -30.93 3.27
N PHE J 148 -11.59 -30.76 2.82
CA PHE J 148 -10.97 -29.44 2.71
C PHE J 148 -11.73 -28.51 1.75
N ILE J 149 -12.21 -29.08 0.64
CA ILE J 149 -12.99 -28.32 -0.32
C ILE J 149 -14.31 -27.79 0.28
N GLN J 150 -15.12 -28.70 0.82
CA GLN J 150 -16.38 -28.33 1.45
C GLN J 150 -16.17 -27.32 2.58
N SER J 151 -15.11 -27.52 3.36
CA SER J 151 -14.76 -26.54 4.39
C SER J 151 -14.42 -25.18 3.80
N LEU J 152 -13.77 -25.18 2.64
CA LEU J 152 -13.42 -23.93 1.96
C LEU J 152 -14.66 -23.19 1.47
N LYS J 153 -15.57 -23.92 0.82
CA LYS J 153 -16.81 -23.34 0.32
C LYS J 153 -17.74 -22.92 1.44
N ASP J 154 -17.61 -23.51 2.61
CA ASP J 154 -18.42 -23.06 3.75
C ASP J 154 -17.95 -21.70 4.28
N ASP J 155 -16.68 -21.37 4.05
CA ASP J 155 -16.09 -20.14 4.59
C ASP J 155 -14.82 -19.77 3.83
N PRO J 156 -14.96 -19.06 2.71
CA PRO J 156 -13.89 -18.76 1.76
C PRO J 156 -12.78 -17.96 2.39
N SER J 157 -13.15 -17.13 3.36
CA SER J 157 -12.19 -16.25 4.03
C SER J 157 -11.18 -17.00 4.92
N GLN J 158 -11.27 -18.32 4.96
CA GLN J 158 -10.34 -19.15 5.72
C GLN J 158 -9.35 -19.85 4.81
N SER J 159 -9.58 -19.74 3.51
CA SER J 159 -8.79 -20.40 2.46
C SER J 159 -7.35 -20.68 2.84
N THR J 160 -6.61 -19.62 3.15
CA THR J 160 -5.19 -19.70 3.45
C THR J 160 -4.85 -20.71 4.56
N ASN J 161 -5.46 -20.54 5.73
CA ASN J 161 -5.33 -21.47 6.83
C ASN J 161 -5.59 -22.89 6.34
N VAL J 162 -6.69 -23.06 5.61
CA VAL J 162 -7.09 -24.37 5.13
C VAL J 162 -5.93 -24.96 4.34
N LEU J 163 -5.38 -24.15 3.45
CA LEU J 163 -4.25 -24.57 2.61
C LEU J 163 -3.09 -25.02 3.49
N GLY J 164 -2.76 -24.18 4.48
CA GLY J 164 -1.70 -24.50 5.43
C GLY J 164 -1.90 -25.90 5.98
N GLU J 165 -3.12 -26.18 6.46
CA GLU J 165 -3.39 -27.47 7.10
C GLU J 165 -3.05 -28.57 6.13
N ALA J 166 -3.55 -28.42 4.91
CA ALA J 166 -3.32 -29.41 3.88
C ALA J 166 -1.83 -29.72 3.76
N LYS J 167 -1.02 -28.69 3.62
CA LYS J 167 0.43 -28.89 3.41
C LYS J 167 1.01 -29.66 4.58
N LYS J 168 0.63 -29.25 5.80
CA LYS J 168 1.08 -29.92 7.03
C LYS J 168 0.82 -31.40 6.92
N LEU J 169 -0.41 -31.73 6.57
CA LEU J 169 -0.83 -33.12 6.47
C LEU J 169 -0.16 -33.80 5.28
N ASN J 170 0.06 -33.05 4.21
CA ASN J 170 0.62 -33.60 2.99
C ASN J 170 2.02 -34.15 3.23
N GLU J 171 2.85 -33.32 3.84
CA GLU J 171 4.20 -33.72 4.17
C GLU J 171 4.22 -34.68 5.35
N SER J 172 3.08 -34.86 5.99
CA SER J 172 3.00 -35.82 7.08
C SER J 172 2.77 -37.20 6.51
N GLN J 173 2.11 -37.26 5.36
CA GLN J 173 1.66 -38.50 4.76
C GLN J 173 2.53 -38.86 3.57
N ALA J 174 3.72 -38.28 3.52
CA ALA J 174 4.68 -38.55 2.46
C ALA J 174 4.98 -40.04 2.39
N PRO J 175 5.01 -40.60 1.16
CA PRO J 175 4.96 -42.07 0.94
C PRO J 175 6.12 -42.86 1.53
N LYS J 176 6.06 -44.18 1.37
CA LYS J 176 7.06 -45.09 1.93
C LYS J 176 7.34 -44.73 3.40
N SER K 1 -31.68 -9.45 32.03
CA SER K 1 -31.77 -8.55 30.87
C SER K 1 -33.20 -8.07 30.66
N ASP K 2 -33.73 -7.39 31.66
CA ASP K 2 -35.10 -6.90 31.69
C ASP K 2 -35.30 -6.28 33.06
N LEU K 3 -34.85 -7.02 34.06
CA LEU K 3 -34.73 -6.54 35.43
C LEU K 3 -33.47 -5.70 35.46
N GLY K 4 -32.53 -6.06 34.58
CA GLY K 4 -31.26 -5.37 34.45
C GLY K 4 -31.40 -3.94 33.97
N LYS K 5 -32.31 -3.72 33.02
CA LYS K 5 -32.55 -2.40 32.46
C LYS K 5 -33.10 -1.45 33.52
N LYS K 6 -33.99 -1.99 34.35
CA LYS K 6 -34.57 -1.25 35.48
C LYS K 6 -33.51 -1.02 36.56
N LEU K 7 -32.55 -1.93 36.64
CA LEU K 7 -31.47 -1.75 37.58
C LEU K 7 -30.60 -0.58 37.15
N LEU K 8 -30.17 -0.57 35.89
CA LEU K 8 -29.38 0.52 35.35
C LEU K 8 -30.09 1.83 35.59
N GLU K 9 -31.38 1.84 35.29
CA GLU K 9 -32.15 3.07 35.39
C GLU K 9 -32.34 3.52 36.83
N ALA K 10 -32.44 2.57 37.74
CA ALA K 10 -32.63 2.91 39.14
C ALA K 10 -31.33 3.39 39.75
N ALA K 11 -30.22 2.92 39.22
CA ALA K 11 -28.91 3.35 39.69
C ALA K 11 -28.61 4.75 39.19
N HIS K 12 -28.87 4.96 37.91
CA HIS K 12 -28.74 6.29 37.34
C HIS K 12 -29.60 7.32 38.10
N ALA K 13 -30.89 6.99 38.29
CA ALA K 13 -31.84 7.88 38.96
C ALA K 13 -31.38 8.26 40.38
N GLY K 14 -31.10 7.26 41.20
CA GLY K 14 -30.67 7.50 42.54
C GLY K 14 -31.69 7.02 43.54
N GLN K 15 -32.48 6.03 43.13
CA GLN K 15 -33.54 5.51 43.97
C GLN K 15 -33.08 4.29 44.78
N ASP K 16 -32.70 4.54 46.03
CA ASP K 16 -32.15 3.52 46.94
C ASP K 16 -32.99 2.25 47.06
N ASP K 17 -34.09 2.38 47.82
CA ASP K 17 -34.86 1.22 48.21
C ASP K 17 -35.36 0.47 47.00
N GLU K 18 -35.65 1.19 45.93
CA GLU K 18 -35.98 0.56 44.66
C GLU K 18 -34.87 -0.40 44.23
N VAL K 19 -33.62 0.00 44.45
CA VAL K 19 -32.49 -0.86 44.11
C VAL K 19 -32.41 -2.03 45.08
N ARG K 20 -32.56 -1.78 46.37
CA ARG K 20 -32.50 -2.87 47.34
C ARG K 20 -33.56 -3.92 47.04
N ILE K 21 -34.70 -3.46 46.55
CA ILE K 21 -35.81 -4.29 46.07
C ILE K 21 -35.40 -5.10 44.85
N LEU K 22 -34.96 -4.41 43.80
CA LEU K 22 -34.50 -5.05 42.58
C LEU K 22 -33.44 -6.13 42.85
N MET K 23 -32.58 -5.87 43.82
CA MET K 23 -31.53 -6.78 44.22
C MET K 23 -32.09 -7.99 44.95
N ALA K 24 -32.88 -7.74 45.99
CA ALA K 24 -33.52 -8.80 46.74
C ALA K 24 -34.27 -9.75 45.81
N ASN K 25 -34.92 -9.20 44.80
CA ASN K 25 -35.61 -10.01 43.80
C ASN K 25 -34.68 -10.67 42.79
N GLY K 26 -33.37 -10.50 43.01
CA GLY K 26 -32.34 -11.20 42.24
C GLY K 26 -32.02 -10.65 40.87
N ALA K 27 -31.79 -9.34 40.78
CA ALA K 27 -31.40 -8.73 39.51
C ALA K 27 -29.91 -8.82 39.34
N ASP K 28 -29.47 -9.04 38.10
CA ASP K 28 -28.05 -9.13 37.76
C ASP K 28 -27.31 -7.84 38.14
N VAL K 29 -26.43 -7.92 39.14
CA VAL K 29 -25.71 -6.74 39.60
C VAL K 29 -24.63 -6.26 38.58
N ASN K 30 -24.31 -7.13 37.64
CA ASN K 30 -23.32 -6.83 36.61
C ASN K 30 -23.90 -6.74 35.22
N ALA K 31 -25.02 -6.04 35.07
CA ALA K 31 -25.63 -5.86 33.77
C ALA K 31 -25.04 -4.63 33.03
N MET K 32 -25.15 -4.59 31.70
CA MET K 32 -24.55 -3.48 30.95
C MET K 32 -25.28 -3.14 29.63
N ASP K 33 -25.29 -1.85 29.27
CA ASP K 33 -25.88 -1.44 28.00
C ASP K 33 -24.91 -1.70 26.85
N ASN K 34 -25.15 -1.10 25.69
CA ASN K 34 -24.29 -1.35 24.54
C ASN K 34 -22.96 -0.61 24.66
N PHE K 35 -22.76 0.08 25.78
CA PHE K 35 -21.49 0.75 26.03
C PHE K 35 -20.76 0.14 27.21
N GLY K 36 -21.13 -1.08 27.59
CA GLY K 36 -20.48 -1.81 28.68
C GLY K 36 -20.50 -1.12 30.03
N VAL K 37 -21.49 -0.24 30.21
CA VAL K 37 -21.70 0.48 31.45
C VAL K 37 -22.54 -0.33 32.43
N THR K 38 -21.97 -0.62 33.60
CA THR K 38 -22.70 -1.34 34.65
C THR K 38 -23.37 -0.39 35.66
N PRO K 39 -24.27 -0.91 36.50
CA PRO K 39 -24.89 -0.05 37.51
C PRO K 39 -23.87 0.64 38.43
N LEU K 40 -22.78 -0.04 38.71
CA LEU K 40 -21.70 0.54 39.52
C LEU K 40 -21.11 1.81 38.87
N HIS K 41 -20.94 1.76 37.55
CA HIS K 41 -20.57 2.94 36.78
C HIS K 41 -21.51 4.12 36.99
N LEU K 42 -22.81 3.90 36.78
CA LEU K 42 -23.82 4.95 36.89
C LEU K 42 -23.88 5.55 38.28
N ALA K 43 -23.77 4.67 39.27
CA ALA K 43 -23.87 5.09 40.66
C ALA K 43 -22.60 5.81 41.11
N ALA K 44 -21.48 5.52 40.44
CA ALA K 44 -20.24 6.22 40.71
C ALA K 44 -20.23 7.59 40.08
N TYR K 45 -20.45 7.61 38.77
CA TYR K 45 -20.60 8.82 37.97
C TYR K 45 -21.56 9.82 38.58
N TRP K 46 -22.73 9.36 39.04
CA TRP K 46 -23.79 10.28 39.45
C TRP K 46 -23.87 10.59 40.94
N GLY K 47 -22.93 10.09 41.72
CA GLY K 47 -22.75 10.53 43.09
C GLY K 47 -23.64 9.91 44.14
N HIS K 48 -24.09 8.69 43.89
CA HIS K 48 -24.92 8.00 44.86
C HIS K 48 -24.12 6.96 45.66
N PHE K 49 -23.67 7.34 46.86
CA PHE K 49 -22.76 6.51 47.67
C PHE K 49 -23.43 5.29 48.32
N GLU K 50 -24.66 5.47 48.76
CA GLU K 50 -25.42 4.41 49.39
C GLU K 50 -25.56 3.24 48.41
N ILE K 51 -26.04 3.58 47.20
CA ILE K 51 -26.25 2.61 46.13
C ILE K 51 -24.95 1.91 45.76
N VAL K 52 -23.83 2.63 45.84
CA VAL K 52 -22.53 2.05 45.56
C VAL K 52 -22.24 0.99 46.59
N GLU K 53 -22.49 1.31 47.86
CA GLU K 53 -22.27 0.33 48.92
C GLU K 53 -23.13 -0.90 48.73
N VAL K 54 -24.39 -0.72 48.35
CA VAL K 54 -25.26 -1.87 48.10
C VAL K 54 -24.73 -2.74 46.95
N LEU K 55 -24.44 -2.12 45.82
CA LEU K 55 -23.97 -2.87 44.65
C LEU K 55 -22.68 -3.59 44.96
N LEU K 56 -21.78 -2.90 45.65
CA LEU K 56 -20.51 -3.49 46.06
C LEU K 56 -20.74 -4.70 46.96
N LYS K 57 -21.60 -4.53 47.96
CA LYS K 57 -21.95 -5.60 48.90
C LYS K 57 -22.56 -6.81 48.20
N TYR K 58 -23.30 -6.56 47.12
CA TYR K 58 -23.90 -7.65 46.38
C TYR K 58 -22.92 -8.25 45.38
N GLY K 59 -21.68 -7.75 45.36
CA GLY K 59 -20.59 -8.34 44.59
C GLY K 59 -20.33 -7.83 43.19
N ALA K 60 -20.56 -6.53 42.96
CA ALA K 60 -20.35 -5.91 41.65
C ALA K 60 -18.89 -5.84 41.31
N ASP K 61 -18.55 -6.15 40.05
CA ASP K 61 -17.15 -6.12 39.61
C ASP K 61 -16.61 -4.70 39.69
N VAL K 62 -15.63 -4.51 40.57
CA VAL K 62 -15.17 -3.19 40.95
C VAL K 62 -14.20 -2.63 39.92
N ASN K 63 -13.58 -3.52 39.14
CA ASN K 63 -12.74 -3.08 38.04
C ASN K 63 -13.37 -3.41 36.69
N ALA K 64 -14.58 -2.89 36.46
CA ALA K 64 -15.27 -3.05 35.19
C ALA K 64 -14.97 -1.90 34.27
N SER K 65 -14.54 -2.21 33.07
CA SER K 65 -14.17 -1.21 32.09
C SER K 65 -15.27 -1.04 31.03
N ASP K 66 -15.68 0.19 30.78
CA ASP K 66 -16.69 0.39 29.74
C ASP K 66 -16.03 0.62 28.38
N ALA K 67 -16.78 1.16 27.43
CA ALA K 67 -16.33 1.26 26.06
C ALA K 67 -15.13 2.18 25.89
N THR K 68 -14.85 3.00 26.90
CA THR K 68 -13.71 3.93 26.85
C THR K 68 -12.57 3.49 27.79
N GLY K 69 -12.62 2.27 28.28
CA GLY K 69 -11.60 1.74 29.15
C GLY K 69 -11.69 2.27 30.57
N ASP K 70 -12.82 2.88 30.89
CA ASP K 70 -13.00 3.55 32.16
C ASP K 70 -13.64 2.69 33.22
N THR K 71 -13.21 2.96 34.44
CA THR K 71 -13.56 2.17 35.62
C THR K 71 -14.34 3.06 36.58
N PRO K 72 -15.23 2.48 37.41
CA PRO K 72 -15.93 3.20 38.48
C PRO K 72 -15.08 4.23 39.24
N LEU K 73 -13.82 3.91 39.47
CA LEU K 73 -12.86 4.81 40.12
C LEU K 73 -12.49 6.04 39.26
N HIS K 74 -12.29 5.83 37.96
CA HIS K 74 -12.11 6.94 37.04
C HIS K 74 -13.29 7.93 37.12
N LEU K 75 -14.49 7.36 37.02
CA LEU K 75 -15.72 8.13 36.97
C LEU K 75 -16.04 8.80 38.31
N ALA K 76 -15.55 8.20 39.40
CA ALA K 76 -15.72 8.80 40.71
C ALA K 76 -14.74 9.95 40.85
N ALA K 77 -13.56 9.79 40.24
CA ALA K 77 -12.49 10.79 40.35
C ALA K 77 -12.75 12.03 39.49
N LYS K 78 -13.52 11.83 38.42
CA LYS K 78 -13.91 12.91 37.52
C LYS K 78 -14.74 14.01 38.20
N TRP K 79 -15.42 13.71 39.30
CA TRP K 79 -16.26 14.70 39.98
C TRP K 79 -15.82 15.01 41.41
N GLY K 80 -14.91 14.21 41.97
CA GLY K 80 -14.37 14.50 43.29
C GLY K 80 -15.14 13.89 44.46
N TYR K 81 -15.72 12.72 44.23
CA TYR K 81 -16.48 12.04 45.29
C TYR K 81 -15.53 11.28 46.20
N LEU K 82 -14.99 11.97 47.20
CA LEU K 82 -14.01 11.36 48.08
C LEU K 82 -14.55 10.09 48.77
N GLY K 83 -15.78 10.23 49.28
CA GLY K 83 -16.41 9.16 50.03
C GLY K 83 -16.55 7.87 49.26
N ILE K 84 -17.00 7.97 48.02
CA ILE K 84 -17.13 6.80 47.13
C ILE K 84 -15.76 6.21 46.81
N VAL K 85 -14.82 7.08 46.43
CA VAL K 85 -13.45 6.68 46.10
C VAL K 85 -12.87 5.78 47.17
N GLU K 86 -13.03 6.18 48.43
CA GLU K 86 -12.41 5.44 49.52
C GLU K 86 -12.91 3.99 49.62
N VAL K 87 -14.22 3.78 49.47
CA VAL K 87 -14.77 2.45 49.62
C VAL K 87 -14.51 1.63 48.36
N LEU K 88 -14.47 2.31 47.22
CA LEU K 88 -14.04 1.70 45.97
C LEU K 88 -12.62 1.15 46.13
N LEU K 89 -11.79 1.88 46.85
CA LEU K 89 -10.41 1.46 47.13
C LEU K 89 -10.35 0.30 48.12
N LYS K 90 -11.29 0.30 49.07
CA LYS K 90 -11.40 -0.79 50.03
C LYS K 90 -11.80 -2.12 49.38
N TYR K 91 -12.58 -2.07 48.32
CA TYR K 91 -12.96 -3.30 47.63
C TYR K 91 -11.97 -3.66 46.53
N GLY K 92 -10.82 -2.99 46.54
CA GLY K 92 -9.67 -3.42 45.75
C GLY K 92 -9.54 -2.91 44.33
N ALA K 93 -9.94 -1.66 44.10
CA ALA K 93 -9.84 -1.03 42.79
C ALA K 93 -8.38 -0.78 42.44
N ASP K 94 -8.01 -0.98 41.18
CA ASP K 94 -6.64 -0.74 40.73
C ASP K 94 -6.38 0.73 40.42
N VAL K 95 -5.70 1.41 41.35
CA VAL K 95 -5.49 2.85 41.24
C VAL K 95 -4.70 3.27 39.98
N ASN K 96 -3.97 2.34 39.37
CA ASN K 96 -3.05 2.66 38.27
C ASN K 96 -3.59 2.28 36.89
N ALA K 97 -4.85 1.87 36.83
CA ALA K 97 -5.44 1.43 35.57
C ALA K 97 -5.62 2.61 34.60
N GLN K 98 -5.26 2.38 33.34
CA GLN K 98 -5.38 3.41 32.31
C GLN K 98 -6.58 3.18 31.41
N ASP K 99 -7.04 4.25 30.76
CA ASP K 99 -8.13 4.15 29.80
C ASP K 99 -7.71 4.69 28.43
N LYS K 100 -8.65 4.79 27.49
CA LYS K 100 -8.34 5.11 26.09
C LYS K 100 -7.75 6.52 25.93
N PHE K 101 -7.87 7.36 26.95
CA PHE K 101 -7.21 8.66 26.94
C PHE K 101 -5.88 8.62 27.69
N GLY K 102 -5.45 7.42 28.06
CA GLY K 102 -4.24 7.24 28.85
C GLY K 102 -4.29 7.96 30.18
N LYS K 103 -5.44 7.89 30.84
CA LYS K 103 -5.68 8.62 32.07
C LYS K 103 -5.68 7.68 33.27
N THR K 104 -5.05 8.12 34.36
CA THR K 104 -5.15 7.46 35.66
C THR K 104 -5.99 8.33 36.58
N ALA K 105 -6.76 7.72 37.47
CA ALA K 105 -7.49 8.42 38.52
C ALA K 105 -6.68 9.56 39.13
N PHE K 106 -5.38 9.31 39.30
CA PHE K 106 -4.43 10.30 39.75
C PHE K 106 -4.32 11.44 38.76
N ASP K 107 -4.05 11.11 37.51
CA ASP K 107 -3.90 12.14 36.47
C ASP K 107 -5.12 13.04 36.45
N ILE K 108 -6.29 12.41 36.52
CA ILE K 108 -7.56 13.11 36.61
C ILE K 108 -7.59 14.06 37.79
N SER K 109 -7.16 13.57 38.95
CA SER K 109 -7.14 14.40 40.15
C SER K 109 -6.28 15.63 39.91
N ILE K 110 -5.19 15.45 39.18
CA ILE K 110 -4.30 16.57 38.83
C ILE K 110 -4.96 17.54 37.84
N ASP K 111 -5.80 17.01 36.95
CA ASP K 111 -6.61 17.84 36.05
C ASP K 111 -7.55 18.75 36.81
N ASN K 112 -8.20 18.22 37.85
CA ASN K 112 -9.18 19.01 38.58
C ASN K 112 -8.60 19.85 39.72
N GLY K 113 -7.29 19.78 39.93
CA GLY K 113 -6.63 20.50 41.01
C GLY K 113 -7.04 20.07 42.41
N ASN K 114 -7.40 18.80 42.56
CA ASN K 114 -7.93 18.27 43.82
C ASN K 114 -6.85 17.62 44.65
N GLU K 115 -6.46 18.28 45.74
CA GLU K 115 -5.29 17.83 46.48
C GLU K 115 -5.62 16.75 47.50
N ASP K 116 -6.83 16.78 48.04
CA ASP K 116 -7.25 15.81 49.05
C ASP K 116 -7.44 14.43 48.43
N LEU K 117 -8.16 14.41 47.31
CA LEU K 117 -8.29 13.23 46.47
C LEU K 117 -6.91 12.69 46.07
N ALA K 118 -6.07 13.60 45.60
CA ALA K 118 -4.74 13.26 45.16
C ALA K 118 -3.94 12.58 46.27
N GLU K 119 -4.07 13.04 47.50
CA GLU K 119 -3.32 12.42 48.59
C GLU K 119 -3.91 11.08 48.98
N ILE K 120 -5.23 10.94 48.89
CA ILE K 120 -5.83 9.62 49.09
C ILE K 120 -5.26 8.61 48.10
N LEU K 121 -5.43 8.94 46.82
CA LEU K 121 -4.91 8.11 45.74
C LEU K 121 -3.45 7.79 45.91
N CYS K 122 -2.67 8.81 46.21
CA CYS K 122 -1.23 8.66 46.33
C CYS K 122 -0.85 7.74 47.46
N LYS K 123 -1.48 7.91 48.62
CA LYS K 123 -1.12 7.08 49.73
C LYS K 123 -1.56 5.65 49.47
N ASN K 124 -2.52 5.48 48.58
CA ASN K 124 -2.87 4.11 48.15
C ASN K 124 -1.83 3.44 47.21
N LYS K 125 -1.28 4.19 46.22
CA LYS K 125 -0.27 3.68 45.25
C LYS K 125 1.00 3.21 45.94
N ALA K 126 1.40 3.95 46.95
CA ALA K 126 2.59 3.65 47.73
C ALA K 126 2.52 2.26 48.35
N GLN K 127 1.31 1.78 48.61
CA GLN K 127 1.10 0.51 49.28
C GLN K 127 1.33 -0.67 48.36
N GLN K 128 0.79 -0.58 47.14
CA GLN K 128 1.03 -1.59 46.12
C GLN K 128 2.52 -1.56 45.83
N ALA K 129 3.09 -0.36 45.83
CA ALA K 129 4.53 -0.20 45.64
C ALA K 129 5.31 -0.96 46.72
N ALA K 130 4.83 -0.88 47.95
CA ALA K 130 5.46 -1.59 49.06
C ALA K 130 5.37 -3.08 48.85
N PHE K 131 4.20 -3.55 48.44
CA PHE K 131 4.01 -4.95 48.07
C PHE K 131 5.10 -5.43 47.09
N TYR K 132 5.05 -4.88 45.89
CA TYR K 132 6.01 -5.20 44.81
C TYR K 132 7.48 -5.07 45.26
N CYS K 133 7.76 -4.09 46.13
CA CYS K 133 9.12 -3.88 46.66
C CYS K 133 9.54 -4.97 47.61
N ILE K 134 8.59 -5.50 48.38
CA ILE K 134 8.86 -6.63 49.27
C ILE K 134 9.11 -7.88 48.43
N LEU K 135 8.37 -8.00 47.35
CA LEU K 135 8.48 -9.16 46.48
C LEU K 135 9.85 -9.29 45.85
N HIS K 136 10.59 -8.19 45.75
CA HIS K 136 11.91 -8.26 45.17
C HIS K 136 13.05 -8.21 46.19
N MET K 137 12.82 -8.83 47.33
CA MET K 137 13.88 -9.14 48.29
C MET K 137 14.49 -10.47 47.95
N PRO K 138 15.75 -10.49 47.51
CA PRO K 138 16.33 -11.75 47.06
C PRO K 138 16.74 -12.66 48.21
N ASN K 139 16.87 -12.10 49.40
CA ASN K 139 17.34 -12.85 50.56
C ASN K 139 16.26 -13.11 51.62
N LEU K 140 15.11 -13.61 51.16
CA LEU K 140 14.04 -14.09 52.03
C LEU K 140 13.54 -15.41 51.49
N ASN K 141 12.79 -16.13 52.32
CA ASN K 141 12.13 -17.35 51.85
C ASN K 141 10.63 -17.12 51.75
N GLU K 142 9.93 -18.09 51.18
CA GLU K 142 8.51 -17.95 50.92
C GLU K 142 7.71 -17.74 52.20
N ALA K 143 8.16 -18.30 53.30
CA ALA K 143 7.49 -18.12 54.58
C ALA K 143 7.56 -16.65 55.02
N GLN K 144 8.76 -16.08 54.95
CA GLN K 144 8.98 -14.69 55.35
C GLN K 144 8.20 -13.73 54.45
N ARG K 145 8.35 -13.93 53.15
CA ARG K 145 7.62 -13.17 52.16
C ARG K 145 6.10 -13.18 52.42
N ASN K 146 5.52 -14.38 52.51
CA ASN K 146 4.08 -14.51 52.73
C ASN K 146 3.63 -13.89 54.04
N GLY K 147 4.45 -14.04 55.08
CA GLY K 147 4.18 -13.40 56.35
C GLY K 147 4.06 -11.89 56.22
N PHE K 148 5.04 -11.29 55.57
CA PHE K 148 5.02 -9.85 55.34
C PHE K 148 3.83 -9.41 54.49
N ILE K 149 3.49 -10.21 53.49
CA ILE K 149 2.35 -9.93 52.62
C ILE K 149 1.02 -9.94 53.40
N GLN K 150 0.75 -11.03 54.10
CA GLN K 150 -0.45 -11.16 54.90
C GLN K 150 -0.53 -10.04 55.94
N SER K 151 0.59 -9.72 56.56
CA SER K 151 0.64 -8.61 57.50
C SER K 151 0.28 -7.28 56.83
N LEU K 152 0.70 -7.13 55.58
CA LEU K 152 0.40 -5.91 54.82
C LEU K 152 -1.10 -5.79 54.51
N LYS K 153 -1.69 -6.88 54.02
CA LYS K 153 -3.11 -6.89 53.69
C LYS K 153 -4.00 -6.80 54.92
N ASP K 154 -3.47 -7.17 56.08
CA ASP K 154 -4.25 -6.98 57.31
C ASP K 154 -4.32 -5.51 57.73
N ASP K 155 -3.32 -4.73 57.30
CA ASP K 155 -3.23 -3.34 57.71
C ASP K 155 -2.31 -2.59 56.75
N PRO K 156 -2.88 -2.10 55.63
CA PRO K 156 -2.17 -1.44 54.52
C PRO K 156 -1.42 -0.17 54.95
N SER K 157 -1.94 0.50 55.97
CA SER K 157 -1.41 1.76 56.45
C SER K 157 -0.11 1.58 57.20
N GLN K 158 0.36 0.34 57.29
CA GLN K 158 1.64 0.05 57.94
C GLN K 158 2.74 -0.26 56.90
N SER K 159 2.31 -0.36 55.64
CA SER K 159 3.16 -0.74 54.51
C SER K 159 4.63 -0.39 54.68
N THR K 160 4.91 0.91 54.84
CA THR K 160 6.27 1.43 54.94
C THR K 160 7.11 0.73 55.99
N ASN K 161 6.62 0.73 57.23
CA ASN K 161 7.28 0.05 58.33
C ASN K 161 7.58 -1.39 57.95
N VAL K 162 6.57 -2.07 57.40
CA VAL K 162 6.72 -3.46 57.03
C VAL K 162 7.90 -3.57 56.07
N LEU K 163 7.93 -2.69 55.07
CA LEU K 163 9.00 -2.69 54.09
C LEU K 163 10.34 -2.53 54.80
N GLY K 164 10.40 -1.56 55.71
CA GLY K 164 11.60 -1.32 56.48
C GLY K 164 12.09 -2.62 57.09
N GLU K 165 11.18 -3.31 57.78
CA GLU K 165 11.54 -4.54 58.48
C GLU K 165 12.19 -5.49 57.50
N ALA K 166 11.53 -5.65 56.36
CA ALA K 166 11.99 -6.56 55.32
C ALA K 166 13.45 -6.28 54.99
N LYS K 167 13.76 -5.01 54.70
CA LYS K 167 15.12 -4.63 54.30
C LYS K 167 16.13 -5.00 55.38
N LYS K 168 15.77 -4.69 56.63
CA LYS K 168 16.62 -4.98 57.77
C LYS K 168 16.99 -6.45 57.75
N LEU K 169 15.98 -7.28 57.54
CA LEU K 169 16.15 -8.72 57.60
C LEU K 169 16.91 -9.17 56.36
N ASN K 170 16.64 -8.49 55.25
CA ASN K 170 17.22 -8.86 53.97
C ASN K 170 18.74 -8.79 54.05
N GLU K 171 19.24 -7.63 54.47
CA GLU K 171 20.66 -7.40 54.63
C GLU K 171 21.21 -8.14 55.83
N SER K 172 20.32 -8.71 56.64
CA SER K 172 20.78 -9.54 57.74
C SER K 172 21.06 -10.93 57.23
N GLN K 173 20.33 -11.34 56.18
CA GLN K 173 20.38 -12.72 55.71
C GLN K 173 21.18 -12.81 54.42
N ALA K 174 22.00 -11.80 54.18
CA ALA K 174 22.86 -11.76 53.00
C ALA K 174 23.74 -13.00 52.93
N PRO K 175 23.87 -13.60 51.73
CA PRO K 175 24.40 -14.96 51.54
C PRO K 175 25.85 -15.16 51.98
N LYS K 176 26.32 -16.39 51.88
CA LYS K 176 27.68 -16.77 52.30
C LYS K 176 28.00 -16.24 53.69
N SER L 1 -24.42 -38.17 -10.18
CA SER L 1 -23.11 -38.01 -9.55
C SER L 1 -22.65 -39.32 -8.94
N ASP L 2 -22.45 -40.33 -9.80
CA ASP L 2 -22.10 -41.69 -9.41
C ASP L 2 -22.09 -42.51 -10.68
N LEU L 3 -23.15 -42.30 -11.47
CA LEU L 3 -23.25 -42.77 -12.84
C LEU L 3 -22.42 -41.81 -13.70
N GLY L 4 -22.34 -40.58 -13.23
CA GLY L 4 -21.56 -39.55 -13.87
C GLY L 4 -20.06 -39.81 -13.89
N LYS L 5 -19.53 -40.34 -12.79
CA LYS L 5 -18.11 -40.66 -12.69
C LYS L 5 -17.74 -41.74 -13.68
N LYS L 6 -18.63 -42.73 -13.80
CA LYS L 6 -18.46 -43.81 -14.74
C LYS L 6 -18.60 -43.31 -16.17
N LEU L 7 -19.39 -42.27 -16.35
CA LEU L 7 -19.54 -41.66 -17.66
C LEU L 7 -18.27 -40.93 -18.10
N LEU L 8 -17.71 -40.11 -17.21
CA LEU L 8 -16.44 -39.45 -17.46
C LEU L 8 -15.41 -40.51 -17.82
N GLU L 9 -15.34 -41.57 -17.01
CA GLU L 9 -14.30 -42.58 -17.19
C GLU L 9 -14.48 -43.38 -18.48
N ALA L 10 -15.73 -43.62 -18.85
CA ALA L 10 -16.02 -44.34 -20.09
C ALA L 10 -15.74 -43.49 -21.31
N ALA L 11 -15.89 -42.16 -21.18
CA ALA L 11 -15.60 -41.23 -22.26
C ALA L 11 -14.10 -41.07 -22.48
N HIS L 12 -13.39 -40.88 -21.37
CA HIS L 12 -11.92 -40.91 -21.37
C HIS L 12 -11.38 -42.21 -22.00
N ALA L 13 -11.85 -43.36 -21.52
CA ALA L 13 -11.34 -44.65 -21.99
C ALA L 13 -11.54 -44.86 -23.48
N GLY L 14 -12.77 -44.67 -23.94
CA GLY L 14 -13.08 -44.84 -25.35
C GLY L 14 -14.00 -46.02 -25.60
N GLN L 15 -14.77 -46.37 -24.58
CA GLN L 15 -15.64 -47.51 -24.67
C GLN L 15 -17.04 -47.11 -25.11
N ASP L 16 -17.32 -47.27 -26.41
CA ASP L 16 -18.57 -46.85 -27.04
C ASP L 16 -19.83 -47.38 -26.37
N ASP L 17 -20.08 -48.67 -26.58
CA ASP L 17 -21.35 -49.25 -26.18
C ASP L 17 -21.59 -49.07 -24.70
N GLU L 18 -20.52 -49.09 -23.93
CA GLU L 18 -20.60 -48.80 -22.51
C GLU L 18 -21.21 -47.44 -22.27
N VAL L 19 -20.86 -46.48 -23.11
CA VAL L 19 -21.44 -45.15 -23.00
C VAL L 19 -22.90 -45.15 -23.47
N ARG L 20 -23.20 -45.83 -24.57
CA ARG L 20 -24.58 -45.88 -25.03
C ARG L 20 -25.48 -46.50 -23.96
N ILE L 21 -24.92 -47.46 -23.22
CA ILE L 21 -25.57 -48.10 -22.09
C ILE L 21 -25.81 -47.10 -20.97
N LEU L 22 -24.73 -46.47 -20.53
CA LEU L 22 -24.78 -45.48 -19.45
C LEU L 22 -25.81 -44.38 -19.75
N MET L 23 -25.89 -44.02 -21.02
CA MET L 23 -26.81 -43.01 -21.49
C MET L 23 -28.25 -43.50 -21.44
N ALA L 24 -28.49 -44.66 -22.06
CA ALA L 24 -29.81 -45.27 -22.06
C ALA L 24 -30.37 -45.39 -20.64
N ASN L 25 -29.49 -45.75 -19.70
CA ASN L 25 -29.86 -45.82 -18.30
C ASN L 25 -30.01 -44.45 -17.62
N GLY L 26 -29.89 -43.38 -18.41
CA GLY L 26 -30.13 -42.04 -17.92
C GLY L 26 -29.02 -41.40 -17.08
N ALA L 27 -27.78 -41.46 -17.55
CA ALA L 27 -26.70 -40.76 -16.90
C ALA L 27 -26.62 -39.30 -17.36
N ASP L 28 -26.28 -38.42 -16.44
CA ASP L 28 -26.14 -36.99 -16.72
C ASP L 28 -25.08 -36.74 -17.78
N VAL L 29 -25.49 -36.30 -18.96
CA VAL L 29 -24.55 -36.08 -20.06
C VAL L 29 -23.63 -34.87 -19.80
N ASN L 30 -24.03 -34.02 -18.85
CA ASN L 30 -23.28 -32.83 -18.50
C ASN L 30 -22.66 -32.87 -17.10
N ALA L 31 -22.04 -34.00 -16.75
CA ALA L 31 -21.37 -34.12 -15.46
C ALA L 31 -19.92 -33.64 -15.54
N MET L 32 -19.35 -33.21 -14.41
CA MET L 32 -18.01 -32.64 -14.40
C MET L 32 -17.23 -32.88 -13.10
N ASP L 33 -15.92 -33.05 -13.21
CA ASP L 33 -15.04 -33.21 -12.05
C ASP L 33 -14.75 -31.86 -11.40
N ASN L 34 -13.73 -31.79 -10.53
CA ASN L 34 -13.43 -30.54 -9.85
C ASN L 34 -12.73 -29.52 -10.77
N PHE L 35 -12.55 -29.90 -12.04
CA PHE L 35 -11.95 -29.00 -13.03
C PHE L 35 -12.94 -28.64 -14.13
N GLY L 36 -14.23 -28.86 -13.87
CA GLY L 36 -15.27 -28.46 -14.80
C GLY L 36 -15.17 -29.14 -16.14
N VAL L 37 -14.57 -30.33 -16.15
CA VAL L 37 -14.41 -31.13 -17.36
C VAL L 37 -15.60 -32.07 -17.55
N THR L 38 -16.30 -31.94 -18.68
CA THR L 38 -17.45 -32.78 -19.01
C THR L 38 -17.04 -33.93 -19.91
N PRO L 39 -17.89 -34.96 -20.04
CA PRO L 39 -17.57 -36.07 -20.94
C PRO L 39 -17.26 -35.65 -22.36
N LEU L 40 -17.91 -34.59 -22.83
CA LEU L 40 -17.64 -34.07 -24.17
C LEU L 40 -16.19 -33.55 -24.31
N HIS L 41 -15.67 -32.96 -23.24
CA HIS L 41 -14.26 -32.55 -23.17
C HIS L 41 -13.35 -33.73 -23.35
N LEU L 42 -13.51 -34.76 -22.50
CA LEU L 42 -12.68 -35.98 -22.60
C LEU L 42 -12.74 -36.67 -23.96
N ALA L 43 -13.93 -36.73 -24.54
CA ALA L 43 -14.10 -37.41 -25.81
C ALA L 43 -13.54 -36.58 -26.97
N ALA L 44 -13.44 -35.27 -26.76
CA ALA L 44 -12.83 -34.41 -27.76
C ALA L 44 -11.32 -34.49 -27.69
N TYR L 45 -10.79 -34.24 -26.50
CA TYR L 45 -9.38 -34.35 -26.18
C TYR L 45 -8.77 -35.65 -26.65
N TRP L 46 -9.44 -36.77 -26.40
CA TRP L 46 -8.83 -38.08 -26.62
C TRP L 46 -9.15 -38.75 -27.97
N GLY L 47 -9.86 -38.05 -28.84
CA GLY L 47 -10.02 -38.48 -30.21
C GLY L 47 -11.05 -39.56 -30.48
N HIS L 48 -12.10 -39.59 -29.67
CA HIS L 48 -13.18 -40.54 -29.89
C HIS L 48 -14.40 -39.87 -30.53
N PHE L 49 -14.51 -39.97 -31.85
CA PHE L 49 -15.55 -39.27 -32.62
C PHE L 49 -16.96 -39.85 -32.44
N GLU L 50 -17.04 -41.17 -32.38
CA GLU L 50 -18.33 -41.85 -32.21
C GLU L 50 -19.01 -41.37 -30.93
N ILE L 51 -18.24 -41.42 -29.84
CA ILE L 51 -18.69 -41.01 -28.53
C ILE L 51 -19.08 -39.53 -28.50
N VAL L 52 -18.38 -38.73 -29.29
CA VAL L 52 -18.73 -37.31 -29.43
C VAL L 52 -20.11 -37.18 -30.07
N GLU L 53 -20.34 -37.94 -31.14
CA GLU L 53 -21.66 -37.90 -31.77
C GLU L 53 -22.76 -38.33 -30.81
N VAL L 54 -22.51 -39.38 -30.03
CA VAL L 54 -23.51 -39.83 -29.06
C VAL L 54 -23.81 -38.75 -28.03
N LEU L 55 -22.77 -38.21 -27.42
CA LEU L 55 -22.96 -37.22 -26.37
C LEU L 55 -23.64 -35.99 -26.90
N LEU L 56 -23.25 -35.57 -28.10
CA LEU L 56 -23.88 -34.43 -28.77
C LEU L 56 -25.38 -34.68 -29.03
N LYS L 57 -25.68 -35.87 -29.55
CA LYS L 57 -27.05 -36.29 -29.83
C LYS L 57 -27.89 -36.31 -28.57
N TYR L 58 -27.27 -36.65 -27.46
CA TYR L 58 -28.00 -36.68 -26.21
C TYR L 58 -28.10 -35.27 -25.58
N GLY L 59 -27.55 -34.28 -26.28
CA GLY L 59 -27.71 -32.89 -25.87
C GLY L 59 -26.65 -32.29 -24.96
N ALA L 60 -25.40 -32.69 -25.13
CA ALA L 60 -24.31 -32.16 -24.32
C ALA L 60 -24.01 -30.70 -24.65
N ASP L 61 -23.75 -29.88 -23.63
CA ASP L 61 -23.45 -28.48 -23.86
C ASP L 61 -22.17 -28.35 -24.66
N VAL L 62 -22.30 -27.86 -25.88
CA VAL L 62 -21.21 -27.84 -26.85
C VAL L 62 -20.20 -26.71 -26.56
N ASN L 63 -20.67 -25.67 -25.87
CA ASN L 63 -19.75 -24.61 -25.47
C ASN L 63 -19.51 -24.63 -23.96
N ALA L 64 -19.03 -25.75 -23.44
CA ALA L 64 -18.73 -25.86 -22.03
C ALA L 64 -17.27 -25.50 -21.77
N SER L 65 -17.05 -24.62 -20.81
CA SER L 65 -15.71 -24.16 -20.50
C SER L 65 -15.23 -24.80 -19.22
N ASP L 66 -14.03 -25.35 -19.24
CA ASP L 66 -13.48 -25.94 -18.03
C ASP L 66 -12.65 -24.91 -17.28
N ALA L 67 -11.81 -25.37 -16.35
CA ALA L 67 -11.13 -24.48 -15.41
C ALA L 67 -10.17 -23.52 -16.10
N THR L 68 -9.81 -23.83 -17.34
CA THR L 68 -8.91 -23.00 -18.13
C THR L 68 -9.60 -22.20 -19.21
N GLY L 69 -10.93 -22.15 -19.16
CA GLY L 69 -11.71 -21.41 -20.13
C GLY L 69 -11.79 -22.11 -21.46
N ASP L 70 -11.39 -23.39 -21.47
CA ASP L 70 -11.34 -24.19 -22.70
C ASP L 70 -12.60 -24.96 -23.02
N THR L 71 -12.85 -25.04 -24.31
CA THR L 71 -14.06 -25.62 -24.89
C THR L 71 -13.69 -26.87 -25.70
N PRO L 72 -14.61 -27.86 -25.81
CA PRO L 72 -14.43 -29.03 -26.66
C PRO L 72 -13.73 -28.74 -28.00
N LEU L 73 -13.98 -27.57 -28.57
CA LEU L 73 -13.40 -27.17 -29.84
C LEU L 73 -11.92 -26.84 -29.72
N HIS L 74 -11.56 -26.15 -28.64
CA HIS L 74 -10.15 -25.89 -28.33
C HIS L 74 -9.37 -27.20 -28.24
N LEU L 75 -9.89 -28.13 -27.43
CA LEU L 75 -9.27 -29.43 -27.16
C LEU L 75 -9.25 -30.34 -28.37
N ALA L 76 -10.20 -30.16 -29.28
CA ALA L 76 -10.18 -30.89 -30.54
C ALA L 76 -9.14 -30.32 -31.47
N ALA L 77 -8.97 -29.01 -31.44
CA ALA L 77 -8.01 -28.32 -32.31
C ALA L 77 -6.57 -28.57 -31.88
N LYS L 78 -6.38 -28.86 -30.61
CA LYS L 78 -5.04 -29.09 -30.05
C LYS L 78 -4.36 -30.30 -30.68
N TRP L 79 -5.14 -31.23 -31.22
CA TRP L 79 -4.56 -32.46 -31.74
C TRP L 79 -4.82 -32.66 -33.23
N GLY L 80 -5.70 -31.85 -33.80
CA GLY L 80 -5.93 -31.86 -35.24
C GLY L 80 -7.02 -32.81 -35.68
N TYR L 81 -8.03 -33.05 -34.83
CA TYR L 81 -9.13 -33.95 -35.17
C TYR L 81 -10.15 -33.25 -36.07
N LEU L 82 -9.88 -33.25 -37.37
CA LEU L 82 -10.74 -32.56 -38.32
C LEU L 82 -12.19 -33.02 -38.25
N GLY L 83 -12.38 -34.34 -38.21
CA GLY L 83 -13.69 -34.96 -38.21
C GLY L 83 -14.58 -34.54 -37.06
N ILE L 84 -14.00 -34.50 -35.86
CA ILE L 84 -14.69 -34.03 -34.65
C ILE L 84 -15.01 -32.54 -34.71
N VAL L 85 -14.01 -31.75 -35.10
CA VAL L 85 -14.15 -30.32 -35.29
C VAL L 85 -15.37 -30.01 -36.14
N GLU L 86 -15.54 -30.70 -37.26
CA GLU L 86 -16.63 -30.37 -38.16
C GLU L 86 -18.02 -30.52 -37.54
N VAL L 87 -18.25 -31.59 -36.79
CA VAL L 87 -19.56 -31.85 -36.22
C VAL L 87 -19.79 -30.99 -34.98
N LEU L 88 -18.70 -30.70 -34.28
CA LEU L 88 -18.72 -29.70 -33.21
C LEU L 88 -19.18 -28.33 -33.73
N LEU L 89 -18.71 -27.97 -34.93
CA LEU L 89 -19.13 -26.76 -35.60
C LEU L 89 -20.59 -26.82 -36.07
N LYS L 90 -21.03 -28.01 -36.51
CA LYS L 90 -22.44 -28.20 -36.87
C LYS L 90 -23.39 -28.00 -35.68
N TYR L 91 -22.98 -28.39 -34.48
CA TYR L 91 -23.84 -28.20 -33.32
C TYR L 91 -23.68 -26.85 -32.71
N GLY L 92 -23.01 -25.97 -33.42
CA GLY L 92 -23.02 -24.55 -33.09
C GLY L 92 -21.97 -24.05 -32.12
N ALA L 93 -20.76 -24.60 -32.19
CA ALA L 93 -19.63 -24.14 -31.36
C ALA L 93 -19.12 -22.76 -31.78
N ASP L 94 -18.80 -21.91 -30.80
CA ASP L 94 -18.33 -20.57 -31.08
C ASP L 94 -16.84 -20.55 -31.44
N VAL L 95 -16.55 -20.43 -32.72
CA VAL L 95 -15.20 -20.53 -33.23
C VAL L 95 -14.27 -19.45 -32.64
N ASN L 96 -14.83 -18.33 -32.16
CA ASN L 96 -14.00 -17.18 -31.70
C ASN L 96 -13.83 -17.08 -30.20
N ALA L 97 -14.26 -18.10 -29.47
CA ALA L 97 -14.20 -18.07 -28.02
C ALA L 97 -12.78 -18.15 -27.52
N GLN L 98 -12.43 -17.33 -26.52
CA GLN L 98 -11.06 -17.30 -25.97
C GLN L 98 -10.95 -18.00 -24.62
N ASP L 99 -9.75 -18.44 -24.28
CA ASP L 99 -9.49 -19.03 -22.97
C ASP L 99 -8.42 -18.27 -22.18
N LYS L 100 -8.04 -18.82 -21.04
CA LYS L 100 -7.17 -18.10 -20.11
C LYS L 100 -5.81 -17.79 -20.72
N PHE L 101 -5.47 -18.46 -21.80
CA PHE L 101 -4.23 -18.17 -22.51
C PHE L 101 -4.47 -17.23 -23.68
N GLY L 102 -5.70 -16.71 -23.78
CA GLY L 102 -6.09 -15.87 -24.89
C GLY L 102 -6.00 -16.56 -26.23
N LYS L 103 -6.33 -17.86 -26.25
CA LYS L 103 -6.21 -18.67 -27.45
C LYS L 103 -7.56 -18.92 -28.12
N THR L 104 -7.56 -18.85 -29.44
CA THR L 104 -8.71 -19.22 -30.25
C THR L 104 -8.33 -20.50 -31.00
N ALA L 105 -9.31 -21.39 -31.25
CA ALA L 105 -9.12 -22.59 -32.07
C ALA L 105 -8.31 -22.32 -33.30
N PHE L 106 -8.52 -21.16 -33.90
CA PHE L 106 -7.70 -20.68 -35.01
C PHE L 106 -6.24 -20.45 -34.62
N ASP L 107 -6.02 -19.69 -33.57
CA ASP L 107 -4.66 -19.40 -33.10
C ASP L 107 -3.91 -20.71 -32.86
N ILE L 108 -4.57 -21.65 -32.19
CA ILE L 108 -4.06 -23.01 -32.02
C ILE L 108 -3.70 -23.66 -33.34
N SER L 109 -4.62 -23.61 -34.30
CA SER L 109 -4.33 -24.20 -35.61
C SER L 109 -3.05 -23.62 -36.20
N ILE L 110 -2.84 -22.31 -36.00
CA ILE L 110 -1.63 -21.63 -36.44
C ILE L 110 -0.38 -22.11 -35.66
N ASP L 111 -0.55 -22.42 -34.38
CA ASP L 111 0.51 -23.00 -33.59
C ASP L 111 0.98 -24.33 -34.17
N ASN L 112 0.03 -25.17 -34.56
CA ASN L 112 0.39 -26.51 -35.02
C ASN L 112 0.74 -26.61 -36.51
N GLY L 113 0.69 -25.49 -37.21
CA GLY L 113 0.98 -25.50 -38.63
C GLY L 113 -0.03 -26.28 -39.47
N ASN L 114 -1.28 -26.32 -39.04
CA ASN L 114 -2.32 -27.13 -39.69
C ASN L 114 -3.16 -26.29 -40.63
N GLU L 115 -2.97 -26.45 -41.93
CA GLU L 115 -3.62 -25.56 -42.89
C GLU L 115 -5.04 -25.97 -43.26
N ASP L 116 -5.31 -27.28 -43.21
CA ASP L 116 -6.64 -27.83 -43.49
C ASP L 116 -7.67 -27.47 -42.39
N LEU L 117 -7.27 -27.72 -41.16
CA LEU L 117 -8.03 -27.27 -40.01
C LEU L 117 -8.26 -25.77 -40.06
N ALA L 118 -7.19 -25.04 -40.39
CA ALA L 118 -7.21 -23.59 -40.45
C ALA L 118 -8.23 -23.10 -41.47
N GLU L 119 -8.33 -23.79 -42.61
CA GLU L 119 -9.30 -23.37 -43.61
C GLU L 119 -10.72 -23.74 -43.24
N ILE L 120 -10.91 -24.86 -42.55
CA ILE L 120 -12.24 -25.19 -42.02
C ILE L 120 -12.72 -24.08 -41.08
N LEU L 121 -11.92 -23.86 -40.04
CA LEU L 121 -12.17 -22.79 -39.08
C LEU L 121 -12.45 -21.45 -39.75
N CYS L 122 -11.57 -21.06 -40.65
CA CYS L 122 -11.68 -19.77 -41.30
C CYS L 122 -12.95 -19.66 -42.11
N LYS L 123 -13.29 -20.70 -42.85
CA LYS L 123 -14.49 -20.59 -43.66
C LYS L 123 -15.71 -20.56 -42.76
N ASN L 124 -15.57 -21.04 -41.53
CA ASN L 124 -16.66 -20.88 -40.55
C ASN L 124 -16.83 -19.44 -39.98
N LYS L 125 -15.74 -18.70 -39.73
CA LYS L 125 -15.72 -17.33 -39.16
C LYS L 125 -16.43 -16.33 -40.05
N ALA L 126 -16.22 -16.49 -41.35
CA ALA L 126 -16.83 -15.62 -42.34
C ALA L 126 -18.36 -15.57 -42.21
N GLN L 127 -18.93 -16.65 -41.70
CA GLN L 127 -20.37 -16.81 -41.59
C GLN L 127 -20.95 -16.00 -40.45
N GLN L 128 -20.26 -16.03 -39.30
CA GLN L 128 -20.67 -15.24 -38.16
C GLN L 128 -20.48 -13.79 -38.56
N ALA L 129 -19.42 -13.55 -39.32
CA ALA L 129 -19.16 -12.21 -39.83
C ALA L 129 -20.33 -11.73 -40.70
N ALA L 130 -20.88 -12.64 -41.51
CA ALA L 130 -22.01 -12.33 -42.38
C ALA L 130 -23.23 -11.99 -41.55
N PHE L 131 -23.49 -12.80 -40.54
CA PHE L 131 -24.54 -12.50 -39.55
C PHE L 131 -24.45 -11.06 -39.03
N TYR L 132 -23.38 -10.78 -38.28
CA TYR L 132 -23.11 -9.44 -37.71
C TYR L 132 -23.17 -8.31 -38.74
N CYS L 133 -22.76 -8.60 -39.97
CA CYS L 133 -22.78 -7.63 -41.08
C CYS L 133 -24.19 -7.31 -41.55
N ILE L 134 -25.03 -8.33 -41.53
CA ILE L 134 -26.44 -8.17 -41.89
C ILE L 134 -27.12 -7.38 -40.80
N LEU L 135 -26.74 -7.65 -39.55
CA LEU L 135 -27.31 -6.94 -38.42
C LEU L 135 -27.09 -5.43 -38.45
N HIS L 136 -26.08 -4.97 -39.17
CA HIS L 136 -25.80 -3.54 -39.20
C HIS L 136 -26.20 -2.89 -40.52
N MET L 137 -27.29 -3.38 -41.09
CA MET L 137 -28.01 -2.69 -42.17
C MET L 137 -29.00 -1.72 -41.56
N PRO L 138 -28.78 -0.42 -41.77
CA PRO L 138 -29.64 0.54 -41.10
C PRO L 138 -30.97 0.70 -41.82
N ASN L 139 -31.06 0.26 -43.07
CA ASN L 139 -32.28 0.47 -43.86
C ASN L 139 -33.06 -0.81 -44.13
N LEU L 140 -33.31 -1.56 -43.05
CA LEU L 140 -34.15 -2.76 -43.10
C LEU L 140 -35.07 -2.74 -41.90
N ASN L 141 -36.10 -3.58 -41.93
CA ASN L 141 -36.98 -3.70 -40.78
C ASN L 141 -36.81 -5.05 -40.17
N GLU L 142 -37.43 -5.27 -39.04
CA GLU L 142 -37.20 -6.49 -38.27
C GLU L 142 -37.63 -7.73 -39.03
N ALA L 143 -38.65 -7.59 -39.87
CA ALA L 143 -39.10 -8.71 -40.68
C ALA L 143 -38.04 -9.13 -41.67
N GLN L 144 -37.47 -8.15 -42.38
CA GLN L 144 -36.44 -8.41 -43.37
C GLN L 144 -35.19 -9.01 -42.72
N ARG L 145 -34.75 -8.37 -41.65
CA ARG L 145 -33.61 -8.86 -40.88
C ARG L 145 -33.79 -10.31 -40.44
N ASN L 146 -34.88 -10.60 -39.76
CA ASN L 146 -35.15 -11.95 -39.28
C ASN L 146 -35.25 -12.97 -40.41
N GLY L 147 -35.85 -12.56 -41.51
CA GLY L 147 -35.92 -13.41 -42.69
C GLY L 147 -34.53 -13.82 -43.15
N PHE L 148 -33.66 -12.82 -43.31
CA PHE L 148 -32.27 -13.08 -43.72
C PHE L 148 -31.50 -13.95 -42.72
N ILE L 149 -31.74 -13.71 -41.43
CA ILE L 149 -31.12 -14.50 -40.38
C ILE L 149 -31.53 -15.98 -40.46
N GLN L 150 -32.83 -16.23 -40.41
CA GLN L 150 -33.36 -17.60 -40.50
C GLN L 150 -32.87 -18.29 -41.77
N SER L 151 -32.85 -17.55 -42.88
CA SER L 151 -32.33 -18.12 -44.12
C SER L 151 -30.86 -18.52 -43.98
N LEU L 152 -30.11 -17.71 -43.23
CA LEU L 152 -28.70 -17.98 -43.03
C LEU L 152 -28.49 -19.25 -42.21
N LYS L 153 -29.23 -19.35 -41.10
CA LYS L 153 -29.12 -20.51 -40.23
C LYS L 153 -29.64 -21.79 -40.89
N ASP L 154 -30.53 -21.65 -41.86
CA ASP L 154 -30.99 -22.82 -42.60
C ASP L 154 -29.90 -23.37 -43.53
N ASP L 155 -28.97 -22.50 -43.93
CA ASP L 155 -27.92 -22.88 -44.89
C ASP L 155 -26.76 -21.90 -44.83
N PRO L 156 -25.82 -22.15 -43.92
CA PRO L 156 -24.71 -21.24 -43.60
C PRO L 156 -23.78 -21.00 -44.78
N SER L 157 -23.64 -22.01 -45.63
CA SER L 157 -22.79 -21.96 -46.81
C SER L 157 -23.29 -20.99 -47.88
N GLN L 158 -24.41 -20.32 -47.63
CA GLN L 158 -24.94 -19.33 -48.55
C GLN L 158 -24.67 -17.91 -48.07
N SER L 159 -24.21 -17.81 -46.82
CA SER L 159 -23.96 -16.54 -46.14
C SER L 159 -23.68 -15.35 -47.06
N THR L 160 -22.62 -15.47 -47.85
CA THR L 160 -22.15 -14.37 -48.71
C THR L 160 -23.25 -13.83 -49.63
N ASN L 161 -23.86 -14.73 -50.39
CA ASN L 161 -24.96 -14.34 -51.27
C ASN L 161 -26.03 -13.61 -50.50
N VAL L 162 -26.40 -14.19 -49.36
CA VAL L 162 -27.43 -13.60 -48.54
C VAL L 162 -27.04 -12.16 -48.23
N LEU L 163 -25.79 -11.97 -47.81
CA LEU L 163 -25.27 -10.64 -47.49
C LEU L 163 -25.42 -9.73 -48.69
N GLY L 164 -24.99 -10.22 -49.86
CA GLY L 164 -25.15 -9.49 -51.10
C GLY L 164 -26.56 -8.96 -51.23
N GLU L 165 -27.53 -9.88 -51.12
CA GLU L 165 -28.93 -9.53 -51.29
C GLU L 165 -29.27 -8.37 -50.37
N ALA L 166 -28.89 -8.52 -49.10
CA ALA L 166 -29.18 -7.50 -48.10
C ALA L 166 -28.72 -6.13 -48.56
N LYS L 167 -27.47 -6.05 -49.01
CA LYS L 167 -26.91 -4.75 -49.40
C LYS L 167 -27.72 -4.16 -50.55
N LYS L 168 -28.06 -5.02 -51.51
CA LYS L 168 -28.85 -4.60 -52.67
C LYS L 168 -30.11 -3.93 -52.19
N LEU L 169 -30.79 -4.59 -51.26
CA LEU L 169 -32.05 -4.11 -50.75
C LEU L 169 -31.83 -2.87 -49.89
N ASN L 170 -30.70 -2.85 -49.18
CA ASN L 170 -30.39 -1.75 -48.25
C ASN L 170 -30.28 -0.42 -48.98
N GLU L 171 -29.47 -0.41 -50.03
CA GLU L 171 -29.31 0.77 -50.84
C GLU L 171 -30.52 0.98 -51.70
N SER L 172 -31.44 0.02 -51.73
CA SER L 172 -32.70 0.22 -52.46
C SER L 172 -33.71 0.98 -51.59
N GLN L 173 -33.62 0.77 -50.29
CA GLN L 173 -34.56 1.34 -49.36
C GLN L 173 -33.97 2.53 -48.61
N ALA L 174 -32.95 3.16 -49.20
CA ALA L 174 -32.32 4.34 -48.62
C ALA L 174 -33.33 5.45 -48.42
N PRO L 175 -33.28 6.13 -47.26
CA PRO L 175 -34.37 6.96 -46.76
C PRO L 175 -34.72 8.18 -47.63
N LYS L 176 -35.74 8.92 -47.21
CA LYS L 176 -36.23 10.07 -47.96
C LYS L 176 -36.43 9.72 -49.44
#